data_1OJ5
# 
_entry.id   1OJ5 
# 
_audit_conform.dict_name       mmcif_pdbx.dic 
_audit_conform.dict_version    5.391 
_audit_conform.dict_location   http://mmcif.pdb.org/dictionaries/ascii/mmcif_pdbx.dic 
# 
loop_
_database_2.database_id 
_database_2.database_code 
_database_2.pdbx_database_accession 
_database_2.pdbx_DOI 
PDB   1OJ5         pdb_00001oj5 10.2210/pdb1oj5/pdb 
PDBE  EBI-12900    ?            ?                   
WWPDB D_1290012900 ?            ?                   
# 
loop_
_pdbx_audit_revision_history.ordinal 
_pdbx_audit_revision_history.data_content_type 
_pdbx_audit_revision_history.major_revision 
_pdbx_audit_revision_history.minor_revision 
_pdbx_audit_revision_history.revision_date 
1 'Structure model' 1 0 2004-02-12 
2 'Structure model' 1 1 2011-05-08 
3 'Structure model' 1 2 2011-07-13 
4 'Structure model' 1 3 2024-05-08 
# 
_pdbx_audit_revision_details.ordinal             1 
_pdbx_audit_revision_details.revision_ordinal    1 
_pdbx_audit_revision_details.data_content_type   'Structure model' 
_pdbx_audit_revision_details.provider            repository 
_pdbx_audit_revision_details.type                'Initial release' 
_pdbx_audit_revision_details.description         ? 
_pdbx_audit_revision_details.details             ? 
# 
loop_
_pdbx_audit_revision_group.ordinal 
_pdbx_audit_revision_group.revision_ordinal 
_pdbx_audit_revision_group.data_content_type 
_pdbx_audit_revision_group.group 
1 2 'Structure model' 'Version format compliance' 
2 3 'Structure model' 'Version format compliance' 
3 4 'Structure model' 'Data collection'           
4 4 'Structure model' 'Database references'       
5 4 'Structure model' Other                       
# 
loop_
_pdbx_audit_revision_category.ordinal 
_pdbx_audit_revision_category.revision_ordinal 
_pdbx_audit_revision_category.data_content_type 
_pdbx_audit_revision_category.category 
1 4 'Structure model' chem_comp_atom       
2 4 'Structure model' chem_comp_bond       
3 4 'Structure model' database_2           
4 4 'Structure model' pdbx_database_status 
# 
loop_
_pdbx_audit_revision_item.ordinal 
_pdbx_audit_revision_item.revision_ordinal 
_pdbx_audit_revision_item.data_content_type 
_pdbx_audit_revision_item.item 
1 4 'Structure model' '_database_2.pdbx_DOI'                 
2 4 'Structure model' '_database_2.pdbx_database_accession'  
3 4 'Structure model' '_pdbx_database_status.status_code_sf' 
# 
_pdbx_database_status.status_code                     REL 
_pdbx_database_status.entry_id                        1OJ5 
_pdbx_database_status.deposit_site                    PDBE 
_pdbx_database_status.process_site                    PDBE 
_pdbx_database_status.SG_entry                        . 
_pdbx_database_status.recvd_initial_deposition_date   2003-07-02 
_pdbx_database_status.pdb_format_compatible           Y 
_pdbx_database_status.status_code_sf                  REL 
_pdbx_database_status.status_code_mr                  ? 
_pdbx_database_status.status_code_cs                  ? 
_pdbx_database_status.methods_development_category    ? 
_pdbx_database_status.status_code_nmr_data            ? 
# 
loop_
_pdbx_database_related.db_name 
_pdbx_database_related.db_id 
_pdbx_database_related.content_type 
_pdbx_database_related.details 
PDB 1K74 unspecified 
;THE 2.3 ANGSTROM RESOLUTION CRYSTAL STRUCTURE OF THEHETERODIMER OF THE HUMAN PPARGAMMA AND RXRALPHA LIGANDBINDING DOMAINS RESPECTIVELY BOUND WITH GW409544 AND 9- CISRETINOIC ACID AND CO-ACTIVATOR PEPTIDES.
;
PDB 1K7L unspecified 
;THE 2.5 ANGSTROM RESOLUTION CRYSTAL STRUCTURE OF THE HUMANPPARALPHA LIGAND BINDING DOMAIN BOUND WITH GW409544 AND ACO- ACTIVATOR PEPTIDE.
;
PDB 2PRG unspecified 'LIGAND-BINDING DOMAIN OF THE HUMAN PEROXISOME PROLIFERATOR ACTIVATED RECEPTOR GAMMA' 
# 
loop_
_audit_author.name 
_audit_author.pdbx_ordinal 
_audit_author.identifier_ORCID 
'Razeto, A.'       1  ? 
'Ramakrishnan, V.' 2  ? 
'Giller, K.'       3  ? 
'Lakomek, N.'      4  ? 
'Carlomagno, T.'   5  ? 
'Griesinger, C.'   6  ? 
'Lodrini, M.'      7  ? 
'Litterst, C.M.'   8  ? 
'Pftizner, E.'     9  ? 
'Becker, S.'       10 ? 
# 
loop_
_citation.id 
_citation.title 
_citation.journal_abbrev 
_citation.journal_volume 
_citation.page_first 
_citation.page_last 
_citation.year 
_citation.journal_id_ASTM 
_citation.country 
_citation.journal_id_ISSN 
_citation.journal_id_CSD 
_citation.book_publisher 
_citation.pdbx_database_id_PubMed 
_citation.pdbx_database_id_DOI 
primary 'Structure of the Ncoa-1/Src-1 Pas-B Domain Bound to the Lxxll Motif of the Stat6 Transactivation Domain' J.Mol.Biol.  336 
319   ? 2004 JMOBAK UK 0022-2836 0070 ? 14757047 10.1016/J.JMB.2003.12.057 
1       'An Lxxll Motif in the Transactivation Domain of Stat6 Mediates Recruitment of Ncoa-1/Src-1'              J.Biol.Chem. 277 
36052 ? 2002 JBCHA3 US 0021-9258 0071 ? 12138096 10.1074/JBC.M203556200    
2       'Transcriptional Activation by Stat6 Requires the Direct Interaction with Ncoa-1'                         J.Biol.Chem. 276 
45713 ? 2001 JBCHA3 US 0021-9258 0071 ? 11574547 10.1074/JBC.M108132200    
# 
loop_
_citation_author.citation_id 
_citation_author.name 
_citation_author.ordinal 
_citation_author.identifier_ORCID 
primary 'Razeto, A.'       1  ? 
primary 'Ramakrishnan, V.' 2  ? 
primary 'Litterst, C.M.'   3  ? 
primary 'Giller, K.'       4  ? 
primary 'Griesinger, C.'   5  ? 
primary 'Carlomagno, T.'   6  ? 
primary 'Lakomek, N.'      7  ? 
primary 'Heimburg, T.'     8  ? 
primary 'Lodrini, M.'      9  ? 
primary 'Pfitzner, E.'     10 ? 
primary 'Becker, S.'       11 ? 
1       'Litterst, C.M.'   12 ? 
1       'Pfitzner, E.'     13 ? 
2       'Litterst, C.M.'   14 ? 
2       'Pfitzner, E.'     15 ? 
# 
loop_
_entity.id 
_entity.type 
_entity.src_method 
_entity.pdbx_description 
_entity.formula_weight 
_entity.pdbx_number_of_molecules 
_entity.pdbx_ec 
_entity.pdbx_mutation 
_entity.pdbx_fragment 
_entity.details 
1 polymer     man 'STEROID RECEPTOR COACTIVATOR 1A'                    14811.774 1   ? YES 'NCO-A1 PAS-B DOMAIN, RESIDUES 257-385' 
? 
2 polymer     syn 'SIGNAL TRANSDUCER AND ACTIVATOR OF TRANSCRIPTION 6' 1610.865  1   ? ?   'STAT6 LXXLL MOTIF, RESIDUES 795-808'   
? 
3 non-polymer syn 'IODIDE ION'                                         126.904   5   ? ?   ?                                       
? 
4 water       nat water                                                18.015    116 ? ?   ?                                       
? 
# 
loop_
_entity_name_com.entity_id 
_entity_name_com.name 
1 'STEROID RECEPTOR COACTIVATOR-1, NCOA1, SRC1A' 
2 'IL-4 STAT'                                    
# 
loop_
_entity_poly.entity_id 
_entity_poly.type 
_entity_poly.nstd_linkage 
_entity_poly.nstd_monomer 
_entity_poly.pdbx_seq_one_letter_code 
_entity_poly.pdbx_seq_one_letter_code_can 
_entity_poly.pdbx_strand_id 
_entity_poly.pdbx_target_identifier 
1 'polypeptide(L)' no no 
;GHMTGVESFMTKQDTTGKIISIDTSSLRAAGRTGWEDLVRKCIYAFFQPQGREPSYARQLFQEVMTRGTASSPSYRFILN
DGTMLSAHTRCKLCYPQSPDMQPFIMGIHIIDREHSGLSPQDDTNSGMSIPR
;
;GHMTGVESFMTKQDTTGKIISIDTSSLRAAGRTGWEDLVRKCIYAFFQPQGREPSYARQLFQEVMTRGTASSPSYRFILN
DGTMLSAHTRCKLCYPQSPDMQPFIMGIHIIDREHSGLSPQDDTNSGMSIPR
;
A ? 
2 'polypeptide(L)' no no LPPTEQDLTKLLLE LPPTEQDLTKLLLE B ? 
# 
loop_
_pdbx_entity_nonpoly.entity_id 
_pdbx_entity_nonpoly.name 
_pdbx_entity_nonpoly.comp_id 
3 'IODIDE ION' IOD 
4 water        HOH 
# 
loop_
_entity_poly_seq.entity_id 
_entity_poly_seq.num 
_entity_poly_seq.mon_id 
_entity_poly_seq.hetero 
1 1   GLY n 
1 2   HIS n 
1 3   MET n 
1 4   THR n 
1 5   GLY n 
1 6   VAL n 
1 7   GLU n 
1 8   SER n 
1 9   PHE n 
1 10  MET n 
1 11  THR n 
1 12  LYS n 
1 13  GLN n 
1 14  ASP n 
1 15  THR n 
1 16  THR n 
1 17  GLY n 
1 18  LYS n 
1 19  ILE n 
1 20  ILE n 
1 21  SER n 
1 22  ILE n 
1 23  ASP n 
1 24  THR n 
1 25  SER n 
1 26  SER n 
1 27  LEU n 
1 28  ARG n 
1 29  ALA n 
1 30  ALA n 
1 31  GLY n 
1 32  ARG n 
1 33  THR n 
1 34  GLY n 
1 35  TRP n 
1 36  GLU n 
1 37  ASP n 
1 38  LEU n 
1 39  VAL n 
1 40  ARG n 
1 41  LYS n 
1 42  CYS n 
1 43  ILE n 
1 44  TYR n 
1 45  ALA n 
1 46  PHE n 
1 47  PHE n 
1 48  GLN n 
1 49  PRO n 
1 50  GLN n 
1 51  GLY n 
1 52  ARG n 
1 53  GLU n 
1 54  PRO n 
1 55  SER n 
1 56  TYR n 
1 57  ALA n 
1 58  ARG n 
1 59  GLN n 
1 60  LEU n 
1 61  PHE n 
1 62  GLN n 
1 63  GLU n 
1 64  VAL n 
1 65  MET n 
1 66  THR n 
1 67  ARG n 
1 68  GLY n 
1 69  THR n 
1 70  ALA n 
1 71  SER n 
1 72  SER n 
1 73  PRO n 
1 74  SER n 
1 75  TYR n 
1 76  ARG n 
1 77  PHE n 
1 78  ILE n 
1 79  LEU n 
1 80  ASN n 
1 81  ASP n 
1 82  GLY n 
1 83  THR n 
1 84  MET n 
1 85  LEU n 
1 86  SER n 
1 87  ALA n 
1 88  HIS n 
1 89  THR n 
1 90  ARG n 
1 91  CYS n 
1 92  LYS n 
1 93  LEU n 
1 94  CYS n 
1 95  TYR n 
1 96  PRO n 
1 97  GLN n 
1 98  SER n 
1 99  PRO n 
1 100 ASP n 
1 101 MET n 
1 102 GLN n 
1 103 PRO n 
1 104 PHE n 
1 105 ILE n 
1 106 MET n 
1 107 GLY n 
1 108 ILE n 
1 109 HIS n 
1 110 ILE n 
1 111 ILE n 
1 112 ASP n 
1 113 ARG n 
1 114 GLU n 
1 115 HIS n 
1 116 SER n 
1 117 GLY n 
1 118 LEU n 
1 119 SER n 
1 120 PRO n 
1 121 GLN n 
1 122 ASP n 
1 123 ASP n 
1 124 THR n 
1 125 ASN n 
1 126 SER n 
1 127 GLY n 
1 128 MET n 
1 129 SER n 
1 130 ILE n 
1 131 PRO n 
1 132 ARG n 
2 1   LEU n 
2 2   PRO n 
2 3   PRO n 
2 4   THR n 
2 5   GLU n 
2 6   GLN n 
2 7   ASP n 
2 8   LEU n 
2 9   THR n 
2 10  LYS n 
2 11  LEU n 
2 12  LEU n 
2 13  LEU n 
2 14  GLU n 
# 
_entity_src_gen.entity_id                          1 
_entity_src_gen.pdbx_src_id                        1 
_entity_src_gen.pdbx_alt_source_flag               sample 
_entity_src_gen.pdbx_seq_type                      ? 
_entity_src_gen.pdbx_beg_seq_num                   ? 
_entity_src_gen.pdbx_end_seq_num                   ? 
_entity_src_gen.gene_src_common_name               MOUSE 
_entity_src_gen.gene_src_genus                     ? 
_entity_src_gen.pdbx_gene_src_gene                 ? 
_entity_src_gen.gene_src_species                   ? 
_entity_src_gen.gene_src_strain                    ? 
_entity_src_gen.gene_src_tissue                    ? 
_entity_src_gen.gene_src_tissue_fraction           ? 
_entity_src_gen.gene_src_details                   ? 
_entity_src_gen.pdbx_gene_src_fragment             ? 
_entity_src_gen.pdbx_gene_src_scientific_name      'MUS MUSCULUS' 
_entity_src_gen.pdbx_gene_src_ncbi_taxonomy_id     10090 
_entity_src_gen.pdbx_gene_src_variant              ? 
_entity_src_gen.pdbx_gene_src_cell_line            ? 
_entity_src_gen.pdbx_gene_src_atcc                 ? 
_entity_src_gen.pdbx_gene_src_organ                ? 
_entity_src_gen.pdbx_gene_src_organelle            ? 
_entity_src_gen.pdbx_gene_src_cell                 ? 
_entity_src_gen.pdbx_gene_src_cellular_location    ? 
_entity_src_gen.host_org_common_name               ? 
_entity_src_gen.pdbx_host_org_scientific_name      'ESCHERICHIA COLI' 
_entity_src_gen.pdbx_host_org_ncbi_taxonomy_id     469008 
_entity_src_gen.host_org_genus                     ? 
_entity_src_gen.pdbx_host_org_gene                 ? 
_entity_src_gen.pdbx_host_org_organ                ? 
_entity_src_gen.host_org_species                   ? 
_entity_src_gen.pdbx_host_org_tissue               ? 
_entity_src_gen.pdbx_host_org_tissue_fraction      ? 
_entity_src_gen.pdbx_host_org_strain               'BL21(DE3)' 
_entity_src_gen.pdbx_host_org_variant              ? 
_entity_src_gen.pdbx_host_org_cell_line            ? 
_entity_src_gen.pdbx_host_org_atcc                 ? 
_entity_src_gen.pdbx_host_org_culture_collection   ? 
_entity_src_gen.pdbx_host_org_cell                 ? 
_entity_src_gen.pdbx_host_org_organelle            ? 
_entity_src_gen.pdbx_host_org_cellular_location    ? 
_entity_src_gen.pdbx_host_org_vector_type          ? 
_entity_src_gen.pdbx_host_org_vector               PET16BTEV 
_entity_src_gen.host_org_details                   ? 
_entity_src_gen.expression_system_id               ? 
_entity_src_gen.plasmid_name                       PET16BTEV-NCOA-1 
_entity_src_gen.plasmid_details                    ? 
_entity_src_gen.pdbx_description                   'CELLULAR LOCATION\: NUCLEUS' 
# 
_pdbx_entity_src_syn.entity_id              2 
_pdbx_entity_src_syn.pdbx_src_id            1 
_pdbx_entity_src_syn.pdbx_alt_source_flag   sample 
_pdbx_entity_src_syn.pdbx_beg_seq_num       ? 
_pdbx_entity_src_syn.pdbx_end_seq_num       ? 
_pdbx_entity_src_syn.organism_scientific    'HOMO SAPIENS' 
_pdbx_entity_src_syn.organism_common_name   HUMAN 
_pdbx_entity_src_syn.ncbi_taxonomy_id       9606 
_pdbx_entity_src_syn.details                ? 
# 
loop_
_chem_comp.id 
_chem_comp.type 
_chem_comp.mon_nstd_flag 
_chem_comp.name 
_chem_comp.pdbx_synonyms 
_chem_comp.formula 
_chem_comp.formula_weight 
ALA 'L-peptide linking' y ALANINE         ? 'C3 H7 N O2'     89.093  
ARG 'L-peptide linking' y ARGININE        ? 'C6 H15 N4 O2 1' 175.209 
ASN 'L-peptide linking' y ASPARAGINE      ? 'C4 H8 N2 O3'    132.118 
ASP 'L-peptide linking' y 'ASPARTIC ACID' ? 'C4 H7 N O4'     133.103 
CYS 'L-peptide linking' y CYSTEINE        ? 'C3 H7 N O2 S'   121.158 
GLN 'L-peptide linking' y GLUTAMINE       ? 'C5 H10 N2 O3'   146.144 
GLU 'L-peptide linking' y 'GLUTAMIC ACID' ? 'C5 H9 N O4'     147.129 
GLY 'peptide linking'   y GLYCINE         ? 'C2 H5 N O2'     75.067  
HIS 'L-peptide linking' y HISTIDINE       ? 'C6 H10 N3 O2 1' 156.162 
HOH non-polymer         . WATER           ? 'H2 O'           18.015  
ILE 'L-peptide linking' y ISOLEUCINE      ? 'C6 H13 N O2'    131.173 
IOD non-polymer         . 'IODIDE ION'    ? 'I -1'           126.904 
LEU 'L-peptide linking' y LEUCINE         ? 'C6 H13 N O2'    131.173 
LYS 'L-peptide linking' y LYSINE          ? 'C6 H15 N2 O2 1' 147.195 
MET 'L-peptide linking' y METHIONINE      ? 'C5 H11 N O2 S'  149.211 
PHE 'L-peptide linking' y PHENYLALANINE   ? 'C9 H11 N O2'    165.189 
PRO 'L-peptide linking' y PROLINE         ? 'C5 H9 N O2'     115.130 
SER 'L-peptide linking' y SERINE          ? 'C3 H7 N O3'     105.093 
THR 'L-peptide linking' y THREONINE       ? 'C4 H9 N O3'     119.119 
TRP 'L-peptide linking' y TRYPTOPHAN      ? 'C11 H12 N2 O2'  204.225 
TYR 'L-peptide linking' y TYROSINE        ? 'C9 H11 N O3'    181.189 
VAL 'L-peptide linking' y VALINE          ? 'C5 H11 N O2'    117.146 
# 
loop_
_pdbx_poly_seq_scheme.asym_id 
_pdbx_poly_seq_scheme.entity_id 
_pdbx_poly_seq_scheme.seq_id 
_pdbx_poly_seq_scheme.mon_id 
_pdbx_poly_seq_scheme.ndb_seq_num 
_pdbx_poly_seq_scheme.pdb_seq_num 
_pdbx_poly_seq_scheme.auth_seq_num 
_pdbx_poly_seq_scheme.pdb_mon_id 
_pdbx_poly_seq_scheme.auth_mon_id 
_pdbx_poly_seq_scheme.pdb_strand_id 
_pdbx_poly_seq_scheme.pdb_ins_code 
_pdbx_poly_seq_scheme.hetero 
A 1 1   GLY 1   254 ?   ?   ?   A . n 
A 1 2   HIS 2   255 ?   ?   ?   A . n 
A 1 3   MET 3   256 ?   ?   ?   A . n 
A 1 4   THR 4   257 ?   ?   ?   A . n 
A 1 5   GLY 5   258 ?   ?   ?   A . n 
A 1 6   VAL 6   259 259 VAL VAL A . n 
A 1 7   GLU 7   260 260 GLU GLU A . n 
A 1 8   SER 8   261 261 SER SER A . n 
A 1 9   PHE 9   262 262 PHE PHE A . n 
A 1 10  MET 10  263 263 MET MET A . n 
A 1 11  THR 11  264 264 THR THR A . n 
A 1 12  LYS 12  265 265 LYS LYS A . n 
A 1 13  GLN 13  266 266 GLN GLN A . n 
A 1 14  ASP 14  267 267 ASP ASP A . n 
A 1 15  THR 15  268 268 THR THR A . n 
A 1 16  THR 16  269 269 THR THR A . n 
A 1 17  GLY 17  270 270 GLY GLY A . n 
A 1 18  LYS 18  271 271 LYS LYS A . n 
A 1 19  ILE 19  272 272 ILE ILE A . n 
A 1 20  ILE 20  273 273 ILE ILE A . n 
A 1 21  SER 21  274 274 SER SER A . n 
A 1 22  ILE 22  275 275 ILE ILE A . n 
A 1 23  ASP 23  276 276 ASP ASP A . n 
A 1 24  THR 24  277 277 THR THR A . n 
A 1 25  SER 25  278 278 SER SER A . n 
A 1 26  SER 26  279 279 SER SER A . n 
A 1 27  LEU 27  280 280 LEU LEU A . n 
A 1 28  ARG 28  281 281 ARG ARG A . n 
A 1 29  ALA 29  282 282 ALA ALA A . n 
A 1 30  ALA 30  283 283 ALA ALA A . n 
A 1 31  GLY 31  284 284 GLY GLY A . n 
A 1 32  ARG 32  285 285 ARG ARG A . n 
A 1 33  THR 33  286 286 THR THR A . n 
A 1 34  GLY 34  287 287 GLY GLY A . n 
A 1 35  TRP 35  288 288 TRP TRP A . n 
A 1 36  GLU 36  289 289 GLU GLU A . n 
A 1 37  ASP 37  290 290 ASP ASP A . n 
A 1 38  LEU 38  291 291 LEU LEU A . n 
A 1 39  VAL 39  292 292 VAL VAL A . n 
A 1 40  ARG 40  293 293 ARG ARG A . n 
A 1 41  LYS 41  294 294 LYS LYS A . n 
A 1 42  CYS 42  295 295 CYS CYS A . n 
A 1 43  ILE 43  296 296 ILE ILE A . n 
A 1 44  TYR 44  297 297 TYR TYR A . n 
A 1 45  ALA 45  298 298 ALA ALA A . n 
A 1 46  PHE 46  299 299 PHE PHE A . n 
A 1 47  PHE 47  300 300 PHE PHE A . n 
A 1 48  GLN 48  301 301 GLN GLN A . n 
A 1 49  PRO 49  302 302 PRO PRO A . n 
A 1 50  GLN 50  303 303 GLN GLN A . n 
A 1 51  GLY 51  304 304 GLY GLY A . n 
A 1 52  ARG 52  305 305 ARG ARG A . n 
A 1 53  GLU 53  306 306 GLU GLU A . n 
A 1 54  PRO 54  307 307 PRO PRO A . n 
A 1 55  SER 55  308 308 SER SER A . n 
A 1 56  TYR 56  309 309 TYR TYR A . n 
A 1 57  ALA 57  310 310 ALA ALA A . n 
A 1 58  ARG 58  311 311 ARG ARG A . n 
A 1 59  GLN 59  312 312 GLN GLN A . n 
A 1 60  LEU 60  313 313 LEU LEU A . n 
A 1 61  PHE 61  314 314 PHE PHE A . n 
A 1 62  GLN 62  315 315 GLN GLN A . n 
A 1 63  GLU 63  316 316 GLU GLU A . n 
A 1 64  VAL 64  317 317 VAL VAL A . n 
A 1 65  MET 65  318 318 MET MET A . n 
A 1 66  THR 66  319 319 THR THR A . n 
A 1 67  ARG 67  320 320 ARG ARG A . n 
A 1 68  GLY 68  321 321 GLY GLY A . n 
A 1 69  THR 69  322 322 THR THR A . n 
A 1 70  ALA 70  323 323 ALA ALA A . n 
A 1 71  SER 71  324 324 SER SER A . n 
A 1 72  SER 72  325 325 SER SER A . n 
A 1 73  PRO 73  326 326 PRO PRO A . n 
A 1 74  SER 74  327 327 SER SER A . n 
A 1 75  TYR 75  328 328 TYR TYR A . n 
A 1 76  ARG 76  329 329 ARG ARG A . n 
A 1 77  PHE 77  330 330 PHE PHE A . n 
A 1 78  ILE 78  331 331 ILE ILE A . n 
A 1 79  LEU 79  332 332 LEU LEU A . n 
A 1 80  ASN 80  333 333 ASN ASN A . n 
A 1 81  ASP 81  334 334 ASP ASP A . n 
A 1 82  GLY 82  335 335 GLY GLY A . n 
A 1 83  THR 83  336 336 THR THR A . n 
A 1 84  MET 84  337 337 MET MET A . n 
A 1 85  LEU 85  338 338 LEU LEU A . n 
A 1 86  SER 86  339 339 SER SER A . n 
A 1 87  ALA 87  340 340 ALA ALA A . n 
A 1 88  HIS 88  341 341 HIS HIS A . n 
A 1 89  THR 89  342 342 THR THR A . n 
A 1 90  ARG 90  343 343 ARG ARG A . n 
A 1 91  CYS 91  344 344 CYS CYS A . n 
A 1 92  LYS 92  345 345 LYS LYS A . n 
A 1 93  LEU 93  346 346 LEU LEU A . n 
A 1 94  CYS 94  347 347 CYS CYS A . n 
A 1 95  TYR 95  348 348 TYR TYR A . n 
A 1 96  PRO 96  349 349 PRO PRO A . n 
A 1 97  GLN 97  350 ?   ?   ?   A . n 
A 1 98  SER 98  351 ?   ?   ?   A . n 
A 1 99  PRO 99  352 ?   ?   ?   A . n 
A 1 100 ASP 100 353 ?   ?   ?   A . n 
A 1 101 MET 101 354 354 MET MET A . n 
A 1 102 GLN 102 355 355 GLN GLN A . n 
A 1 103 PRO 103 356 356 PRO PRO A . n 
A 1 104 PHE 104 357 357 PHE PHE A . n 
A 1 105 ILE 105 358 358 ILE ILE A . n 
A 1 106 MET 106 359 359 MET MET A . n 
A 1 107 GLY 107 360 360 GLY GLY A . n 
A 1 108 ILE 108 361 361 ILE ILE A . n 
A 1 109 HIS 109 362 362 HIS HIS A . n 
A 1 110 ILE 110 363 363 ILE ILE A . n 
A 1 111 ILE 111 364 364 ILE ILE A . n 
A 1 112 ASP 112 365 365 ASP ASP A . n 
A 1 113 ARG 113 366 366 ARG ARG A . n 
A 1 114 GLU 114 367 367 GLU GLU A . n 
A 1 115 HIS 115 368 ?   ?   ?   A . n 
A 1 116 SER 116 369 ?   ?   ?   A . n 
A 1 117 GLY 117 370 ?   ?   ?   A . n 
A 1 118 LEU 118 371 ?   ?   ?   A . n 
A 1 119 SER 119 372 ?   ?   ?   A . n 
A 1 120 PRO 120 373 ?   ?   ?   A . n 
A 1 121 GLN 121 374 ?   ?   ?   A . n 
A 1 122 ASP 122 375 ?   ?   ?   A . n 
A 1 123 ASP 123 376 ?   ?   ?   A . n 
A 1 124 THR 124 377 ?   ?   ?   A . n 
A 1 125 ASN 125 378 ?   ?   ?   A . n 
A 1 126 SER 126 379 ?   ?   ?   A . n 
A 1 127 GLY 127 380 ?   ?   ?   A . n 
A 1 128 MET 128 381 ?   ?   ?   A . n 
A 1 129 SER 129 382 ?   ?   ?   A . n 
A 1 130 ILE 130 383 ?   ?   ?   A . n 
A 1 131 PRO 131 384 ?   ?   ?   A . n 
A 1 132 ARG 132 385 ?   ?   ?   A . n 
B 2 1   LEU 1   795 795 LEU LEU B . n 
B 2 2   PRO 2   796 796 PRO PRO B . n 
B 2 3   PRO 3   797 797 PRO PRO B . n 
B 2 4   THR 4   798 798 THR THR B . n 
B 2 5   GLU 5   799 799 GLU GLU B . n 
B 2 6   GLN 6   800 800 GLN GLN B . n 
B 2 7   ASP 7   801 801 ASP ASP B . n 
B 2 8   LEU 8   802 802 LEU LEU B . n 
B 2 9   THR 9   803 803 THR THR B . n 
B 2 10  LYS 10  804 804 LYS LYS B . n 
B 2 11  LEU 11  805 805 LEU LEU B . n 
B 2 12  LEU 12  806 806 LEU LEU B . n 
B 2 13  LEU 13  807 807 LEU LEU B . n 
B 2 14  GLU 14  808 808 GLU GLU B . n 
# 
loop_
_pdbx_nonpoly_scheme.asym_id 
_pdbx_nonpoly_scheme.entity_id 
_pdbx_nonpoly_scheme.mon_id 
_pdbx_nonpoly_scheme.ndb_seq_num 
_pdbx_nonpoly_scheme.pdb_seq_num 
_pdbx_nonpoly_scheme.auth_seq_num 
_pdbx_nonpoly_scheme.pdb_mon_id 
_pdbx_nonpoly_scheme.auth_mon_id 
_pdbx_nonpoly_scheme.pdb_strand_id 
_pdbx_nonpoly_scheme.pdb_ins_code 
C 3 IOD 1  1368 1368 IOD IOD A . 
D 3 IOD 1  1369 1369 IOD IOD A . 
E 3 IOD 1  1370 1370 IOD IOD A . 
F 3 IOD 1  1371 1371 IOD IOD A . 
G 3 IOD 1  1372 1372 IOD IOD A . 
H 4 HOH 1  2001 2001 HOH HOH A . 
H 4 HOH 2  2002 2002 HOH HOH A . 
H 4 HOH 3  2003 2003 HOH HOH A . 
H 4 HOH 4  2004 2004 HOH HOH A . 
H 4 HOH 5  2005 2005 HOH HOH A . 
H 4 HOH 6  2006 2006 HOH HOH A . 
H 4 HOH 7  2007 2007 HOH HOH A . 
H 4 HOH 8  2008 2008 HOH HOH A . 
H 4 HOH 9  2009 2009 HOH HOH A . 
H 4 HOH 10 2010 2010 HOH HOH A . 
H 4 HOH 11 2011 2011 HOH HOH A . 
H 4 HOH 12 2012 2012 HOH HOH A . 
H 4 HOH 13 2013 2013 HOH HOH A . 
H 4 HOH 14 2014 2014 HOH HOH A . 
H 4 HOH 15 2015 2015 HOH HOH A . 
H 4 HOH 16 2016 2016 HOH HOH A . 
H 4 HOH 17 2017 2017 HOH HOH A . 
H 4 HOH 18 2018 2018 HOH HOH A . 
H 4 HOH 19 2019 2019 HOH HOH A . 
H 4 HOH 20 2020 2020 HOH HOH A . 
H 4 HOH 21 2021 2021 HOH HOH A . 
H 4 HOH 22 2022 2022 HOH HOH A . 
H 4 HOH 23 2023 2023 HOH HOH A . 
H 4 HOH 24 2024 2024 HOH HOH A . 
H 4 HOH 25 2025 2025 HOH HOH A . 
H 4 HOH 26 2026 2026 HOH HOH A . 
H 4 HOH 27 2027 2027 HOH HOH A . 
H 4 HOH 28 2028 2028 HOH HOH A . 
H 4 HOH 29 2029 2029 HOH HOH A . 
H 4 HOH 30 2030 2030 HOH HOH A . 
H 4 HOH 31 2031 2031 HOH HOH A . 
H 4 HOH 32 2032 2032 HOH HOH A . 
H 4 HOH 33 2033 2033 HOH HOH A . 
H 4 HOH 34 2034 2034 HOH HOH A . 
H 4 HOH 35 2035 2035 HOH HOH A . 
H 4 HOH 36 2036 2036 HOH HOH A . 
H 4 HOH 37 2037 2037 HOH HOH A . 
H 4 HOH 38 2038 2038 HOH HOH A . 
H 4 HOH 39 2039 2039 HOH HOH A . 
H 4 HOH 40 2040 2040 HOH HOH A . 
H 4 HOH 41 2041 2041 HOH HOH A . 
H 4 HOH 42 2042 2042 HOH HOH A . 
H 4 HOH 43 2043 2043 HOH HOH A . 
H 4 HOH 44 2044 2044 HOH HOH A . 
H 4 HOH 45 2045 2045 HOH HOH A . 
H 4 HOH 46 2046 2046 HOH HOH A . 
H 4 HOH 47 2047 2047 HOH HOH A . 
H 4 HOH 48 2048 2048 HOH HOH A . 
H 4 HOH 49 2049 2049 HOH HOH A . 
H 4 HOH 50 2050 2050 HOH HOH A . 
H 4 HOH 51 2051 2051 HOH HOH A . 
H 4 HOH 52 2052 2052 HOH HOH A . 
H 4 HOH 53 2053 2053 HOH HOH A . 
H 4 HOH 54 2054 2054 HOH HOH A . 
H 4 HOH 55 2055 2055 HOH HOH A . 
H 4 HOH 56 2056 2056 HOH HOH A . 
H 4 HOH 57 2057 2057 HOH HOH A . 
H 4 HOH 58 2058 2058 HOH HOH A . 
H 4 HOH 59 2059 2059 HOH HOH A . 
H 4 HOH 60 2060 2060 HOH HOH A . 
H 4 HOH 61 2061 2061 HOH HOH A . 
H 4 HOH 62 2062 2062 HOH HOH A . 
H 4 HOH 63 2063 2063 HOH HOH A . 
H 4 HOH 64 2064 2064 HOH HOH A . 
H 4 HOH 65 2065 2065 HOH HOH A . 
H 4 HOH 66 2066 2066 HOH HOH A . 
H 4 HOH 67 2067 2067 HOH HOH A . 
H 4 HOH 68 2068 2068 HOH HOH A . 
H 4 HOH 69 2069 2069 HOH HOH A . 
H 4 HOH 70 2070 2070 HOH HOH A . 
H 4 HOH 71 2071 2071 HOH HOH A . 
H 4 HOH 72 2072 2072 HOH HOH A . 
H 4 HOH 73 2073 2073 HOH HOH A . 
H 4 HOH 74 2074 2074 HOH HOH A . 
H 4 HOH 75 2075 2075 HOH HOH A . 
H 4 HOH 76 2076 2076 HOH HOH A . 
H 4 HOH 77 2077 2077 HOH HOH A . 
H 4 HOH 78 2078 2078 HOH HOH A . 
H 4 HOH 79 2079 2079 HOH HOH A . 
H 4 HOH 80 2080 2080 HOH HOH A . 
H 4 HOH 81 2081 2081 HOH HOH A . 
H 4 HOH 82 2082 2082 HOH HOH A . 
H 4 HOH 83 2083 2083 HOH HOH A . 
H 4 HOH 84 2084 2084 HOH HOH A . 
H 4 HOH 85 2085 2085 HOH HOH A . 
H 4 HOH 86 2086 2086 HOH HOH A . 
H 4 HOH 87 2087 2087 HOH HOH A . 
H 4 HOH 88 2088 2088 HOH HOH A . 
H 4 HOH 89 2089 2089 HOH HOH A . 
H 4 HOH 90 2090 2090 HOH HOH A . 
H 4 HOH 91 2091 2091 HOH HOH A . 
H 4 HOH 92 2092 2092 HOH HOH A . 
H 4 HOH 93 2093 2093 HOH HOH A . 
H 4 HOH 94 2094 2094 HOH HOH A . 
H 4 HOH 95 2095 2095 HOH HOH A . 
H 4 HOH 96 2096 2096 HOH HOH A . 
H 4 HOH 97 2097 2097 HOH HOH A . 
I 4 HOH 1  2001 2001 HOH HOH B . 
I 4 HOH 2  2002 2002 HOH HOH B . 
I 4 HOH 3  2003 2003 HOH HOH B . 
I 4 HOH 4  2004 2004 HOH HOH B . 
I 4 HOH 5  2005 2005 HOH HOH B . 
I 4 HOH 6  2006 2006 HOH HOH B . 
I 4 HOH 7  2007 2007 HOH HOH B . 
I 4 HOH 8  2008 2008 HOH HOH B . 
I 4 HOH 9  2009 2009 HOH HOH B . 
I 4 HOH 10 2010 2010 HOH HOH B . 
I 4 HOH 11 2011 2011 HOH HOH B . 
I 4 HOH 12 2012 2012 HOH HOH B . 
I 4 HOH 13 2013 2013 HOH HOH B . 
I 4 HOH 14 2014 2014 HOH HOH B . 
I 4 HOH 15 2015 2015 HOH HOH B . 
I 4 HOH 16 2016 2016 HOH HOH B . 
I 4 HOH 17 2017 2017 HOH HOH B . 
I 4 HOH 18 2018 2018 HOH HOH B . 
I 4 HOH 19 2019 2019 HOH HOH B . 
# 
loop_
_pdbx_unobs_or_zero_occ_atoms.id 
_pdbx_unobs_or_zero_occ_atoms.PDB_model_num 
_pdbx_unobs_or_zero_occ_atoms.polymer_flag 
_pdbx_unobs_or_zero_occ_atoms.occupancy_flag 
_pdbx_unobs_or_zero_occ_atoms.auth_asym_id 
_pdbx_unobs_or_zero_occ_atoms.auth_comp_id 
_pdbx_unobs_or_zero_occ_atoms.auth_seq_id 
_pdbx_unobs_or_zero_occ_atoms.PDB_ins_code 
_pdbx_unobs_or_zero_occ_atoms.auth_atom_id 
_pdbx_unobs_or_zero_occ_atoms.label_alt_id 
_pdbx_unobs_or_zero_occ_atoms.label_asym_id 
_pdbx_unobs_or_zero_occ_atoms.label_comp_id 
_pdbx_unobs_or_zero_occ_atoms.label_seq_id 
_pdbx_unobs_or_zero_occ_atoms.label_atom_id 
1  1 Y 1 A TYR 297 ? CD1 ? A TYR 44  CD1 
2  1 Y 1 A TYR 297 ? CD2 ? A TYR 44  CD2 
3  1 Y 1 A TYR 297 ? CE1 ? A TYR 44  CE1 
4  1 Y 1 A TYR 297 ? CE2 ? A TYR 44  CE2 
5  1 Y 1 A TYR 297 ? CZ  ? A TYR 44  CZ  
6  1 Y 1 A TYR 297 ? OH  ? A TYR 44  OH  
7  1 Y 1 A ARG 305 ? CG  ? A ARG 52  CG  
8  1 Y 1 A ARG 305 ? CD  ? A ARG 52  CD  
9  1 Y 1 A ARG 305 ? NE  ? A ARG 52  NE  
10 1 Y 1 A ARG 305 ? CZ  ? A ARG 52  CZ  
11 1 Y 1 A ARG 305 ? NH1 ? A ARG 52  NH1 
12 1 Y 1 A ARG 305 ? NH2 ? A ARG 52  NH2 
13 1 Y 1 A GLN 315 ? CD  ? A GLN 62  CD  
14 1 Y 1 A GLN 315 ? OE1 ? A GLN 62  OE1 
15 1 Y 1 A GLN 315 ? NE2 ? A GLN 62  NE2 
16 1 Y 1 A MET 318 ? CE  ? A MET 65  CE  
17 1 Y 1 A LYS 345 ? CD  ? A LYS 92  CD  
18 1 Y 1 A LYS 345 ? CE  ? A LYS 92  CE  
19 1 Y 1 A LYS 345 ? NZ  ? A LYS 92  NZ  
20 1 Y 1 A MET 354 ? CB  ? A MET 101 CB  
21 1 Y 1 A MET 354 ? CG  ? A MET 101 CG  
22 1 Y 1 A MET 354 ? SD  ? A MET 101 SD  
23 1 Y 1 A MET 354 ? CE  ? A MET 101 CE  
24 1 Y 1 A GLU 367 ? CG  ? A GLU 114 CG  
25 1 Y 1 A GLU 367 ? CD  ? A GLU 114 CD  
26 1 Y 1 A GLU 367 ? OE1 ? A GLU 114 OE1 
27 1 Y 1 A GLU 367 ? OE2 ? A GLU 114 OE2 
28 1 Y 1 B LYS 804 ? CD  ? B LYS 10  CD  
29 1 Y 1 B LYS 804 ? CE  ? B LYS 10  CE  
30 1 Y 1 B LYS 804 ? NZ  ? B LYS 10  NZ  
31 1 Y 1 B LEU 807 ? CG  ? B LEU 13  CG  
32 1 Y 1 B LEU 807 ? CD1 ? B LEU 13  CD1 
33 1 Y 1 B LEU 807 ? CD2 ? B LEU 13  CD2 
# 
loop_
_software.name 
_software.classification 
_software.version 
_software.citation_id 
_software.pdbx_ordinal 
_software.date 
_software.type 
_software.location 
_software.language 
DENZO     'data reduction' .      ? 1 ? ? ? ? 
SCALEPACK 'data scaling'   .      ? 2 ? ? ? ? 
SHELXD    phasing          .      ? 3 ? ? ? ? 
SHELXE    phasing          .      ? 4 ? ? ? ? 
REFMAC    refinement       5.1.24 ? 5 ? ? ? ? 
# 
_cell.entry_id           1OJ5 
_cell.length_a           62.100 
_cell.length_b           62.100 
_cell.length_c           73.400 
_cell.angle_alpha        90.00 
_cell.angle_beta         90.00 
_cell.angle_gamma        120.00 
_cell.Z_PDB              6 
_cell.pdbx_unique_axis   ? 
# 
_symmetry.entry_id                         1OJ5 
_symmetry.space_group_name_H-M             'P 62' 
_symmetry.pdbx_full_space_group_name_H-M   ? 
_symmetry.cell_setting                     ? 
_symmetry.Int_Tables_number                171 
# 
_exptl.entry_id          1OJ5 
_exptl.method            'X-RAY DIFFRACTION' 
_exptl.crystals_number   1 
# 
_exptl_crystal.id                    1 
_exptl_crystal.density_meas          ? 
_exptl_crystal.density_Matthews      2.5 
_exptl_crystal.density_percent_sol   50 
_exptl_crystal.description           ? 
# 
_exptl_crystal_grow.crystal_id      1 
_exptl_crystal_grow.method          ? 
_exptl_crystal_grow.temp            ? 
_exptl_crystal_grow.temp_details    ? 
_exptl_crystal_grow.pH              7.00 
_exptl_crystal_grow.pdbx_pH_range   ? 
_exptl_crystal_grow.pdbx_details    '20 % PEG3350, 0.2 M LICL, pH 7.00' 
# 
_diffrn.id                     1 
_diffrn.ambient_temp           100.0 
_diffrn.ambient_temp_details   ? 
_diffrn.crystal_id             1 
# 
_diffrn_detector.diffrn_id              1 
_diffrn_detector.detector               'IMAGE PLATE' 
_diffrn_detector.type                   MARRESEARCH 
_diffrn_detector.pdbx_collection_date   2003-03-24 
_diffrn_detector.details                'OSMIC MIRRORS CMF12-38CU6' 
# 
_diffrn_radiation.diffrn_id                        1 
_diffrn_radiation.wavelength_id                    1 
_diffrn_radiation.pdbx_monochromatic_or_laue_m_l   M 
_diffrn_radiation.monochromator                    'OSMIC MIRRORS CMF12-38CU6' 
_diffrn_radiation.pdbx_diffrn_protocol             'SINGLE WAVELENGTH' 
_diffrn_radiation.pdbx_scattering_type             x-ray 
# 
_diffrn_radiation_wavelength.id           1 
_diffrn_radiation_wavelength.wavelength   1.5418 
_diffrn_radiation_wavelength.wt           1.0 
# 
_diffrn_source.diffrn_id                   1 
_diffrn_source.source                      'ROTATING ANODE' 
_diffrn_source.type                        'SIEMENS M18X' 
_diffrn_source.pdbx_synchrotron_site       ? 
_diffrn_source.pdbx_synchrotron_beamline   ? 
_diffrn_source.pdbx_wavelength             1.5418 
_diffrn_source.pdbx_wavelength_list        ? 
# 
_reflns.pdbx_diffrn_id               1 
_reflns.pdbx_ordinal                 1 
_reflns.entry_id                     1OJ5 
_reflns.observed_criterion_sigma_I   ? 
_reflns.observed_criterion_sigma_F   ? 
_reflns.d_resolution_low             19.210 
_reflns.d_resolution_high            2.210 
_reflns.number_obs                   8138 
_reflns.number_all                   ? 
_reflns.percent_possible_obs         99.7 
_reflns.pdbx_Rmerge_I_obs            0.08900 
_reflns.pdbx_Rsym_value              ? 
_reflns.pdbx_netI_over_sigmaI        29.9000 
_reflns.B_iso_Wilson_estimate        28.70 
_reflns.pdbx_redundancy              16.800 
_reflns.pdbx_CC_half                 ? 
_reflns.pdbx_Rpim_I_all              ? 
_reflns.pdbx_Rrim_I_all              ? 
# 
_reflns_shell.pdbx_diffrn_id         1 
_reflns_shell.pdbx_ordinal           1 
_reflns_shell.d_res_high             2.21 
_reflns_shell.d_res_low              2.25 
_reflns_shell.percent_possible_all   98.1 
_reflns_shell.Rmerge_I_obs           0.32540 
_reflns_shell.pdbx_Rsym_value        ? 
_reflns_shell.meanI_over_sigI_obs    8.710 
_reflns_shell.pdbx_redundancy        16.00 
_reflns_shell.number_measured_obs    ? 
_reflns_shell.number_unique_all      ? 
_reflns_shell.number_unique_obs      ? 
_reflns_shell.pdbx_CC_half           ? 
_reflns_shell.pdbx_Rpim_I_all        ? 
_reflns_shell.pdbx_Rrim_I_all        ? 
# 
_refine.pdbx_refine_id                           'X-RAY DIFFRACTION' 
_refine.entry_id                                 1OJ5 
_refine.pdbx_diffrn_id                           1 
_refine.pdbx_TLS_residual_ADP_flag               ? 
_refine.ls_number_reflns_obs                     8138 
_refine.ls_number_reflns_all                     ? 
_refine.pdbx_ls_sigma_I                          ? 
_refine.pdbx_ls_sigma_F                          ? 
_refine.pdbx_data_cutoff_high_absF               ? 
_refine.pdbx_data_cutoff_low_absF                ? 
_refine.pdbx_data_cutoff_high_rms_absF           ? 
_refine.ls_d_res_low                             19.21 
_refine.ls_d_res_high                            2.21 
_refine.ls_percent_reflns_obs                    99.6 
_refine.ls_R_factor_obs                          0.170 
_refine.ls_R_factor_all                          ? 
_refine.ls_R_factor_R_work                       0.166 
_refine.ls_R_factor_R_free                       0.214 
_refine.ls_R_factor_R_free_error                 ? 
_refine.ls_R_factor_R_free_error_details         ? 
_refine.ls_percent_reflns_R_free                 0.050 
_refine.ls_number_reflns_R_free                  375 
_refine.ls_number_parameters                     ? 
_refine.ls_number_restraints                     ? 
_refine.occupancy_min                            ? 
_refine.occupancy_max                            ? 
_refine.correlation_coeff_Fo_to_Fc               0.953 
_refine.correlation_coeff_Fo_to_Fc_free          0.928 
_refine.B_iso_mean                               32.92 
_refine.aniso_B[1][1]                            0.87000 
_refine.aniso_B[2][2]                            0.87000 
_refine.aniso_B[3][3]                            -1.30000 
_refine.aniso_B[1][2]                            0.43000 
_refine.aniso_B[1][3]                            0.00000 
_refine.aniso_B[2][3]                            0.00000 
_refine.solvent_model_details                    'BABINET MODEL PLUS MASK' 
_refine.solvent_model_param_ksol                 ? 
_refine.solvent_model_param_bsol                 ? 
_refine.pdbx_solvent_vdw_probe_radii             1.40 
_refine.pdbx_solvent_ion_probe_radii             0.80 
_refine.pdbx_solvent_shrinkage_radii             0.80 
_refine.pdbx_ls_cross_valid_method               THROUGHOUT 
_refine.details                                  
;HYDROGENS HAVE BEEN ADDED IN THE RIDING POSITIONS. THE LAST RUN OF REFINEMENT WAS PERFORMED WITH ALL THE REFLECTIONS. THE R FREE REPORTED ABOVE IS REFERRED TO THE PREVIOUS RUN OF REFINEMENT. SIDE CHAINS WITH POOR ELECTRON DENSITY WERE ASSIGNED OCCUPANCY 0.5
;
_refine.pdbx_starting_model                      ? 
_refine.pdbx_method_to_determine_struct          OTHER 
_refine.pdbx_isotropic_thermal_model             ? 
_refine.pdbx_stereochemistry_target_values       'MAXIMUM LIKELIHOOD' 
_refine.pdbx_stereochem_target_val_spec_case     ? 
_refine.pdbx_R_Free_selection_details            RANDOM 
_refine.pdbx_overall_ESU_R                       0.195 
_refine.pdbx_overall_ESU_R_Free                  0.178 
_refine.overall_SU_ML                            0.075 
_refine.pdbx_overall_phase_error                 ? 
_refine.overall_SU_B                             2.825 
_refine.overall_SU_R_Cruickshank_DPI             ? 
_refine.pdbx_overall_SU_R_free_Cruickshank_DPI   ? 
_refine.pdbx_overall_SU_R_Blow_DPI               ? 
_refine.pdbx_overall_SU_R_free_Blow_DPI          ? 
# 
_refine_hist.pdbx_refine_id                   'X-RAY DIFFRACTION' 
_refine_hist.cycle_id                         LAST 
_refine_hist.pdbx_number_atoms_protein        918 
_refine_hist.pdbx_number_atoms_nucleic_acid   0 
_refine_hist.pdbx_number_atoms_ligand         5 
_refine_hist.number_atoms_solvent             116 
_refine_hist.number_atoms_total               1039 
_refine_hist.d_res_high                       2.21 
_refine_hist.d_res_low                        19.21 
# 
loop_
_refine_ls_restr.type 
_refine_ls_restr.dev_ideal 
_refine_ls_restr.dev_ideal_target 
_refine_ls_restr.weight 
_refine_ls_restr.number 
_refine_ls_restr.pdbx_refine_id 
_refine_ls_restr.pdbx_restraint_function 
r_bond_refined_d             0.011 0.021 ? 948  'X-RAY DIFFRACTION' ? 
r_bond_other_d               0.002 0.020 ? 865  'X-RAY DIFFRACTION' ? 
r_angle_refined_deg          1.272 1.957 ? 1281 'X-RAY DIFFRACTION' ? 
r_angle_other_deg            0.810 3.000 ? 2012 'X-RAY DIFFRACTION' ? 
r_dihedral_angle_1_deg       6.790 5.000 ? 116  'X-RAY DIFFRACTION' ? 
r_dihedral_angle_2_deg       ?     ?     ? ?    'X-RAY DIFFRACTION' ? 
r_dihedral_angle_3_deg       ?     ?     ? ?    'X-RAY DIFFRACTION' ? 
r_dihedral_angle_4_deg       ?     ?     ? ?    'X-RAY DIFFRACTION' ? 
r_chiral_restr               0.078 0.200 ? 148  'X-RAY DIFFRACTION' ? 
r_gen_planes_refined         0.005 0.020 ? 1027 'X-RAY DIFFRACTION' ? 
r_gen_planes_other           0.005 0.020 ? 192  'X-RAY DIFFRACTION' ? 
r_nbd_refined                0.195 0.200 ? 184  'X-RAY DIFFRACTION' ? 
r_nbd_other                  0.237 0.200 ? 968  'X-RAY DIFFRACTION' ? 
r_nbtor_refined              ?     ?     ? ?    'X-RAY DIFFRACTION' ? 
r_nbtor_other                0.082 0.200 ? 567  'X-RAY DIFFRACTION' ? 
r_xyhbond_nbd_refined        0.175 0.200 ? 76   'X-RAY DIFFRACTION' ? 
r_xyhbond_nbd_other          ?     ?     ? ?    'X-RAY DIFFRACTION' ? 
r_metal_ion_refined          ?     ?     ? ?    'X-RAY DIFFRACTION' ? 
r_metal_ion_other            ?     ?     ? ?    'X-RAY DIFFRACTION' ? 
r_symmetry_vdw_refined       0.165 0.200 ? 4    'X-RAY DIFFRACTION' ? 
r_symmetry_vdw_other         0.314 0.200 ? 44   'X-RAY DIFFRACTION' ? 
r_symmetry_hbond_refined     0.138 0.200 ? 13   'X-RAY DIFFRACTION' ? 
r_symmetry_hbond_other       ?     ?     ? ?    'X-RAY DIFFRACTION' ? 
r_symmetry_metal_ion_refined ?     ?     ? ?    'X-RAY DIFFRACTION' ? 
r_symmetry_metal_ion_other   ?     ?     ? ?    'X-RAY DIFFRACTION' ? 
r_mcbond_it                  0.852 1.500 ? 594  'X-RAY DIFFRACTION' ? 
r_mcbond_other               ?     ?     ? ?    'X-RAY DIFFRACTION' ? 
r_mcangle_it                 1.592 2.000 ? 965  'X-RAY DIFFRACTION' ? 
r_mcangle_other              ?     ?     ? ?    'X-RAY DIFFRACTION' ? 
r_scbond_it                  1.930 3.000 ? 354  'X-RAY DIFFRACTION' ? 
r_scbond_other               ?     ?     ? ?    'X-RAY DIFFRACTION' ? 
r_scangle_it                 3.121 4.500 ? 316  'X-RAY DIFFRACTION' ? 
r_scangle_other              ?     ?     ? ?    'X-RAY DIFFRACTION' ? 
r_long_range_B_refined       ?     ?     ? ?    'X-RAY DIFFRACTION' ? 
r_long_range_B_other         ?     ?     ? ?    'X-RAY DIFFRACTION' ? 
r_rigid_bond_restr           ?     ?     ? ?    'X-RAY DIFFRACTION' ? 
r_sphericity_free            ?     ?     ? ?    'X-RAY DIFFRACTION' ? 
r_sphericity_bonded          ?     ?     ? ?    'X-RAY DIFFRACTION' ? 
# 
_refine_ls_shell.pdbx_refine_id                   'X-RAY DIFFRACTION' 
_refine_ls_shell.pdbx_total_number_of_bins_used   20 
_refine_ls_shell.d_res_high                       2.21 
_refine_ls_shell.d_res_low                        2.26 
_refine_ls_shell.number_reflns_R_work             570 
_refine_ls_shell.R_factor_R_work                  0.1670 
_refine_ls_shell.percent_reflns_obs               ? 
_refine_ls_shell.R_factor_R_free                  0.2300 
_refine_ls_shell.R_factor_R_free_error            ? 
_refine_ls_shell.percent_reflns_R_free            ? 
_refine_ls_shell.number_reflns_R_free             30 
_refine_ls_shell.number_reflns_all                ? 
_refine_ls_shell.R_factor_all                     ? 
_refine_ls_shell.R_factor_obs                     ? 
_refine_ls_shell.number_reflns_obs                ? 
# 
_struct.entry_id                  1OJ5 
_struct.title                     
'Crystal structure of the Nco-A1 PAS-B domain bound to the STAT6 transactivation domain LXXLL motif' 
_struct.pdbx_model_details        ? 
_struct.pdbx_CASP_flag            ? 
_struct.pdbx_model_type_details   ? 
# 
_struct_keywords.entry_id        1OJ5 
_struct_keywords.pdbx_keywords   'TRANSCRIPTIONAL COACTIVATOR' 
_struct_keywords.text            
'TRANSCRIPTIONAL COACTIVATOR, COMPLEX, LXXLL MOTIF, TRANSCRIPTIONAL REGULATION, STAT6, PAS DOMAIN, IL-4 STAT' 
# 
loop_
_struct_asym.id 
_struct_asym.pdbx_blank_PDB_chainid_flag 
_struct_asym.pdbx_modified 
_struct_asym.entity_id 
_struct_asym.details 
A N N 1 ? 
B N N 2 ? 
C N N 3 ? 
D N N 3 ? 
E N N 3 ? 
F N N 3 ? 
G N N 3 ? 
H N N 4 ? 
I N N 4 ? 
# 
loop_
_struct_ref.id 
_struct_ref.db_name 
_struct_ref.db_code 
_struct_ref.entity_id 
_struct_ref.pdbx_seq_one_letter_code 
_struct_ref.pdbx_align_begin 
_struct_ref.pdbx_db_accession 
_struct_ref.pdbx_db_isoform 
1 PDB 1OJ5       1 ? ? 1OJ5   ? 
2 UNP O61202     1 ? ? O61202 ? 
3 UNP STA6_HUMAN 2 ? ? P42226 ? 
# 
loop_
_struct_ref_seq.align_id 
_struct_ref_seq.ref_id 
_struct_ref_seq.pdbx_PDB_id_code 
_struct_ref_seq.pdbx_strand_id 
_struct_ref_seq.seq_align_beg 
_struct_ref_seq.pdbx_seq_align_beg_ins_code 
_struct_ref_seq.seq_align_end 
_struct_ref_seq.pdbx_seq_align_end_ins_code 
_struct_ref_seq.pdbx_db_accession 
_struct_ref_seq.db_align_beg 
_struct_ref_seq.pdbx_db_align_beg_ins_code 
_struct_ref_seq.db_align_end 
_struct_ref_seq.pdbx_db_align_end_ins_code 
_struct_ref_seq.pdbx_auth_seq_align_beg 
_struct_ref_seq.pdbx_auth_seq_align_end 
1 1 1OJ5 A 1 ? 3   ? 1OJ5   254 ? 256 ? 254 256 
2 2 1OJ5 A 4 ? 114 ? O61202 257 ? 367 ? 257 367 
3 3 1OJ5 B 1 ? 14  ? P42226 795 ? 808 ? 795 808 
# 
_struct_ref_seq_dif.align_id                     1 
_struct_ref_seq_dif.pdbx_pdb_id_code             1OJ5 
_struct_ref_seq_dif.mon_id                       ARG 
_struct_ref_seq_dif.pdbx_pdb_strand_id           A 
_struct_ref_seq_dif.seq_num                      90 
_struct_ref_seq_dif.pdbx_pdb_ins_code            ? 
_struct_ref_seq_dif.pdbx_seq_db_name             UNP 
_struct_ref_seq_dif.pdbx_seq_db_accession_code   O61202 
_struct_ref_seq_dif.db_mon_id                    LYS 
_struct_ref_seq_dif.pdbx_seq_db_seq_num          343 
_struct_ref_seq_dif.details                      'engineered mutation' 
_struct_ref_seq_dif.pdbx_auth_seq_num            343 
_struct_ref_seq_dif.pdbx_ordinal                 1 
# 
_pdbx_struct_assembly.id                   1 
_pdbx_struct_assembly.details              author_and_software_defined_assembly 
_pdbx_struct_assembly.method_details       PQS 
_pdbx_struct_assembly.oligomeric_details   dimeric 
_pdbx_struct_assembly.oligomeric_count     2 
# 
_pdbx_struct_assembly_gen.assembly_id       1 
_pdbx_struct_assembly_gen.oper_expression   1 
_pdbx_struct_assembly_gen.asym_id_list      A,B,C,D,E,F,G,H,I 
# 
_pdbx_struct_oper_list.id                   1 
_pdbx_struct_oper_list.type                 'identity operation' 
_pdbx_struct_oper_list.name                 1_555 
_pdbx_struct_oper_list.symmetry_operation   x,y,z 
_pdbx_struct_oper_list.matrix[1][1]         1.0000000000 
_pdbx_struct_oper_list.matrix[1][2]         0.0000000000 
_pdbx_struct_oper_list.matrix[1][3]         0.0000000000 
_pdbx_struct_oper_list.vector[1]            0.0000000000 
_pdbx_struct_oper_list.matrix[2][1]         0.0000000000 
_pdbx_struct_oper_list.matrix[2][2]         1.0000000000 
_pdbx_struct_oper_list.matrix[2][3]         0.0000000000 
_pdbx_struct_oper_list.vector[2]            0.0000000000 
_pdbx_struct_oper_list.matrix[3][1]         0.0000000000 
_pdbx_struct_oper_list.matrix[3][2]         0.0000000000 
_pdbx_struct_oper_list.matrix[3][3]         1.0000000000 
_pdbx_struct_oper_list.vector[3]            0.0000000000 
# 
_struct_biol.id        1 
_struct_biol.details   
;THIS BIOMOLECULE IS A HETERODIMERIC COMPLEX                  
 OF A PROTEINCHAIN WITH A PEPTIDE
;
# 
loop_
_struct_conf.conf_type_id 
_struct_conf.id 
_struct_conf.pdbx_PDB_helix_id 
_struct_conf.beg_label_comp_id 
_struct_conf.beg_label_asym_id 
_struct_conf.beg_label_seq_id 
_struct_conf.pdbx_beg_PDB_ins_code 
_struct_conf.end_label_comp_id 
_struct_conf.end_label_asym_id 
_struct_conf.end_label_seq_id 
_struct_conf.pdbx_end_PDB_ins_code 
_struct_conf.beg_auth_comp_id 
_struct_conf.beg_auth_asym_id 
_struct_conf.beg_auth_seq_id 
_struct_conf.end_auth_comp_id 
_struct_conf.end_auth_asym_id 
_struct_conf.end_auth_seq_id 
_struct_conf.pdbx_PDB_helix_class 
_struct_conf.details 
_struct_conf.pdbx_PDB_helix_length 
HELX_P HELX_P1 1 THR A 24 ? ALA A 29 ? THR A 277 ALA A 282 1 ? 6  
HELX_P HELX_P2 2 GLY A 34 ? GLN A 48 ? GLY A 287 GLN A 301 1 ? 15 
HELX_P HELX_P3 3 SER A 55 ? THR A 66 ? SER A 308 THR A 319 1 ? 12 
HELX_P HELX_P4 4 THR B 4  ? GLU B 14 ? THR B 798 GLU B 808 1 ? 11 
# 
_struct_conf_type.id          HELX_P 
_struct_conf_type.criteria    ? 
_struct_conf_type.reference   ? 
# 
loop_
_struct_sheet.id 
_struct_sheet.type 
_struct_sheet.number_strands 
_struct_sheet.details 
AA ? 5 ? 
AB ? 5 ? 
# 
loop_
_struct_sheet_order.sheet_id 
_struct_sheet_order.range_id_1 
_struct_sheet_order.range_id_2 
_struct_sheet_order.offset 
_struct_sheet_order.sense 
AA 1 2 ? anti-parallel 
AA 2 3 ? anti-parallel 
AA 3 4 ? anti-parallel 
AA 4 5 ? anti-parallel 
AB 1 2 ? anti-parallel 
AB 2 3 ? anti-parallel 
AB 3 4 ? anti-parallel 
AB 4 5 ? anti-parallel 
# 
loop_
_struct_sheet_range.sheet_id 
_struct_sheet_range.id 
_struct_sheet_range.beg_label_comp_id 
_struct_sheet_range.beg_label_asym_id 
_struct_sheet_range.beg_label_seq_id 
_struct_sheet_range.pdbx_beg_PDB_ins_code 
_struct_sheet_range.end_label_comp_id 
_struct_sheet_range.end_label_asym_id 
_struct_sheet_range.end_label_seq_id 
_struct_sheet_range.pdbx_end_PDB_ins_code 
_struct_sheet_range.beg_auth_comp_id 
_struct_sheet_range.beg_auth_asym_id 
_struct_sheet_range.beg_auth_seq_id 
_struct_sheet_range.end_auth_comp_id 
_struct_sheet_range.end_auth_asym_id 
_struct_sheet_range.end_auth_seq_id 
AA 1 LYS A 18  ? ASP A 23  ? LYS A 271 ASP A 276 
AA 2 GLU A 7   ? GLN A 13  ? GLU A 260 GLN A 266 
AA 3 PHE A 104 ? ASP A 112 ? PHE A 357 ASP A 365 
AA 4 THR A 83  ? CYS A 94  ? THR A 336 CYS A 347 
AA 5 GLY A 68  ? SER A 72  ? GLY A 321 SER A 325 
AB 1 LYS A 18  ? ASP A 23  ? LYS A 271 ASP A 276 
AB 2 GLU A 7   ? GLN A 13  ? GLU A 260 GLN A 266 
AB 3 PHE A 104 ? ASP A 112 ? PHE A 357 ASP A 365 
AB 4 THR A 83  ? CYS A 94  ? THR A 336 CYS A 347 
AB 5 TYR A 75  ? LEU A 79  ? TYR A 328 LEU A 332 
# 
loop_
_pdbx_struct_sheet_hbond.sheet_id 
_pdbx_struct_sheet_hbond.range_id_1 
_pdbx_struct_sheet_hbond.range_id_2 
_pdbx_struct_sheet_hbond.range_1_label_atom_id 
_pdbx_struct_sheet_hbond.range_1_label_comp_id 
_pdbx_struct_sheet_hbond.range_1_label_asym_id 
_pdbx_struct_sheet_hbond.range_1_label_seq_id 
_pdbx_struct_sheet_hbond.range_1_PDB_ins_code 
_pdbx_struct_sheet_hbond.range_1_auth_atom_id 
_pdbx_struct_sheet_hbond.range_1_auth_comp_id 
_pdbx_struct_sheet_hbond.range_1_auth_asym_id 
_pdbx_struct_sheet_hbond.range_1_auth_seq_id 
_pdbx_struct_sheet_hbond.range_2_label_atom_id 
_pdbx_struct_sheet_hbond.range_2_label_comp_id 
_pdbx_struct_sheet_hbond.range_2_label_asym_id 
_pdbx_struct_sheet_hbond.range_2_label_seq_id 
_pdbx_struct_sheet_hbond.range_2_PDB_ins_code 
_pdbx_struct_sheet_hbond.range_2_auth_atom_id 
_pdbx_struct_sheet_hbond.range_2_auth_comp_id 
_pdbx_struct_sheet_hbond.range_2_auth_asym_id 
_pdbx_struct_sheet_hbond.range_2_auth_seq_id 
AA 1 2 N ASP A 23  ? N ASP A 276 O MET A 10  ? O MET A 263 
AA 2 3 N GLN A 13  ? N GLN A 266 O ILE A 105 ? O ILE A 358 
AA 3 4 N ASP A 112 ? N ASP A 365 O SER A 86  ? O SER A 339 
AA 4 5 N CYS A 91  ? N CYS A 344 O ALA A 70  ? O ALA A 323 
AB 1 2 N ASP A 23  ? N ASP A 276 O MET A 10  ? O MET A 263 
AB 2 3 N GLN A 13  ? N GLN A 266 O ILE A 105 ? O ILE A 358 
AB 3 4 N ASP A 112 ? N ASP A 365 O SER A 86  ? O SER A 339 
AB 4 5 N ALA A 87  ? N ALA A 340 O TYR A 75  ? O TYR A 328 
# 
loop_
_struct_site.id 
_struct_site.pdbx_evidence_code 
_struct_site.pdbx_auth_asym_id 
_struct_site.pdbx_auth_comp_id 
_struct_site.pdbx_auth_seq_id 
_struct_site.pdbx_auth_ins_code 
_struct_site.pdbx_num_residues 
_struct_site.details 
AC1 Software ? ? ? ? 1 'BINDING SITE FOR RESIDUE IOD A1368' 
AC2 Software ? ? ? ? 5 'BINDING SITE FOR RESIDUE IOD A1370' 
AC3 Software ? ? ? ? 2 'BINDING SITE FOR RESIDUE IOD A1371' 
AC4 Software ? ? ? ? 3 'BINDING SITE FOR RESIDUE IOD A1372' 
# 
loop_
_struct_site_gen.id 
_struct_site_gen.site_id 
_struct_site_gen.pdbx_num_res 
_struct_site_gen.label_comp_id 
_struct_site_gen.label_asym_id 
_struct_site_gen.label_seq_id 
_struct_site_gen.pdbx_auth_ins_code 
_struct_site_gen.auth_comp_id 
_struct_site_gen.auth_asym_id 
_struct_site_gen.auth_seq_id 
_struct_site_gen.label_atom_id 
_struct_site_gen.label_alt_id 
_struct_site_gen.symmetry 
_struct_site_gen.details 
1  AC1 1 SER A 21 ? SER A 274  . ? 1_555 ? 
2  AC2 5 ASP A 23 ? ASP A 276  . ? 1_555 ? 
3  AC2 5 SER A 25 ? SER A 278  . ? 1_555 ? 
4  AC2 5 SER A 26 ? SER A 279  . ? 1_555 ? 
5  AC2 5 HOH H .  ? HOH A 2009 . ? 1_555 ? 
6  AC2 5 HOH H .  ? HOH A 2010 . ? 1_555 ? 
7  AC3 2 SER A 55 ? SER A 308  . ? 1_555 ? 
8  AC3 2 HOH H .  ? HOH A 2049 . ? 1_555 ? 
9  AC4 3 HIS A 88 ? HIS A 341  . ? 1_555 ? 
10 AC4 3 ARG A 90 ? ARG A 343  . ? 1_555 ? 
11 AC4 3 HOH H .  ? HOH A 2026 . ? 1_555 ? 
# 
loop_
_pdbx_validate_rmsd_angle.id 
_pdbx_validate_rmsd_angle.PDB_model_num 
_pdbx_validate_rmsd_angle.auth_atom_id_1 
_pdbx_validate_rmsd_angle.auth_asym_id_1 
_pdbx_validate_rmsd_angle.auth_comp_id_1 
_pdbx_validate_rmsd_angle.auth_seq_id_1 
_pdbx_validate_rmsd_angle.PDB_ins_code_1 
_pdbx_validate_rmsd_angle.label_alt_id_1 
_pdbx_validate_rmsd_angle.auth_atom_id_2 
_pdbx_validate_rmsd_angle.auth_asym_id_2 
_pdbx_validate_rmsd_angle.auth_comp_id_2 
_pdbx_validate_rmsd_angle.auth_seq_id_2 
_pdbx_validate_rmsd_angle.PDB_ins_code_2 
_pdbx_validate_rmsd_angle.label_alt_id_2 
_pdbx_validate_rmsd_angle.auth_atom_id_3 
_pdbx_validate_rmsd_angle.auth_asym_id_3 
_pdbx_validate_rmsd_angle.auth_comp_id_3 
_pdbx_validate_rmsd_angle.auth_seq_id_3 
_pdbx_validate_rmsd_angle.PDB_ins_code_3 
_pdbx_validate_rmsd_angle.label_alt_id_3 
_pdbx_validate_rmsd_angle.angle_value 
_pdbx_validate_rmsd_angle.angle_target_value 
_pdbx_validate_rmsd_angle.angle_deviation 
_pdbx_validate_rmsd_angle.angle_standard_deviation 
_pdbx_validate_rmsd_angle.linker_flag 
1 1 CB A ASP 290 ? ? CG A ASP 290 ? ? OD2 A ASP 290 ? ? 124.59 118.30 6.29 0.90 N 
2 1 CB A ASP 365 ? ? CG A ASP 365 ? ? OD2 A ASP 365 ? ? 124.09 118.30 5.79 0.90 N 
# 
loop_
_pdbx_database_remark.id 
_pdbx_database_remark.text 
650 
;
HELIX
DETERMINATION METHOD: AUTHOR PROVIDED.
;
700 
;
SHEET
DETERMINATION METHOD: AUTHOR PROVIDED.
;
# 
_pdbx_entry_details.entry_id                 1OJ5 
_pdbx_entry_details.compound_details         'ENGINEERED RESIDUE LYS(343)ARG' 
_pdbx_entry_details.source_details           ? 
_pdbx_entry_details.nonpolymer_details       ? 
_pdbx_entry_details.sequence_details         'RESIDUES A254-A256 ARE FROM THE VECTOR PET16BTEV' 
_pdbx_entry_details.has_ligand_of_interest   ? 
# 
_pdbx_distant_solvent_atoms.id                                1 
_pdbx_distant_solvent_atoms.PDB_model_num                     1 
_pdbx_distant_solvent_atoms.auth_atom_id                      O 
_pdbx_distant_solvent_atoms.label_alt_id                      ? 
_pdbx_distant_solvent_atoms.auth_asym_id                      A 
_pdbx_distant_solvent_atoms.auth_comp_id                      HOH 
_pdbx_distant_solvent_atoms.auth_seq_id                       2004 
_pdbx_distant_solvent_atoms.PDB_ins_code                      ? 
_pdbx_distant_solvent_atoms.neighbor_macromolecule_distance   5.89 
_pdbx_distant_solvent_atoms.neighbor_ligand_distance          . 
# 
loop_
_pdbx_unobs_or_zero_occ_residues.id 
_pdbx_unobs_or_zero_occ_residues.PDB_model_num 
_pdbx_unobs_or_zero_occ_residues.polymer_flag 
_pdbx_unobs_or_zero_occ_residues.occupancy_flag 
_pdbx_unobs_or_zero_occ_residues.auth_asym_id 
_pdbx_unobs_or_zero_occ_residues.auth_comp_id 
_pdbx_unobs_or_zero_occ_residues.auth_seq_id 
_pdbx_unobs_or_zero_occ_residues.PDB_ins_code 
_pdbx_unobs_or_zero_occ_residues.label_asym_id 
_pdbx_unobs_or_zero_occ_residues.label_comp_id 
_pdbx_unobs_or_zero_occ_residues.label_seq_id 
1  1 Y 1 A GLY 254 ? A GLY 1   
2  1 Y 1 A HIS 255 ? A HIS 2   
3  1 Y 1 A MET 256 ? A MET 3   
4  1 Y 1 A THR 257 ? A THR 4   
5  1 Y 1 A GLY 258 ? A GLY 5   
6  1 Y 1 A GLN 350 ? A GLN 97  
7  1 Y 1 A SER 351 ? A SER 98  
8  1 Y 1 A PRO 352 ? A PRO 99  
9  1 Y 1 A ASP 353 ? A ASP 100 
10 1 Y 1 A HIS 368 ? A HIS 115 
11 1 Y 1 A SER 369 ? A SER 116 
12 1 Y 1 A GLY 370 ? A GLY 117 
13 1 Y 1 A LEU 371 ? A LEU 118 
14 1 Y 1 A SER 372 ? A SER 119 
15 1 Y 1 A PRO 373 ? A PRO 120 
16 1 Y 1 A GLN 374 ? A GLN 121 
17 1 Y 1 A ASP 375 ? A ASP 122 
18 1 Y 1 A ASP 376 ? A ASP 123 
19 1 Y 1 A THR 377 ? A THR 124 
20 1 Y 1 A ASN 378 ? A ASN 125 
21 1 Y 1 A SER 379 ? A SER 126 
22 1 Y 1 A GLY 380 ? A GLY 127 
23 1 Y 1 A MET 381 ? A MET 128 
24 1 Y 1 A SER 382 ? A SER 129 
25 1 Y 1 A ILE 383 ? A ILE 130 
26 1 Y 1 A PRO 384 ? A PRO 131 
27 1 Y 1 A ARG 385 ? A ARG 132 
# 
loop_
_chem_comp_atom.comp_id 
_chem_comp_atom.atom_id 
_chem_comp_atom.type_symbol 
_chem_comp_atom.pdbx_aromatic_flag 
_chem_comp_atom.pdbx_stereo_config 
_chem_comp_atom.pdbx_ordinal 
ALA N    N N N 1   
ALA CA   C N S 2   
ALA C    C N N 3   
ALA O    O N N 4   
ALA CB   C N N 5   
ALA OXT  O N N 6   
ALA H    H N N 7   
ALA H2   H N N 8   
ALA HA   H N N 9   
ALA HB1  H N N 10  
ALA HB2  H N N 11  
ALA HB3  H N N 12  
ALA HXT  H N N 13  
ARG N    N N N 14  
ARG CA   C N S 15  
ARG C    C N N 16  
ARG O    O N N 17  
ARG CB   C N N 18  
ARG CG   C N N 19  
ARG CD   C N N 20  
ARG NE   N N N 21  
ARG CZ   C N N 22  
ARG NH1  N N N 23  
ARG NH2  N N N 24  
ARG OXT  O N N 25  
ARG H    H N N 26  
ARG H2   H N N 27  
ARG HA   H N N 28  
ARG HB2  H N N 29  
ARG HB3  H N N 30  
ARG HG2  H N N 31  
ARG HG3  H N N 32  
ARG HD2  H N N 33  
ARG HD3  H N N 34  
ARG HE   H N N 35  
ARG HH11 H N N 36  
ARG HH12 H N N 37  
ARG HH21 H N N 38  
ARG HH22 H N N 39  
ARG HXT  H N N 40  
ASN N    N N N 41  
ASN CA   C N S 42  
ASN C    C N N 43  
ASN O    O N N 44  
ASN CB   C N N 45  
ASN CG   C N N 46  
ASN OD1  O N N 47  
ASN ND2  N N N 48  
ASN OXT  O N N 49  
ASN H    H N N 50  
ASN H2   H N N 51  
ASN HA   H N N 52  
ASN HB2  H N N 53  
ASN HB3  H N N 54  
ASN HD21 H N N 55  
ASN HD22 H N N 56  
ASN HXT  H N N 57  
ASP N    N N N 58  
ASP CA   C N S 59  
ASP C    C N N 60  
ASP O    O N N 61  
ASP CB   C N N 62  
ASP CG   C N N 63  
ASP OD1  O N N 64  
ASP OD2  O N N 65  
ASP OXT  O N N 66  
ASP H    H N N 67  
ASP H2   H N N 68  
ASP HA   H N N 69  
ASP HB2  H N N 70  
ASP HB3  H N N 71  
ASP HD2  H N N 72  
ASP HXT  H N N 73  
CYS N    N N N 74  
CYS CA   C N R 75  
CYS C    C N N 76  
CYS O    O N N 77  
CYS CB   C N N 78  
CYS SG   S N N 79  
CYS OXT  O N N 80  
CYS H    H N N 81  
CYS H2   H N N 82  
CYS HA   H N N 83  
CYS HB2  H N N 84  
CYS HB3  H N N 85  
CYS HG   H N N 86  
CYS HXT  H N N 87  
GLN N    N N N 88  
GLN CA   C N S 89  
GLN C    C N N 90  
GLN O    O N N 91  
GLN CB   C N N 92  
GLN CG   C N N 93  
GLN CD   C N N 94  
GLN OE1  O N N 95  
GLN NE2  N N N 96  
GLN OXT  O N N 97  
GLN H    H N N 98  
GLN H2   H N N 99  
GLN HA   H N N 100 
GLN HB2  H N N 101 
GLN HB3  H N N 102 
GLN HG2  H N N 103 
GLN HG3  H N N 104 
GLN HE21 H N N 105 
GLN HE22 H N N 106 
GLN HXT  H N N 107 
GLU N    N N N 108 
GLU CA   C N S 109 
GLU C    C N N 110 
GLU O    O N N 111 
GLU CB   C N N 112 
GLU CG   C N N 113 
GLU CD   C N N 114 
GLU OE1  O N N 115 
GLU OE2  O N N 116 
GLU OXT  O N N 117 
GLU H    H N N 118 
GLU H2   H N N 119 
GLU HA   H N N 120 
GLU HB2  H N N 121 
GLU HB3  H N N 122 
GLU HG2  H N N 123 
GLU HG3  H N N 124 
GLU HE2  H N N 125 
GLU HXT  H N N 126 
GLY N    N N N 127 
GLY CA   C N N 128 
GLY C    C N N 129 
GLY O    O N N 130 
GLY OXT  O N N 131 
GLY H    H N N 132 
GLY H2   H N N 133 
GLY HA2  H N N 134 
GLY HA3  H N N 135 
GLY HXT  H N N 136 
HIS N    N N N 137 
HIS CA   C N S 138 
HIS C    C N N 139 
HIS O    O N N 140 
HIS CB   C N N 141 
HIS CG   C Y N 142 
HIS ND1  N Y N 143 
HIS CD2  C Y N 144 
HIS CE1  C Y N 145 
HIS NE2  N Y N 146 
HIS OXT  O N N 147 
HIS H    H N N 148 
HIS H2   H N N 149 
HIS HA   H N N 150 
HIS HB2  H N N 151 
HIS HB3  H N N 152 
HIS HD1  H N N 153 
HIS HD2  H N N 154 
HIS HE1  H N N 155 
HIS HE2  H N N 156 
HIS HXT  H N N 157 
HOH O    O N N 158 
HOH H1   H N N 159 
HOH H2   H N N 160 
ILE N    N N N 161 
ILE CA   C N S 162 
ILE C    C N N 163 
ILE O    O N N 164 
ILE CB   C N S 165 
ILE CG1  C N N 166 
ILE CG2  C N N 167 
ILE CD1  C N N 168 
ILE OXT  O N N 169 
ILE H    H N N 170 
ILE H2   H N N 171 
ILE HA   H N N 172 
ILE HB   H N N 173 
ILE HG12 H N N 174 
ILE HG13 H N N 175 
ILE HG21 H N N 176 
ILE HG22 H N N 177 
ILE HG23 H N N 178 
ILE HD11 H N N 179 
ILE HD12 H N N 180 
ILE HD13 H N N 181 
ILE HXT  H N N 182 
IOD I    I N N 183 
LEU N    N N N 184 
LEU CA   C N S 185 
LEU C    C N N 186 
LEU O    O N N 187 
LEU CB   C N N 188 
LEU CG   C N N 189 
LEU CD1  C N N 190 
LEU CD2  C N N 191 
LEU OXT  O N N 192 
LEU H    H N N 193 
LEU H2   H N N 194 
LEU HA   H N N 195 
LEU HB2  H N N 196 
LEU HB3  H N N 197 
LEU HG   H N N 198 
LEU HD11 H N N 199 
LEU HD12 H N N 200 
LEU HD13 H N N 201 
LEU HD21 H N N 202 
LEU HD22 H N N 203 
LEU HD23 H N N 204 
LEU HXT  H N N 205 
LYS N    N N N 206 
LYS CA   C N S 207 
LYS C    C N N 208 
LYS O    O N N 209 
LYS CB   C N N 210 
LYS CG   C N N 211 
LYS CD   C N N 212 
LYS CE   C N N 213 
LYS NZ   N N N 214 
LYS OXT  O N N 215 
LYS H    H N N 216 
LYS H2   H N N 217 
LYS HA   H N N 218 
LYS HB2  H N N 219 
LYS HB3  H N N 220 
LYS HG2  H N N 221 
LYS HG3  H N N 222 
LYS HD2  H N N 223 
LYS HD3  H N N 224 
LYS HE2  H N N 225 
LYS HE3  H N N 226 
LYS HZ1  H N N 227 
LYS HZ2  H N N 228 
LYS HZ3  H N N 229 
LYS HXT  H N N 230 
MET N    N N N 231 
MET CA   C N S 232 
MET C    C N N 233 
MET O    O N N 234 
MET CB   C N N 235 
MET CG   C N N 236 
MET SD   S N N 237 
MET CE   C N N 238 
MET OXT  O N N 239 
MET H    H N N 240 
MET H2   H N N 241 
MET HA   H N N 242 
MET HB2  H N N 243 
MET HB3  H N N 244 
MET HG2  H N N 245 
MET HG3  H N N 246 
MET HE1  H N N 247 
MET HE2  H N N 248 
MET HE3  H N N 249 
MET HXT  H N N 250 
PHE N    N N N 251 
PHE CA   C N S 252 
PHE C    C N N 253 
PHE O    O N N 254 
PHE CB   C N N 255 
PHE CG   C Y N 256 
PHE CD1  C Y N 257 
PHE CD2  C Y N 258 
PHE CE1  C Y N 259 
PHE CE2  C Y N 260 
PHE CZ   C Y N 261 
PHE OXT  O N N 262 
PHE H    H N N 263 
PHE H2   H N N 264 
PHE HA   H N N 265 
PHE HB2  H N N 266 
PHE HB3  H N N 267 
PHE HD1  H N N 268 
PHE HD2  H N N 269 
PHE HE1  H N N 270 
PHE HE2  H N N 271 
PHE HZ   H N N 272 
PHE HXT  H N N 273 
PRO N    N N N 274 
PRO CA   C N S 275 
PRO C    C N N 276 
PRO O    O N N 277 
PRO CB   C N N 278 
PRO CG   C N N 279 
PRO CD   C N N 280 
PRO OXT  O N N 281 
PRO H    H N N 282 
PRO HA   H N N 283 
PRO HB2  H N N 284 
PRO HB3  H N N 285 
PRO HG2  H N N 286 
PRO HG3  H N N 287 
PRO HD2  H N N 288 
PRO HD3  H N N 289 
PRO HXT  H N N 290 
SER N    N N N 291 
SER CA   C N S 292 
SER C    C N N 293 
SER O    O N N 294 
SER CB   C N N 295 
SER OG   O N N 296 
SER OXT  O N N 297 
SER H    H N N 298 
SER H2   H N N 299 
SER HA   H N N 300 
SER HB2  H N N 301 
SER HB3  H N N 302 
SER HG   H N N 303 
SER HXT  H N N 304 
THR N    N N N 305 
THR CA   C N S 306 
THR C    C N N 307 
THR O    O N N 308 
THR CB   C N R 309 
THR OG1  O N N 310 
THR CG2  C N N 311 
THR OXT  O N N 312 
THR H    H N N 313 
THR H2   H N N 314 
THR HA   H N N 315 
THR HB   H N N 316 
THR HG1  H N N 317 
THR HG21 H N N 318 
THR HG22 H N N 319 
THR HG23 H N N 320 
THR HXT  H N N 321 
TRP N    N N N 322 
TRP CA   C N S 323 
TRP C    C N N 324 
TRP O    O N N 325 
TRP CB   C N N 326 
TRP CG   C Y N 327 
TRP CD1  C Y N 328 
TRP CD2  C Y N 329 
TRP NE1  N Y N 330 
TRP CE2  C Y N 331 
TRP CE3  C Y N 332 
TRP CZ2  C Y N 333 
TRP CZ3  C Y N 334 
TRP CH2  C Y N 335 
TRP OXT  O N N 336 
TRP H    H N N 337 
TRP H2   H N N 338 
TRP HA   H N N 339 
TRP HB2  H N N 340 
TRP HB3  H N N 341 
TRP HD1  H N N 342 
TRP HE1  H N N 343 
TRP HE3  H N N 344 
TRP HZ2  H N N 345 
TRP HZ3  H N N 346 
TRP HH2  H N N 347 
TRP HXT  H N N 348 
TYR N    N N N 349 
TYR CA   C N S 350 
TYR C    C N N 351 
TYR O    O N N 352 
TYR CB   C N N 353 
TYR CG   C Y N 354 
TYR CD1  C Y N 355 
TYR CD2  C Y N 356 
TYR CE1  C Y N 357 
TYR CE2  C Y N 358 
TYR CZ   C Y N 359 
TYR OH   O N N 360 
TYR OXT  O N N 361 
TYR H    H N N 362 
TYR H2   H N N 363 
TYR HA   H N N 364 
TYR HB2  H N N 365 
TYR HB3  H N N 366 
TYR HD1  H N N 367 
TYR HD2  H N N 368 
TYR HE1  H N N 369 
TYR HE2  H N N 370 
TYR HH   H N N 371 
TYR HXT  H N N 372 
VAL N    N N N 373 
VAL CA   C N S 374 
VAL C    C N N 375 
VAL O    O N N 376 
VAL CB   C N N 377 
VAL CG1  C N N 378 
VAL CG2  C N N 379 
VAL OXT  O N N 380 
VAL H    H N N 381 
VAL H2   H N N 382 
VAL HA   H N N 383 
VAL HB   H N N 384 
VAL HG11 H N N 385 
VAL HG12 H N N 386 
VAL HG13 H N N 387 
VAL HG21 H N N 388 
VAL HG22 H N N 389 
VAL HG23 H N N 390 
VAL HXT  H N N 391 
# 
loop_
_chem_comp_bond.comp_id 
_chem_comp_bond.atom_id_1 
_chem_comp_bond.atom_id_2 
_chem_comp_bond.value_order 
_chem_comp_bond.pdbx_aromatic_flag 
_chem_comp_bond.pdbx_stereo_config 
_chem_comp_bond.pdbx_ordinal 
ALA N   CA   sing N N 1   
ALA N   H    sing N N 2   
ALA N   H2   sing N N 3   
ALA CA  C    sing N N 4   
ALA CA  CB   sing N N 5   
ALA CA  HA   sing N N 6   
ALA C   O    doub N N 7   
ALA C   OXT  sing N N 8   
ALA CB  HB1  sing N N 9   
ALA CB  HB2  sing N N 10  
ALA CB  HB3  sing N N 11  
ALA OXT HXT  sing N N 12  
ARG N   CA   sing N N 13  
ARG N   H    sing N N 14  
ARG N   H2   sing N N 15  
ARG CA  C    sing N N 16  
ARG CA  CB   sing N N 17  
ARG CA  HA   sing N N 18  
ARG C   O    doub N N 19  
ARG C   OXT  sing N N 20  
ARG CB  CG   sing N N 21  
ARG CB  HB2  sing N N 22  
ARG CB  HB3  sing N N 23  
ARG CG  CD   sing N N 24  
ARG CG  HG2  sing N N 25  
ARG CG  HG3  sing N N 26  
ARG CD  NE   sing N N 27  
ARG CD  HD2  sing N N 28  
ARG CD  HD3  sing N N 29  
ARG NE  CZ   sing N N 30  
ARG NE  HE   sing N N 31  
ARG CZ  NH1  sing N N 32  
ARG CZ  NH2  doub N N 33  
ARG NH1 HH11 sing N N 34  
ARG NH1 HH12 sing N N 35  
ARG NH2 HH21 sing N N 36  
ARG NH2 HH22 sing N N 37  
ARG OXT HXT  sing N N 38  
ASN N   CA   sing N N 39  
ASN N   H    sing N N 40  
ASN N   H2   sing N N 41  
ASN CA  C    sing N N 42  
ASN CA  CB   sing N N 43  
ASN CA  HA   sing N N 44  
ASN C   O    doub N N 45  
ASN C   OXT  sing N N 46  
ASN CB  CG   sing N N 47  
ASN CB  HB2  sing N N 48  
ASN CB  HB3  sing N N 49  
ASN CG  OD1  doub N N 50  
ASN CG  ND2  sing N N 51  
ASN ND2 HD21 sing N N 52  
ASN ND2 HD22 sing N N 53  
ASN OXT HXT  sing N N 54  
ASP N   CA   sing N N 55  
ASP N   H    sing N N 56  
ASP N   H2   sing N N 57  
ASP CA  C    sing N N 58  
ASP CA  CB   sing N N 59  
ASP CA  HA   sing N N 60  
ASP C   O    doub N N 61  
ASP C   OXT  sing N N 62  
ASP CB  CG   sing N N 63  
ASP CB  HB2  sing N N 64  
ASP CB  HB3  sing N N 65  
ASP CG  OD1  doub N N 66  
ASP CG  OD2  sing N N 67  
ASP OD2 HD2  sing N N 68  
ASP OXT HXT  sing N N 69  
CYS N   CA   sing N N 70  
CYS N   H    sing N N 71  
CYS N   H2   sing N N 72  
CYS CA  C    sing N N 73  
CYS CA  CB   sing N N 74  
CYS CA  HA   sing N N 75  
CYS C   O    doub N N 76  
CYS C   OXT  sing N N 77  
CYS CB  SG   sing N N 78  
CYS CB  HB2  sing N N 79  
CYS CB  HB3  sing N N 80  
CYS SG  HG   sing N N 81  
CYS OXT HXT  sing N N 82  
GLN N   CA   sing N N 83  
GLN N   H    sing N N 84  
GLN N   H2   sing N N 85  
GLN CA  C    sing N N 86  
GLN CA  CB   sing N N 87  
GLN CA  HA   sing N N 88  
GLN C   O    doub N N 89  
GLN C   OXT  sing N N 90  
GLN CB  CG   sing N N 91  
GLN CB  HB2  sing N N 92  
GLN CB  HB3  sing N N 93  
GLN CG  CD   sing N N 94  
GLN CG  HG2  sing N N 95  
GLN CG  HG3  sing N N 96  
GLN CD  OE1  doub N N 97  
GLN CD  NE2  sing N N 98  
GLN NE2 HE21 sing N N 99  
GLN NE2 HE22 sing N N 100 
GLN OXT HXT  sing N N 101 
GLU N   CA   sing N N 102 
GLU N   H    sing N N 103 
GLU N   H2   sing N N 104 
GLU CA  C    sing N N 105 
GLU CA  CB   sing N N 106 
GLU CA  HA   sing N N 107 
GLU C   O    doub N N 108 
GLU C   OXT  sing N N 109 
GLU CB  CG   sing N N 110 
GLU CB  HB2  sing N N 111 
GLU CB  HB3  sing N N 112 
GLU CG  CD   sing N N 113 
GLU CG  HG2  sing N N 114 
GLU CG  HG3  sing N N 115 
GLU CD  OE1  doub N N 116 
GLU CD  OE2  sing N N 117 
GLU OE2 HE2  sing N N 118 
GLU OXT HXT  sing N N 119 
GLY N   CA   sing N N 120 
GLY N   H    sing N N 121 
GLY N   H2   sing N N 122 
GLY CA  C    sing N N 123 
GLY CA  HA2  sing N N 124 
GLY CA  HA3  sing N N 125 
GLY C   O    doub N N 126 
GLY C   OXT  sing N N 127 
GLY OXT HXT  sing N N 128 
HIS N   CA   sing N N 129 
HIS N   H    sing N N 130 
HIS N   H2   sing N N 131 
HIS CA  C    sing N N 132 
HIS CA  CB   sing N N 133 
HIS CA  HA   sing N N 134 
HIS C   O    doub N N 135 
HIS C   OXT  sing N N 136 
HIS CB  CG   sing N N 137 
HIS CB  HB2  sing N N 138 
HIS CB  HB3  sing N N 139 
HIS CG  ND1  sing Y N 140 
HIS CG  CD2  doub Y N 141 
HIS ND1 CE1  doub Y N 142 
HIS ND1 HD1  sing N N 143 
HIS CD2 NE2  sing Y N 144 
HIS CD2 HD2  sing N N 145 
HIS CE1 NE2  sing Y N 146 
HIS CE1 HE1  sing N N 147 
HIS NE2 HE2  sing N N 148 
HIS OXT HXT  sing N N 149 
HOH O   H1   sing N N 150 
HOH O   H2   sing N N 151 
ILE N   CA   sing N N 152 
ILE N   H    sing N N 153 
ILE N   H2   sing N N 154 
ILE CA  C    sing N N 155 
ILE CA  CB   sing N N 156 
ILE CA  HA   sing N N 157 
ILE C   O    doub N N 158 
ILE C   OXT  sing N N 159 
ILE CB  CG1  sing N N 160 
ILE CB  CG2  sing N N 161 
ILE CB  HB   sing N N 162 
ILE CG1 CD1  sing N N 163 
ILE CG1 HG12 sing N N 164 
ILE CG1 HG13 sing N N 165 
ILE CG2 HG21 sing N N 166 
ILE CG2 HG22 sing N N 167 
ILE CG2 HG23 sing N N 168 
ILE CD1 HD11 sing N N 169 
ILE CD1 HD12 sing N N 170 
ILE CD1 HD13 sing N N 171 
ILE OXT HXT  sing N N 172 
LEU N   CA   sing N N 173 
LEU N   H    sing N N 174 
LEU N   H2   sing N N 175 
LEU CA  C    sing N N 176 
LEU CA  CB   sing N N 177 
LEU CA  HA   sing N N 178 
LEU C   O    doub N N 179 
LEU C   OXT  sing N N 180 
LEU CB  CG   sing N N 181 
LEU CB  HB2  sing N N 182 
LEU CB  HB3  sing N N 183 
LEU CG  CD1  sing N N 184 
LEU CG  CD2  sing N N 185 
LEU CG  HG   sing N N 186 
LEU CD1 HD11 sing N N 187 
LEU CD1 HD12 sing N N 188 
LEU CD1 HD13 sing N N 189 
LEU CD2 HD21 sing N N 190 
LEU CD2 HD22 sing N N 191 
LEU CD2 HD23 sing N N 192 
LEU OXT HXT  sing N N 193 
LYS N   CA   sing N N 194 
LYS N   H    sing N N 195 
LYS N   H2   sing N N 196 
LYS CA  C    sing N N 197 
LYS CA  CB   sing N N 198 
LYS CA  HA   sing N N 199 
LYS C   O    doub N N 200 
LYS C   OXT  sing N N 201 
LYS CB  CG   sing N N 202 
LYS CB  HB2  sing N N 203 
LYS CB  HB3  sing N N 204 
LYS CG  CD   sing N N 205 
LYS CG  HG2  sing N N 206 
LYS CG  HG3  sing N N 207 
LYS CD  CE   sing N N 208 
LYS CD  HD2  sing N N 209 
LYS CD  HD3  sing N N 210 
LYS CE  NZ   sing N N 211 
LYS CE  HE2  sing N N 212 
LYS CE  HE3  sing N N 213 
LYS NZ  HZ1  sing N N 214 
LYS NZ  HZ2  sing N N 215 
LYS NZ  HZ3  sing N N 216 
LYS OXT HXT  sing N N 217 
MET N   CA   sing N N 218 
MET N   H    sing N N 219 
MET N   H2   sing N N 220 
MET CA  C    sing N N 221 
MET CA  CB   sing N N 222 
MET CA  HA   sing N N 223 
MET C   O    doub N N 224 
MET C   OXT  sing N N 225 
MET CB  CG   sing N N 226 
MET CB  HB2  sing N N 227 
MET CB  HB3  sing N N 228 
MET CG  SD   sing N N 229 
MET CG  HG2  sing N N 230 
MET CG  HG3  sing N N 231 
MET SD  CE   sing N N 232 
MET CE  HE1  sing N N 233 
MET CE  HE2  sing N N 234 
MET CE  HE3  sing N N 235 
MET OXT HXT  sing N N 236 
PHE N   CA   sing N N 237 
PHE N   H    sing N N 238 
PHE N   H2   sing N N 239 
PHE CA  C    sing N N 240 
PHE CA  CB   sing N N 241 
PHE CA  HA   sing N N 242 
PHE C   O    doub N N 243 
PHE C   OXT  sing N N 244 
PHE CB  CG   sing N N 245 
PHE CB  HB2  sing N N 246 
PHE CB  HB3  sing N N 247 
PHE CG  CD1  doub Y N 248 
PHE CG  CD2  sing Y N 249 
PHE CD1 CE1  sing Y N 250 
PHE CD1 HD1  sing N N 251 
PHE CD2 CE2  doub Y N 252 
PHE CD2 HD2  sing N N 253 
PHE CE1 CZ   doub Y N 254 
PHE CE1 HE1  sing N N 255 
PHE CE2 CZ   sing Y N 256 
PHE CE2 HE2  sing N N 257 
PHE CZ  HZ   sing N N 258 
PHE OXT HXT  sing N N 259 
PRO N   CA   sing N N 260 
PRO N   CD   sing N N 261 
PRO N   H    sing N N 262 
PRO CA  C    sing N N 263 
PRO CA  CB   sing N N 264 
PRO CA  HA   sing N N 265 
PRO C   O    doub N N 266 
PRO C   OXT  sing N N 267 
PRO CB  CG   sing N N 268 
PRO CB  HB2  sing N N 269 
PRO CB  HB3  sing N N 270 
PRO CG  CD   sing N N 271 
PRO CG  HG2  sing N N 272 
PRO CG  HG3  sing N N 273 
PRO CD  HD2  sing N N 274 
PRO CD  HD3  sing N N 275 
PRO OXT HXT  sing N N 276 
SER N   CA   sing N N 277 
SER N   H    sing N N 278 
SER N   H2   sing N N 279 
SER CA  C    sing N N 280 
SER CA  CB   sing N N 281 
SER CA  HA   sing N N 282 
SER C   O    doub N N 283 
SER C   OXT  sing N N 284 
SER CB  OG   sing N N 285 
SER CB  HB2  sing N N 286 
SER CB  HB3  sing N N 287 
SER OG  HG   sing N N 288 
SER OXT HXT  sing N N 289 
THR N   CA   sing N N 290 
THR N   H    sing N N 291 
THR N   H2   sing N N 292 
THR CA  C    sing N N 293 
THR CA  CB   sing N N 294 
THR CA  HA   sing N N 295 
THR C   O    doub N N 296 
THR C   OXT  sing N N 297 
THR CB  OG1  sing N N 298 
THR CB  CG2  sing N N 299 
THR CB  HB   sing N N 300 
THR OG1 HG1  sing N N 301 
THR CG2 HG21 sing N N 302 
THR CG2 HG22 sing N N 303 
THR CG2 HG23 sing N N 304 
THR OXT HXT  sing N N 305 
TRP N   CA   sing N N 306 
TRP N   H    sing N N 307 
TRP N   H2   sing N N 308 
TRP CA  C    sing N N 309 
TRP CA  CB   sing N N 310 
TRP CA  HA   sing N N 311 
TRP C   O    doub N N 312 
TRP C   OXT  sing N N 313 
TRP CB  CG   sing N N 314 
TRP CB  HB2  sing N N 315 
TRP CB  HB3  sing N N 316 
TRP CG  CD1  doub Y N 317 
TRP CG  CD2  sing Y N 318 
TRP CD1 NE1  sing Y N 319 
TRP CD1 HD1  sing N N 320 
TRP CD2 CE2  doub Y N 321 
TRP CD2 CE3  sing Y N 322 
TRP NE1 CE2  sing Y N 323 
TRP NE1 HE1  sing N N 324 
TRP CE2 CZ2  sing Y N 325 
TRP CE3 CZ3  doub Y N 326 
TRP CE3 HE3  sing N N 327 
TRP CZ2 CH2  doub Y N 328 
TRP CZ2 HZ2  sing N N 329 
TRP CZ3 CH2  sing Y N 330 
TRP CZ3 HZ3  sing N N 331 
TRP CH2 HH2  sing N N 332 
TRP OXT HXT  sing N N 333 
TYR N   CA   sing N N 334 
TYR N   H    sing N N 335 
TYR N   H2   sing N N 336 
TYR CA  C    sing N N 337 
TYR CA  CB   sing N N 338 
TYR CA  HA   sing N N 339 
TYR C   O    doub N N 340 
TYR C   OXT  sing N N 341 
TYR CB  CG   sing N N 342 
TYR CB  HB2  sing N N 343 
TYR CB  HB3  sing N N 344 
TYR CG  CD1  doub Y N 345 
TYR CG  CD2  sing Y N 346 
TYR CD1 CE1  sing Y N 347 
TYR CD1 HD1  sing N N 348 
TYR CD2 CE2  doub Y N 349 
TYR CD2 HD2  sing N N 350 
TYR CE1 CZ   doub Y N 351 
TYR CE1 HE1  sing N N 352 
TYR CE2 CZ   sing Y N 353 
TYR CE2 HE2  sing N N 354 
TYR CZ  OH   sing N N 355 
TYR OH  HH   sing N N 356 
TYR OXT HXT  sing N N 357 
VAL N   CA   sing N N 358 
VAL N   H    sing N N 359 
VAL N   H2   sing N N 360 
VAL CA  C    sing N N 361 
VAL CA  CB   sing N N 362 
VAL CA  HA   sing N N 363 
VAL C   O    doub N N 364 
VAL C   OXT  sing N N 365 
VAL CB  CG1  sing N N 366 
VAL CB  CG2  sing N N 367 
VAL CB  HB   sing N N 368 
VAL CG1 HG11 sing N N 369 
VAL CG1 HG12 sing N N 370 
VAL CG1 HG13 sing N N 371 
VAL CG2 HG21 sing N N 372 
VAL CG2 HG22 sing N N 373 
VAL CG2 HG23 sing N N 374 
VAL OXT HXT  sing N N 375 
# 
_atom_sites.entry_id                    1OJ5 
_atom_sites.fract_transf_matrix[1][1]   -0.00644877 
_atom_sites.fract_transf_matrix[1][2]   -0.00746477 
_atom_sites.fract_transf_matrix[1][3]   0.01576171 
_atom_sites.fract_transf_matrix[2][1]   0.00605208 
_atom_sites.fract_transf_matrix[2][2]   -0.01668532 
_atom_sites.fract_transf_matrix[2][3]   0.00554158 
_atom_sites.fract_transf_matrix[3][1]   0.01008415 
_atom_sites.fract_transf_matrix[3][2]   0.00596649 
_atom_sites.fract_transf_matrix[3][3]   0.00695158 
_atom_sites.fract_transf_vector[1]      0.517493 
_atom_sites.fract_transf_vector[2]      0.302180 
_atom_sites.fract_transf_vector[3]      0.278576 
# 
loop_
_atom_type.symbol 
C 
I 
N 
O 
S 
# 
loop_
_atom_site.group_PDB 
_atom_site.id 
_atom_site.type_symbol 
_atom_site.label_atom_id 
_atom_site.label_alt_id 
_atom_site.label_comp_id 
_atom_site.label_asym_id 
_atom_site.label_entity_id 
_atom_site.label_seq_id 
_atom_site.pdbx_PDB_ins_code 
_atom_site.Cartn_x 
_atom_site.Cartn_y 
_atom_site.Cartn_z 
_atom_site.occupancy 
_atom_site.B_iso_or_equiv 
_atom_site.pdbx_formal_charge 
_atom_site.auth_seq_id 
_atom_site.auth_comp_id 
_atom_site.auth_asym_id 
_atom_site.auth_atom_id 
_atom_site.pdbx_PDB_model_num 
ATOM   1    N N   . VAL A 1 6   ? -10.288 -1.129  12.834  1.00 49.53 ? 259  VAL A N   1 
ATOM   2    C CA  . VAL A 1 6   ? -9.684  -1.425  11.501  1.00 48.92 ? 259  VAL A CA  1 
ATOM   3    C C   . VAL A 1 6   ? -8.167  -1.183  11.546  1.00 47.66 ? 259  VAL A C   1 
ATOM   4    O O   . VAL A 1 6   ? -7.714  -0.059  11.767  1.00 48.28 ? 259  VAL A O   1 
ATOM   5    C CB  . VAL A 1 6   ? -10.334 -0.571  10.401  1.00 49.38 ? 259  VAL A CB  1 
ATOM   6    C CG1 . VAL A 1 6   ? -9.837  -0.990  9.008   1.00 50.07 ? 259  VAL A CG1 1 
ATOM   7    C CG2 . VAL A 1 6   ? -11.873 -0.688  10.481  1.00 50.41 ? 259  VAL A CG2 1 
ATOM   8    N N   . GLU A 1 7   ? -7.406  -2.265  11.367  1.00 45.54 ? 260  GLU A N   1 
ATOM   9    C CA  . GLU A 1 7   ? -5.955  -2.216  11.222  1.00 43.35 ? 260  GLU A CA  1 
ATOM   10   C C   . GLU A 1 7   ? -5.617  -1.856  9.766   1.00 41.24 ? 260  GLU A C   1 
ATOM   11   O O   . GLU A 1 7   ? -5.888  -2.624  8.842   1.00 40.31 ? 260  GLU A O   1 
ATOM   12   C CB  . GLU A 1 7   ? -5.342  -3.572  11.600  1.00 43.69 ? 260  GLU A CB  1 
ATOM   13   C CG  . GLU A 1 7   ? -3.837  -3.545  11.797  1.00 44.47 ? 260  GLU A CG  1 
ATOM   14   C CD  . GLU A 1 7   ? -3.270  -4.850  12.337  1.00 47.60 ? 260  GLU A CD  1 
ATOM   15   O OE1 . GLU A 1 7   ? -3.976  -5.876  12.340  1.00 48.46 ? 260  GLU A OE1 1 
ATOM   16   O OE2 . GLU A 1 7   ? -2.084  -4.864  12.751  1.00 50.38 ? 260  GLU A OE2 1 
ATOM   17   N N   . SER A 1 8   ? -5.036  -0.679  9.567   1.00 38.64 ? 261  SER A N   1 
ATOM   18   C CA  . SER A 1 8   ? -4.748  -0.187  8.228   1.00 37.06 ? 261  SER A CA  1 
ATOM   19   C C   . SER A 1 8   ? -3.580  0.771   8.212   1.00 35.24 ? 261  SER A C   1 
ATOM   20   O O   . SER A 1 8   ? -3.108  1.184   9.267   1.00 35.32 ? 261  SER A O   1 
ATOM   21   C CB  . SER A 1 8   ? -5.993  0.525   7.684   1.00 36.57 ? 261  SER A CB  1 
ATOM   22   O OG  . SER A 1 8   ? -6.295  1.670   8.463   1.00 38.91 ? 261  SER A OG  1 
ATOM   23   N N   . PHE A 1 9   ? -3.129  1.137   7.009   1.00 34.11 ? 262  PHE A N   1 
ATOM   24   C CA  . PHE A 1 9   ? -2.237  2.283   6.819   1.00 32.87 ? 262  PHE A CA  1 
ATOM   25   C C   . PHE A 1 9   ? -2.585  3.023   5.531   1.00 33.17 ? 262  PHE A C   1 
ATOM   26   O O   . PHE A 1 9   ? -3.252  2.476   4.663   1.00 33.35 ? 262  PHE A O   1 
ATOM   27   C CB  . PHE A 1 9   ? -0.760  1.875   6.857   1.00 32.29 ? 262  PHE A CB  1 
ATOM   28   C CG  . PHE A 1 9   ? -0.322  0.963   5.723   1.00 30.26 ? 262  PHE A CG  1 
ATOM   29   C CD1 . PHE A 1 9   ? -0.504  -0.416  5.808   1.00 29.55 ? 262  PHE A CD1 1 
ATOM   30   C CD2 . PHE A 1 9   ? 0.268   1.481   4.591   1.00 27.17 ? 262  PHE A CD2 1 
ATOM   31   C CE1 . PHE A 1 9   ? -0.090  -1.276  4.771   1.00 28.75 ? 262  PHE A CE1 1 
ATOM   32   C CE2 . PHE A 1 9   ? 0.701   0.626   3.536   1.00 28.60 ? 262  PHE A CE2 1 
ATOM   33   C CZ  . PHE A 1 9   ? 0.520   -0.747  3.628   1.00 27.21 ? 262  PHE A CZ  1 
ATOM   34   N N   . MET A 1 10  ? -2.147  4.265   5.420   1.00 33.10 ? 263  MET A N   1 
ATOM   35   C CA  . MET A 1 10  ? -2.451  5.108   4.260   1.00 34.00 ? 263  MET A CA  1 
ATOM   36   C C   . MET A 1 10  ? -1.182  5.384   3.487   1.00 33.26 ? 263  MET A C   1 
ATOM   37   O O   . MET A 1 10  ? -0.096  5.454   4.059   1.00 32.62 ? 263  MET A O   1 
ATOM   38   C CB  . MET A 1 10  ? -3.045  6.471   4.688   1.00 34.91 ? 263  MET A CB  1 
ATOM   39   C CG  A MET A 1 10  ? -4.328  6.399   5.479   0.60 37.26 ? 263  MET A CG  1 
ATOM   40   C CG  B MET A 1 10  ? -4.402  6.376   5.436   0.40 36.19 ? 263  MET A CG  1 
ATOM   41   S SD  A MET A 1 10  ? -5.745  5.902   4.542   0.60 42.13 ? 263  MET A SD  1 
ATOM   42   S SD  B MET A 1 10  ? -4.800  7.717   6.662   0.40 39.12 ? 263  MET A SD  1 
ATOM   43   C CE  A MET A 1 10  ? -5.832  7.066   3.145   0.60 41.62 ? 263  MET A CE  1 
ATOM   44   C CE  B MET A 1 10  ? -3.772  9.125   6.078   0.40 39.43 ? 263  MET A CE  1 
ATOM   45   N N   . THR A 1 11  ? -1.331  5.542   2.180   1.00 33.46 ? 264  THR A N   1 
ATOM   46   C CA  . THR A 1 11  ? -0.278  6.060   1.332   1.00 33.05 ? 264  THR A CA  1 
ATOM   47   C C   . THR A 1 11  ? -0.760  7.254   0.507   1.00 33.62 ? 264  THR A C   1 
ATOM   48   O O   . THR A 1 11  ? -1.952  7.396   0.213   1.00 33.80 ? 264  THR A O   1 
ATOM   49   C CB  . THR A 1 11  ? 0.247   4.975   0.388   1.00 33.20 ? 264  THR A CB  1 
ATOM   50   O OG1 . THR A 1 11  ? -0.830  4.400   -0.378  1.00 31.92 ? 264  THR A OG1 1 
ATOM   51   C CG2 . THR A 1 11  ? 0.867   3.828   1.183   1.00 32.98 ? 264  THR A CG2 1 
ATOM   52   N N   . LYS A 1 12  ? 0.190   8.092   0.116   1.00 33.66 ? 265  LYS A N   1 
ATOM   53   C CA  . LYS A 1 12  ? -0.029  9.086   -0.913  1.00 34.09 ? 265  LYS A CA  1 
ATOM   54   C C   . LYS A 1 12  ? 0.987   8.874   -2.035  1.00 33.55 ? 265  LYS A C   1 
ATOM   55   O O   . LYS A 1 12  ? 2.210   8.750   -1.793  1.00 33.06 ? 265  LYS A O   1 
ATOM   56   C CB  . LYS A 1 12  ? 0.097   10.515  -0.354  1.00 34.24 ? 265  LYS A CB  1 
ATOM   57   C CG  . LYS A 1 12  ? -0.169  11.630  -1.400  1.00 35.55 ? 265  LYS A CG  1 
ATOM   58   C CD  . LYS A 1 12  ? 0.407   13.001  -0.977  0.50 37.20 ? 265  LYS A CD  1 
ATOM   59   C CE  . LYS A 1 12  ? -0.631  13.912  -0.361  0.50 38.47 ? 265  LYS A CE  1 
ATOM   60   N NZ  . LYS A 1 12  ? -0.040  15.223  0.058   0.50 39.66 ? 265  LYS A NZ  1 
ATOM   61   N N   . GLN A 1 13  ? 0.471   8.869   -3.258  1.00 32.72 ? 266  GLN A N   1 
ATOM   62   C CA  . GLN A 1 13  ? 1.282   8.759   -4.449  1.00 32.95 ? 266  GLN A CA  1 
ATOM   63   C C   . GLN A 1 13  ? 1.122   10.015  -5.299  1.00 33.82 ? 266  GLN A C   1 
ATOM   64   O O   . GLN A 1 13  ? 0.033   10.609  -5.336  1.00 33.35 ? 266  GLN A O   1 
ATOM   65   C CB  . GLN A 1 13  ? 0.849   7.536   -5.263  1.00 32.66 ? 266  GLN A CB  1 
ATOM   66   C CG  . GLN A 1 13  ? 1.220   6.144   -4.637  1.00 32.24 ? 266  GLN A CG  1 
ATOM   67   C CD  . GLN A 1 13  ? 0.407   5.009   -5.255  1.00 31.11 ? 266  GLN A CD  1 
ATOM   68   O OE1 . GLN A 1 13  ? -0.761  4.852   -4.946  1.00 28.67 ? 266  GLN A OE1 1 
ATOM   69   N NE2 . GLN A 1 13  ? 1.014   4.254   -6.151  1.00 31.04 ? 266  GLN A NE2 1 
ATOM   70   N N   . ASP A 1 14  ? 2.178   10.408  -6.009  1.00 34.62 ? 267  ASP A N   1 
ATOM   71   C CA  . ASP A 1 14  ? 2.031   11.453  -7.023  1.00 35.92 ? 267  ASP A CA  1 
ATOM   72   C C   . ASP A 1 14  ? 1.422   10.793  -8.260  1.00 36.33 ? 267  ASP A C   1 
ATOM   73   O O   . ASP A 1 14  ? 1.161   9.579   -8.243  1.00 35.75 ? 267  ASP A O   1 
ATOM   74   C CB  . ASP A 1 14  ? 3.362   12.225  -7.286  1.00 36.06 ? 267  ASP A CB  1 
ATOM   75   C CG  . ASP A 1 14  ? 4.451   11.363  -7.920  1.00 38.08 ? 267  ASP A CG  1 
ATOM   76   O OD1 . ASP A 1 14  ? 4.162   10.337  -8.572  1.00 38.25 ? 267  ASP A OD1 1 
ATOM   77   O OD2 . ASP A 1 14  ? 5.655   11.643  -7.824  1.00 42.82 ? 267  ASP A OD2 1 
ATOM   78   N N   . THR A 1 15  ? 1.181   11.574  -9.316  1.00 36.79 ? 268  THR A N   1 
ATOM   79   C CA  . THR A 1 15  ? 0.566   11.049  -10.540 1.00 37.38 ? 268  THR A CA  1 
ATOM   80   C C   . THR A 1 15  ? 1.495   10.230  -11.416 1.00 37.16 ? 268  THR A C   1 
ATOM   81   O O   . THR A 1 15  ? 1.093   9.819   -12.486 1.00 37.69 ? 268  THR A O   1 
ATOM   82   C CB  . THR A 1 15  ? -0.065  12.162  -11.407 1.00 37.69 ? 268  THR A CB  1 
ATOM   83   O OG1 . THR A 1 15  ? 0.848   13.257  -11.535 1.00 38.84 ? 268  THR A OG1 1 
ATOM   84   C CG2 . THR A 1 15  ? -1.296  12.741  -10.723 1.00 39.06 ? 268  THR A CG2 1 
ATOM   85   N N   . THR A 1 16  ? 2.719   9.978   -10.973 1.00 37.51 ? 269  THR A N   1 
ATOM   86   C CA  . THR A 1 16  ? 3.562   8.963   -11.609 1.00 37.45 ? 269  THR A CA  1 
ATOM   87   C C   . THR A 1 16  ? 3.425   7.613   -10.896 1.00 36.75 ? 269  THR A C   1 
ATOM   88   O O   . THR A 1 16  ? 3.944   6.600   -11.377 1.00 35.84 ? 269  THR A O   1 
ATOM   89   C CB  . THR A 1 16  ? 5.048   9.401   -11.614 1.00 38.16 ? 269  THR A CB  1 
ATOM   90   O OG1 . THR A 1 16  ? 5.560   9.405   -10.272 1.00 39.02 ? 269  THR A OG1 1 
ATOM   91   C CG2 . THR A 1 16  ? 5.213   10.861  -12.084 1.00 38.75 ? 269  THR A CG2 1 
ATOM   92   N N   . GLY A 1 17  ? 2.727   7.599   -9.756  1.00 35.86 ? 270  GLY A N   1 
ATOM   93   C CA  . GLY A 1 17  ? 2.594   6.387   -8.950  1.00 35.62 ? 270  GLY A CA  1 
ATOM   94   C C   . GLY A 1 17  ? 3.647   6.203   -7.865  1.00 35.40 ? 270  GLY A C   1 
ATOM   95   O O   . GLY A 1 17  ? 3.585   5.251   -7.075  1.00 35.56 ? 270  GLY A O   1 
ATOM   96   N N   . LYS A 1 18  ? 4.609   7.118   -7.803  1.00 35.65 ? 271  LYS A N   1 
ATOM   97   C CA  . LYS A 1 18  ? 5.607   7.145   -6.726  1.00 36.23 ? 271  LYS A CA  1 
ATOM   98   C C   . LYS A 1 18  ? 4.956   7.442   -5.394  1.00 35.83 ? 271  LYS A C   1 
ATOM   99   O O   . LYS A 1 18  ? 4.145   8.357   -5.284  1.00 35.87 ? 271  LYS A O   1 
ATOM   100  C CB  . LYS A 1 18  ? 6.658   8.221   -7.015  1.00 37.14 ? 271  LYS A CB  1 
ATOM   101  C CG  . LYS A 1 18  ? 7.850   8.207   -6.077  1.00 39.70 ? 271  LYS A CG  1 
ATOM   102  C CD  . LYS A 1 18  ? 8.798   9.376   -6.378  1.00 43.44 ? 271  LYS A CD  1 
ATOM   103  C CE  . LYS A 1 18  ? 9.817   9.571   -5.271  1.00 46.20 ? 271  LYS A CE  1 
ATOM   104  N NZ  . LYS A 1 18  ? 11.173  9.930   -5.832  1.00 50.49 ? 271  LYS A NZ  1 
ATOM   105  N N   . ILE A 1 19  ? 5.301   6.661   -4.377  1.00 35.36 ? 272  ILE A N   1 
ATOM   106  C CA  . ILE A 1 19  ? 4.764   6.862   -3.051  1.00 35.24 ? 272  ILE A CA  1 
ATOM   107  C C   . ILE A 1 19  ? 5.523   8.023   -2.429  1.00 35.86 ? 272  ILE A C   1 
ATOM   108  O O   . ILE A 1 19  ? 6.734   7.958   -2.314  1.00 35.58 ? 272  ILE A O   1 
ATOM   109  C CB  . ILE A 1 19  ? 4.903   5.599   -2.192  1.00 34.75 ? 272  ILE A CB  1 
ATOM   110  C CG1 . ILE A 1 19  ? 4.089   4.448   -2.818  1.00 33.96 ? 272  ILE A CG1 1 
ATOM   111  C CG2 . ILE A 1 19  ? 4.444   5.891   -0.758  1.00 33.95 ? 272  ILE A CG2 1 
ATOM   112  C CD1 . ILE A 1 19  ? 4.148   3.149   -2.024  1.00 34.72 ? 272  ILE A CD1 1 
ATOM   113  N N   . ILE A 1 20  ? 4.803   9.083   -2.049  1.00 36.52 ? 273  ILE A N   1 
ATOM   114  C CA  . ILE A 1 20  ? 5.432   10.267  -1.455  1.00 36.80 ? 273  ILE A CA  1 
ATOM   115  C C   . ILE A 1 20  ? 5.187   10.438  0.035   1.00 36.12 ? 273  ILE A C   1 
ATOM   116  O O   . ILE A 1 20  ? 5.883   11.226  0.686   1.00 37.04 ? 273  ILE A O   1 
ATOM   117  C CB  . ILE A 1 20  ? 5.068   11.547  -2.245  1.00 37.70 ? 273  ILE A CB  1 
ATOM   118  C CG1 . ILE A 1 20  ? 3.560   11.740  -2.373  1.00 38.97 ? 273  ILE A CG1 1 
ATOM   119  C CG2 . ILE A 1 20  ? 5.709   11.500  -3.641  1.00 38.89 ? 273  ILE A CG2 1 
ATOM   120  C CD1 . ILE A 1 20  ? 3.179   13.145  -2.918  1.00 41.60 ? 273  ILE A CD1 1 
ATOM   121  N N   . SER A 1 21  ? 4.224   9.708   0.591   1.00 35.33 ? 274  SER A N   1 
ATOM   122  C CA  . SER A 1 21  ? 4.156   9.534   2.045   1.00 34.82 ? 274  SER A CA  1 
ATOM   123  C C   . SER A 1 21  ? 3.362   8.310   2.454   1.00 34.29 ? 274  SER A C   1 
ATOM   124  O O   . SER A 1 21  ? 2.546   7.784   1.702   1.00 32.85 ? 274  SER A O   1 
ATOM   125  C CB  . SER A 1 21  ? 3.563   10.765  2.750   1.00 35.31 ? 274  SER A CB  1 
ATOM   126  O OG  . SER A 1 21  ? 2.350   11.143  2.131   1.00 36.57 ? 274  SER A OG  1 
ATOM   127  N N   . ILE A 1 22  ? 3.638   7.874   3.674   1.00 34.09 ? 275  ILE A N   1 
ATOM   128  C CA  . ILE A 1 22  ? 2.965   6.764   4.301   1.00 34.33 ? 275  ILE A CA  1 
ATOM   129  C C   . ILE A 1 22  ? 2.594   7.245   5.683   1.00 34.35 ? 275  ILE A C   1 
ATOM   130  O O   . ILE A 1 22  ? 3.377   7.937   6.328   1.00 35.22 ? 275  ILE A O   1 
ATOM   131  C CB  . ILE A 1 22  ? 3.879   5.533   4.399   1.00 33.56 ? 275  ILE A CB  1 
ATOM   132  C CG1 . ILE A 1 22  ? 4.311   5.074   3.005   1.00 34.79 ? 275  ILE A CG1 1 
ATOM   133  C CG2 . ILE A 1 22  ? 3.178   4.406   5.086   1.00 34.48 ? 275  ILE A CG2 1 
ATOM   134  C CD1 . ILE A 1 22  ? 5.340   3.954   3.013   1.00 33.62 ? 275  ILE A CD1 1 
ATOM   135  N N   . ASP A 1 23  ? 1.403   6.861   6.131   1.00 34.43 ? 276  ASP A N   1 
ATOM   136  C CA  . ASP A 1 23  ? 0.916   7.151   7.471   1.00 34.88 ? 276  ASP A CA  1 
ATOM   137  C C   . ASP A 1 23  ? 0.634   5.826   8.167   1.00 34.39 ? 276  ASP A C   1 
ATOM   138  O O   . ASP A 1 23  ? -0.290  5.104   7.780   1.00 34.08 ? 276  ASP A O   1 
ATOM   139  C CB  . ASP A 1 23  ? -0.377  7.974   7.382   1.00 35.32 ? 276  ASP A CB  1 
ATOM   140  C CG  . ASP A 1 23  ? -0.861  8.460   8.726   1.00 37.41 ? 276  ASP A CG  1 
ATOM   141  O OD1 . ASP A 1 23  ? -0.645  7.761   9.746   1.00 37.93 ? 276  ASP A OD1 1 
ATOM   142  O OD2 . ASP A 1 23  ? -1.486  9.541   8.847   1.00 43.08 ? 276  ASP A OD2 1 
ATOM   143  N N   . THR A 1 24  ? 1.446   5.527   9.175   1.00 34.28 ? 277  THR A N   1 
ATOM   144  C CA  . THR A 1 24  ? 1.368   4.314   9.983   1.00 34.75 ? 277  THR A CA  1 
ATOM   145  C C   . THR A 1 24  ? 0.791   4.558   11.390  1.00 35.31 ? 277  THR A C   1 
ATOM   146  O O   . THR A 1 24  ? 0.965   3.730   12.279  1.00 35.35 ? 277  THR A O   1 
ATOM   147  C CB  . THR A 1 24  ? 2.797   3.688   10.137  1.00 35.24 ? 277  THR A CB  1 
ATOM   148  O OG1 . THR A 1 24  ? 3.644   4.578   10.878  1.00 34.34 ? 277  THR A OG1 1 
ATOM   149  C CG2 . THR A 1 24  ? 3.507   3.529   8.787   1.00 34.47 ? 277  THR A CG2 1 
ATOM   150  N N   . SER A 1 25  ? 0.121   5.687   11.594  1.00 36.12 ? 278  SER A N   1 
ATOM   151  C CA  . SER A 1 25  ? -0.445  6.033   12.909  1.00 36.67 ? 278  SER A CA  1 
ATOM   152  C C   . SER A 1 25  ? -1.419  4.962   13.435  1.00 37.48 ? 278  SER A C   1 
ATOM   153  O O   . SER A 1 25  ? -1.363  4.603   14.608  1.00 37.65 ? 278  SER A O   1 
ATOM   154  C CB  A SER A 1 25  ? -1.212  7.364   12.844  0.50 36.45 ? 278  SER A CB  1 
ATOM   155  C CB  B SER A 1 25  ? -1.092  7.425   12.880  0.50 36.55 ? 278  SER A CB  1 
ATOM   156  O OG  A SER A 1 25  ? -0.391  8.437   12.449  0.50 35.31 ? 278  SER A OG  1 
ATOM   157  O OG  B SER A 1 25  ? -2.324  7.400   12.200  0.50 36.84 ? 278  SER A OG  1 
ATOM   158  N N   . SER A 1 26  ? -2.297  4.454   12.565  1.00 38.27 ? 279  SER A N   1 
ATOM   159  C CA  . SER A 1 26  ? -3.272  3.418   12.950  1.00 38.75 ? 279  SER A CA  1 
ATOM   160  C C   . SER A 1 26  ? -2.573  2.119   13.317  1.00 38.26 ? 279  SER A C   1 
ATOM   161  O O   . SER A 1 26  ? -2.907  1.524   14.323  1.00 37.83 ? 279  SER A O   1 
ATOM   162  C CB  . SER A 1 26  ? -4.341  3.180   11.862  1.00 39.08 ? 279  SER A CB  1 
ATOM   163  O OG  . SER A 1 26  ? -4.743  1.803   11.805  1.00 42.39 ? 279  SER A OG  1 
ATOM   164  N N   . LEU A 1 27  ? -1.586  1.699   12.532  1.00 37.94 ? 280  LEU A N   1 
ATOM   165  C CA  . LEU A 1 27  ? -0.806  0.516   12.896  1.00 37.76 ? 280  LEU A CA  1 
ATOM   166  C C   . LEU A 1 27  ? -0.072  0.693   14.247  1.00 37.73 ? 280  LEU A C   1 
ATOM   167  O O   . LEU A 1 27  ? -0.050  -0.224  15.068  1.00 37.63 ? 280  LEU A O   1 
ATOM   168  C CB  . LEU A 1 27  ? 0.202   0.147   11.808  1.00 37.55 ? 280  LEU A CB  1 
ATOM   169  C CG  . LEU A 1 27  ? -0.347  -0.357  10.471  1.00 38.75 ? 280  LEU A CG  1 
ATOM   170  C CD1 . LEU A 1 27  ? 0.806   -0.637  9.536   1.00 40.12 ? 280  LEU A CD1 1 
ATOM   171  C CD2 . LEU A 1 27  ? -1.186  -1.595  10.618  1.00 40.03 ? 280  LEU A CD2 1 
ATOM   172  N N   . ARG A 1 28  ? 0.496   1.865   14.486  1.00 37.36 ? 281  ARG A N   1 
ATOM   173  C CA  . ARG A 1 28  ? 1.251   2.089   15.712  1.00 38.44 ? 281  ARG A CA  1 
ATOM   174  C C   . ARG A 1 28  ? 0.324   2.148   16.965  1.00 38.63 ? 281  ARG A C   1 
ATOM   175  O O   . ARG A 1 28  ? 0.749   1.808   18.056  1.00 38.36 ? 281  ARG A O   1 
ATOM   176  C CB  . ARG A 1 28  ? 2.131   3.335   15.580  1.00 38.57 ? 281  ARG A CB  1 
ATOM   177  C CG  . ARG A 1 28  ? 3.403   3.086   14.735  1.00 40.56 ? 281  ARG A CG  1 
ATOM   178  C CD  . ARG A 1 28  ? 4.097   4.327   14.217  1.00 42.91 ? 281  ARG A CD  1 
ATOM   179  N NE  . ARG A 1 28  ? 3.630   5.517   14.907  1.00 47.51 ? 281  ARG A NE  1 
ATOM   180  C CZ  . ARG A 1 28  ? 3.160   6.617   14.342  1.00 48.71 ? 281  ARG A CZ  1 
ATOM   181  N NH1 . ARG A 1 28  ? 3.086   6.757   13.029  1.00 49.95 ? 281  ARG A NH1 1 
ATOM   182  N NH2 . ARG A 1 28  ? 2.774   7.616   15.121  1.00 52.04 ? 281  ARG A NH2 1 
ATOM   183  N N   . ALA A 1 29  ? -0.941  2.516   16.771  1.00 39.02 ? 282  ALA A N   1 
ATOM   184  C CA  . ALA A 1 29  ? -1.949  2.505   17.825  1.00 40.04 ? 282  ALA A CA  1 
ATOM   185  C C   . ALA A 1 29  ? -2.588  1.135   18.033  1.00 40.60 ? 282  ALA A C   1 
ATOM   186  O O   . ALA A 1 29  ? -3.371  0.963   18.958  1.00 41.43 ? 282  ALA A O   1 
ATOM   187  C CB  . ALA A 1 29  ? -3.060  3.572   17.519  1.00 40.33 ? 282  ALA A CB  1 
ATOM   188  N N   . ALA A 1 30  ? -2.275  0.159   17.184  1.00 41.10 ? 283  ALA A N   1 
ATOM   189  C CA  . ALA A 1 30  ? -2.942  -1.149  17.242  1.00 41.18 ? 283  ALA A CA  1 
ATOM   190  C C   . ALA A 1 30  ? -2.343  -2.138  18.241  1.00 41.41 ? 283  ALA A C   1 
ATOM   191  O O   . ALA A 1 30  ? -2.824  -3.259  18.357  1.00 41.71 ? 283  ALA A O   1 
ATOM   192  C CB  . ALA A 1 30  ? -2.979  -1.771  15.871  1.00 41.63 ? 283  ALA A CB  1 
ATOM   193  N N   . GLY A 1 31  ? -1.288  -1.756  18.955  1.00 41.45 ? 284  GLY A N   1 
ATOM   194  C CA  . GLY A 1 31  ? -0.831  -2.569  20.079  1.00 40.89 ? 284  GLY A CA  1 
ATOM   195  C C   . GLY A 1 31  ? -0.106  -3.871  19.745  1.00 40.23 ? 284  GLY A C   1 
ATOM   196  O O   . GLY A 1 31  ? 0.163   -4.666  20.641  1.00 40.79 ? 284  GLY A O   1 
ATOM   197  N N   . ARG A 1 32  ? 0.234   -4.092  18.480  1.00 39.41 ? 285  ARG A N   1 
ATOM   198  C CA  . ARG A 1 32  ? 1.027   -5.256  18.089  1.00 38.82 ? 285  ARG A CA  1 
ATOM   199  C C   . ARG A 1 32  ? 2.426   -4.863  17.629  1.00 37.31 ? 285  ARG A C   1 
ATOM   200  O O   . ARG A 1 32  ? 2.616   -3.836  16.958  1.00 37.04 ? 285  ARG A O   1 
ATOM   201  C CB  . ARG A 1 32  ? 0.368   -5.992  16.923  1.00 39.63 ? 285  ARG A CB  1 
ATOM   202  C CG  . ARG A 1 32  ? -1.020  -6.561  17.188  1.00 41.50 ? 285  ARG A CG  1 
ATOM   203  C CD  . ARG A 1 32  ? -1.741  -6.928  15.898  1.00 44.80 ? 285  ARG A CD  1 
ATOM   204  N NE  . ARG A 1 32  ? -3.122  -7.328  16.140  1.00 47.63 ? 285  ARG A NE  1 
ATOM   205  C CZ  . ARG A 1 32  ? -3.523  -8.556  16.451  1.00 50.73 ? 285  ARG A CZ  1 
ATOM   206  N NH1 . ARG A 1 32  ? -2.660  -9.565  16.552  1.00 52.59 ? 285  ARG A NH1 1 
ATOM   207  N NH2 . ARG A 1 32  ? -4.812  -8.784  16.657  1.00 53.30 ? 285  ARG A NH2 1 
ATOM   208  N N   . THR A 1 33  ? 3.390   -5.719  17.940  1.00 35.68 ? 286  THR A N   1 
ATOM   209  C CA  . THR A 1 33  ? 4.739   -5.574  17.413  1.00 35.06 ? 286  THR A CA  1 
ATOM   210  C C   . THR A 1 33  ? 4.767   -5.955  15.926  1.00 34.39 ? 286  THR A C   1 
ATOM   211  O O   . THR A 1 33  ? 3.839   -6.582  15.407  1.00 34.42 ? 286  THR A O   1 
ATOM   212  C CB  . THR A 1 33  ? 5.729   -6.476  18.175  1.00 34.33 ? 286  THR A CB  1 
ATOM   213  O OG1 . THR A 1 33  ? 5.256   -7.808  18.153  1.00 34.17 ? 286  THR A OG1 1 
ATOM   214  C CG2 . THR A 1 33  ? 5.791   -6.163  19.660  1.00 35.22 ? 286  THR A CG2 1 
ATOM   215  N N   . GLY A 1 34  ? 5.848   -5.592  15.251  1.00 33.85 ? 287  GLY A N   1 
ATOM   216  C CA  . GLY A 1 34  ? 6.113   -6.071  13.907  1.00 33.11 ? 287  GLY A CA  1 
ATOM   217  C C   . GLY A 1 34  ? 5.422   -5.319  12.793  1.00 32.32 ? 287  GLY A C   1 
ATOM   218  O O   . GLY A 1 34  ? 5.374   -5.821  11.684  1.00 31.68 ? 287  GLY A O   1 
ATOM   219  N N   . TRP A 1 35  ? 4.921   -4.118  13.064  1.00 32.20 ? 288  TRP A N   1 
ATOM   220  C CA  . TRP A 1 35  ? 4.190   -3.349  12.043  1.00 32.66 ? 288  TRP A CA  1 
ATOM   221  C C   . TRP A 1 35  ? 5.077   -2.837  10.897  1.00 32.63 ? 288  TRP A C   1 
ATOM   222  O O   . TRP A 1 35  ? 4.608   -2.661  9.793   1.00 32.63 ? 288  TRP A O   1 
ATOM   223  C CB  . TRP A 1 35  ? 3.426   -2.180  12.671  1.00 32.24 ? 288  TRP A CB  1 
ATOM   224  C CG  . TRP A 1 35  ? 4.318   -1.166  13.264  1.00 33.13 ? 288  TRP A CG  1 
ATOM   225  C CD1 . TRP A 1 35  ? 4.685   -1.060  14.585  1.00 32.31 ? 288  TRP A CD1 1 
ATOM   226  C CD2 . TRP A 1 35  ? 5.003   -0.122  12.575  1.00 33.12 ? 288  TRP A CD2 1 
ATOM   227  N NE1 . TRP A 1 35  ? 5.543   -0.001  14.746  1.00 33.31 ? 288  TRP A NE1 1 
ATOM   228  C CE2 . TRP A 1 35  ? 5.767   0.585   13.532  1.00 34.27 ? 288  TRP A CE2 1 
ATOM   229  C CE3 . TRP A 1 35  ? 5.032   0.310   11.244  1.00 34.32 ? 288  TRP A CE3 1 
ATOM   230  C CZ2 . TRP A 1 35  ? 6.531   1.699   13.207  1.00 35.43 ? 288  TRP A CZ2 1 
ATOM   231  C CZ3 . TRP A 1 35  ? 5.810   1.392   10.913  1.00 35.62 ? 288  TRP A CZ3 1 
ATOM   232  C CH2 . TRP A 1 35  ? 6.555   2.081   11.896  1.00 37.28 ? 288  TRP A CH2 1 
ATOM   233  N N   . GLU A 1 36  ? 6.348   -2.567  11.160  1.00 33.03 ? 289  GLU A N   1 
ATOM   234  C CA  . GLU A 1 36  ? 7.266   -2.168  10.095  1.00 32.93 ? 289  GLU A CA  1 
ATOM   235  C C   . GLU A 1 36  ? 7.414   -3.290  9.070   1.00 32.27 ? 289  GLU A C   1 
ATOM   236  O O   . GLU A 1 36  ? 7.299   -3.061  7.870   1.00 31.95 ? 289  GLU A O   1 
ATOM   237  C CB  . GLU A 1 36  ? 8.630   -1.824  10.665  1.00 33.30 ? 289  GLU A CB  1 
ATOM   238  C CG  . GLU A 1 36  ? 9.585   -1.263  9.635   1.00 36.36 ? 289  GLU A CG  1 
ATOM   239  C CD  . GLU A 1 36  ? 11.003  -1.103  10.162  1.00 39.09 ? 289  GLU A CD  1 
ATOM   240  O OE1 . GLU A 1 36  ? 11.280  -1.485  11.324  1.00 43.44 ? 289  GLU A OE1 1 
ATOM   241  O OE2 . GLU A 1 36  ? 11.842  -0.622  9.395   1.00 40.52 ? 289  GLU A OE2 1 
ATOM   242  N N   . ASP A 1 37  ? 7.683   -4.496  9.550   1.00 31.81 ? 290  ASP A N   1 
ATOM   243  C CA  . ASP A 1 37  ? 7.772   -5.658  8.682   1.00 32.08 ? 290  ASP A CA  1 
ATOM   244  C C   . ASP A 1 37  ? 6.437   -5.835  7.939   1.00 31.92 ? 290  ASP A C   1 
ATOM   245  O O   . ASP A 1 37  ? 6.428   -6.072  6.742   1.00 32.36 ? 290  ASP A O   1 
ATOM   246  C CB  . ASP A 1 37  ? 8.123   -6.915  9.495   1.00 31.62 ? 290  ASP A CB  1 
ATOM   247  C CG  . ASP A 1 37  ? 8.089   -8.202  8.662   1.00 32.00 ? 290  ASP A CG  1 
ATOM   248  O OD1 . ASP A 1 37  ? 7.602   -9.222  9.189   1.00 29.77 ? 290  ASP A OD1 1 
ATOM   249  O OD2 . ASP A 1 37  ? 8.542   -8.309  7.502   1.00 30.22 ? 290  ASP A OD2 1 
ATOM   250  N N   . LEU A 1 38  ? 5.328   -5.694  8.658   1.00 31.78 ? 291  LEU A N   1 
ATOM   251  C CA  . LEU A 1 38  ? 3.994   -5.784  8.071   1.00 31.90 ? 291  LEU A CA  1 
ATOM   252  C C   . LEU A 1 38  ? 3.823   -4.815  6.898   1.00 31.76 ? 291  LEU A C   1 
ATOM   253  O O   . LEU A 1 38  ? 3.372   -5.235  5.850   1.00 30.75 ? 291  LEU A O   1 
ATOM   254  C CB  . LEU A 1 38  ? 2.922   -5.512  9.115   1.00 32.13 ? 291  LEU A CB  1 
ATOM   255  C CG  . LEU A 1 38  ? 1.448   -5.757  8.765   1.00 32.31 ? 291  LEU A CG  1 
ATOM   256  C CD1 . LEU A 1 38  ? 0.639   -5.928  10.053  1.00 32.66 ? 291  LEU A CD1 1 
ATOM   257  C CD2 . LEU A 1 38  ? 0.864   -4.644  7.947   1.00 33.58 ? 291  LEU A CD2 1 
ATOM   258  N N   . VAL A 1 39  ? 4.165   -3.535  7.086   1.00 31.79 ? 292  VAL A N   1 
ATOM   259  C CA  . VAL A 1 39  ? 3.973   -2.519  6.040   1.00 32.45 ? 292  VAL A CA  1 
ATOM   260  C C   . VAL A 1 39  ? 4.829   -2.809  4.802   1.00 32.00 ? 292  VAL A C   1 
ATOM   261  O O   . VAL A 1 39  ? 4.361   -2.679  3.692   1.00 31.54 ? 292  VAL A O   1 
ATOM   262  C CB  . VAL A 1 39  ? 4.264   -1.085  6.532   1.00 32.35 ? 292  VAL A CB  1 
ATOM   263  C CG1 . VAL A 1 39  ? 4.237   -0.101  5.394   1.00 34.03 ? 292  VAL A CG1 1 
ATOM   264  C CG2 . VAL A 1 39  ? 3.237   -0.655  7.492   1.00 35.25 ? 292  VAL A CG2 1 
ATOM   265  N N   . ARG A 1 40  ? 6.089   -3.182  5.008   1.00 32.18 ? 293  ARG A N   1 
ATOM   266  C CA  . ARG A 1 40  ? 6.991   -3.481  3.908   1.00 31.98 ? 293  ARG A CA  1 
ATOM   267  C C   . ARG A 1 40  ? 6.472   -4.669  3.135   1.00 30.75 ? 293  ARG A C   1 
ATOM   268  O O   . ARG A 1 40  ? 6.405   -4.631  1.906   1.00 31.00 ? 293  ARG A O   1 
ATOM   269  C CB  . ARG A 1 40  ? 8.398   -3.801  4.412   1.00 32.53 ? 293  ARG A CB  1 
ATOM   270  C CG  . ARG A 1 40  ? 9.147   -2.644  5.036   1.00 35.08 ? 293  ARG A CG  1 
ATOM   271  C CD  . ARG A 1 40  ? 10.578  -3.034  5.443   1.00 39.87 ? 293  ARG A CD  1 
ATOM   272  N NE  . ARG A 1 40  ? 11.255  -1.926  6.100   1.00 42.63 ? 293  ARG A NE  1 
ATOM   273  C CZ  . ARG A 1 40  ? 11.972  -0.997  5.490   1.00 43.08 ? 293  ARG A CZ  1 
ATOM   274  N NH1 . ARG A 1 40  ? 12.166  -1.021  4.180   1.00 45.16 ? 293  ARG A NH1 1 
ATOM   275  N NH2 . ARG A 1 40  ? 12.513  -0.036  6.213   1.00 45.01 ? 293  ARG A NH2 1 
ATOM   276  N N   . LYS A 1 41  ? 6.106   -5.720  3.853   1.00 29.31 ? 294  LYS A N   1 
ATOM   277  C CA  . LYS A 1 41  ? 5.631   -6.948  3.212   1.00 29.27 ? 294  LYS A CA  1 
ATOM   278  C C   . LYS A 1 41  ? 4.341   -6.724  2.425   1.00 28.77 ? 294  LYS A C   1 
ATOM   279  O O   . LYS A 1 41  ? 4.205   -7.232  1.310   1.00 27.98 ? 294  LYS A O   1 
ATOM   280  C CB  . LYS A 1 41  ? 5.428   -8.069  4.228   1.00 29.68 ? 294  LYS A CB  1 
ATOM   281  C CG  . LYS A 1 41  ? 6.715   -8.594  4.827   1.00 28.98 ? 294  LYS A CG  1 
ATOM   282  C CD  . LYS A 1 41  ? 7.472   -9.473  3.872   1.00 29.28 ? 294  LYS A CD  1 
ATOM   283  C CE  . LYS A 1 41  ? 8.779   -9.933  4.454   1.00 28.33 ? 294  LYS A CE  1 
ATOM   284  N NZ  . LYS A 1 41  ? 8.501   -10.608 5.744   1.00 30.67 ? 294  LYS A NZ  1 
ATOM   285  N N   . CYS A 1 42  ? 3.435   -5.926  2.983   1.00 27.66 ? 295  CYS A N   1 
ATOM   286  C CA  . CYS A 1 42  ? 2.157   -5.620  2.331   1.00 28.28 ? 295  CYS A CA  1 
ATOM   287  C C   . CYS A 1 42  ? 2.372   -4.831  1.043   1.00 28.35 ? 295  CYS A C   1 
ATOM   288  O O   . CYS A 1 42  ? 1.817   -5.166  -0.002  1.00 27.60 ? 295  CYS A O   1 
ATOM   289  C CB  . CYS A 1 42  ? 1.279   -4.819  3.292   1.00 27.99 ? 295  CYS A CB  1 
ATOM   290  S SG  . CYS A 1 42  ? -0.420  -4.552  2.782   1.00 29.50 ? 295  CYS A SG  1 
ATOM   291  N N   . ILE A 1 43  ? 3.184   -3.783  1.132   1.00 28.57 ? 296  ILE A N   1 
ATOM   292  C CA  . ILE A 1 43  ? 3.517   -2.979  -0.032  1.00 29.97 ? 296  ILE A CA  1 
ATOM   293  C C   . ILE A 1 43  ? 4.161   -3.830  -1.115  1.00 29.99 ? 296  ILE A C   1 
ATOM   294  O O   . ILE A 1 43  ? 3.726   -3.786  -2.263  1.00 30.43 ? 296  ILE A O   1 
ATOM   295  C CB  . ILE A 1 43  ? 4.384   -1.744  0.374   1.00 30.01 ? 296  ILE A CB  1 
ATOM   296  C CG1 . ILE A 1 43  ? 3.506   -0.765  1.157   1.00 31.03 ? 296  ILE A CG1 1 
ATOM   297  C CG2 . ILE A 1 43  ? 4.930   -1.013  -0.844  1.00 31.51 ? 296  ILE A CG2 1 
ATOM   298  C CD1 . ILE A 1 43  ? 4.205   0.514   1.601   1.00 34.05 ? 296  ILE A CD1 1 
ATOM   299  N N   . TYR A 1 44  ? 5.142   -4.647  -0.748  1.00 30.43 ? 297  TYR A N   1 
ATOM   300  C CA  . TYR A 1 44  ? 5.825   -5.486  -1.713  1.00 30.17 ? 297  TYR A CA  1 
ATOM   301  C C   . TYR A 1 44  ? 4.841   -6.467  -2.373  1.00 29.42 ? 297  TYR A C   1 
ATOM   302  O O   . TYR A 1 44  ? 4.898   -6.669  -3.587  1.00 28.42 ? 297  TYR A O   1 
ATOM   303  C CB  . TYR A 1 44  ? 7.023   -6.223  -1.089  1.00 30.98 ? 297  TYR A CB  1 
ATOM   304  C CG  . TYR A 1 44  ? 8.252   -5.327  -0.881  1.00 34.20 ? 297  TYR A CG  1 
ATOM   305  N N   . ALA A 1 45  ? 3.932   -7.045  -1.593  1.00 28.63 ? 298  ALA A N   1 
ATOM   306  C CA  . ALA A 1 45  ? 2.914   -7.919  -2.164  1.00 29.20 ? 298  ALA A CA  1 
ATOM   307  C C   . ALA A 1 45  ? 2.003   -7.163  -3.137  1.00 29.46 ? 298  ALA A C   1 
ATOM   308  O O   . ALA A 1 45  ? 1.631   -7.682  -4.170  1.00 29.33 ? 298  ALA A O   1 
ATOM   309  C CB  . ALA A 1 45  ? 2.091   -8.574  -1.077  1.00 29.33 ? 298  ALA A CB  1 
ATOM   310  N N   . PHE A 1 46  ? 1.648   -5.928  -2.791  1.00 29.87 ? 299  PHE A N   1 
ATOM   311  C CA  . PHE A 1 46  ? 0.765   -5.098  -3.622  1.00 30.25 ? 299  PHE A CA  1 
ATOM   312  C C   . PHE A 1 46  ? 1.388   -4.826  -4.991  1.00 30.98 ? 299  PHE A C   1 
ATOM   313  O O   . PHE A 1 46  ? 0.697   -4.813  -6.016  1.00 30.95 ? 299  PHE A O   1 
ATOM   314  C CB  . PHE A 1 46  ? 0.498   -3.796  -2.855  1.00 30.18 ? 299  PHE A CB  1 
ATOM   315  C CG  . PHE A 1 46  ? -0.374  -2.825  -3.544  1.00 28.83 ? 299  PHE A CG  1 
ATOM   316  C CD1 . PHE A 1 46  ? -1.621  -3.203  -4.051  1.00 30.09 ? 299  PHE A CD1 1 
ATOM   317  C CD2 . PHE A 1 46  ? 0.022   -1.492  -3.650  1.00 28.61 ? 299  PHE A CD2 1 
ATOM   318  C CE1 . PHE A 1 46  ? -2.453  -2.268  -4.665  1.00 28.77 ? 299  PHE A CE1 1 
ATOM   319  C CE2 . PHE A 1 46  ? -0.814  -0.541  -4.279  1.00 29.36 ? 299  PHE A CE2 1 
ATOM   320  C CZ  . PHE A 1 46  ? -2.046  -0.935  -4.781  1.00 29.05 ? 299  PHE A CZ  1 
ATOM   321  N N   . PHE A 1 47  ? 2.703   -4.624  -4.989  1.00 32.06 ? 300  PHE A N   1 
ATOM   322  C CA  . PHE A 1 47  ? 3.486   -4.313  -6.186  1.00 33.10 ? 300  PHE A CA  1 
ATOM   323  C C   . PHE A 1 47  ? 4.006   -5.528  -6.976  1.00 34.28 ? 300  PHE A C   1 
ATOM   324  O O   . PHE A 1 47  ? 4.640   -5.329  -7.998  1.00 34.04 ? 300  PHE A O   1 
ATOM   325  C CB  . PHE A 1 47  ? 4.672   -3.413  -5.817  1.00 32.60 ? 300  PHE A CB  1 
ATOM   326  C CG  . PHE A 1 47  ? 4.313   -1.970  -5.707  1.00 33.05 ? 300  PHE A CG  1 
ATOM   327  C CD1 . PHE A 1 47  ? 4.408   -1.136  -6.803  1.00 33.42 ? 300  PHE A CD1 1 
ATOM   328  C CD2 . PHE A 1 47  ? 3.871   -1.437  -4.508  1.00 31.41 ? 300  PHE A CD2 1 
ATOM   329  C CE1 . PHE A 1 47  ? 4.054   0.194   -6.700  1.00 31.66 ? 300  PHE A CE1 1 
ATOM   330  C CE2 . PHE A 1 47  ? 3.525   -0.125  -4.417  1.00 31.07 ? 300  PHE A CE2 1 
ATOM   331  C CZ  . PHE A 1 47  ? 3.620   0.688   -5.511  1.00 30.82 ? 300  PHE A CZ  1 
ATOM   332  N N   . GLN A 1 48  ? 3.721   -6.757  -6.534  1.00 35.92 ? 301  GLN A N   1 
ATOM   333  C CA  . GLN A 1 48  ? 4.196   -7.972  -7.220  1.00 38.17 ? 301  GLN A CA  1 
ATOM   334  C C   . GLN A 1 48  ? 3.320   -8.349  -8.398  1.00 38.75 ? 301  GLN A C   1 
ATOM   335  O O   . GLN A 1 48  ? 2.094   -8.425  -8.236  1.00 38.54 ? 301  GLN A O   1 
ATOM   336  C CB  . GLN A 1 48  ? 4.157   -9.209  -6.296  1.00 38.99 ? 301  GLN A CB  1 
ATOM   337  C CG  . GLN A 1 48  ? 5.460   -9.641  -5.671  1.00 43.01 ? 301  GLN A CG  1 
ATOM   338  C CD  . GLN A 1 48  ? 6.631   -9.698  -6.643  1.00 46.71 ? 301  GLN A CD  1 
ATOM   339  O OE1 . GLN A 1 48  ? 7.303   -8.680  -6.857  1.00 47.69 ? 301  GLN A OE1 1 
ATOM   340  N NE2 . GLN A 1 48  ? 6.887   -10.886 -7.225  1.00 44.91 ? 301  GLN A NE2 1 
ATOM   341  N N   . PRO A 1 49  ? 3.924   -8.672  -9.545  1.00 39.78 ? 302  PRO A N   1 
ATOM   342  C CA  . PRO A 1 49  ? 3.153   -9.170  -10.689 1.00 40.87 ? 302  PRO A CA  1 
ATOM   343  C C   . PRO A 1 49  ? 2.214   -10.303 -10.267 1.00 41.99 ? 302  PRO A C   1 
ATOM   344  O O   . PRO A 1 49  ? 2.572   -11.157 -9.450  1.00 42.20 ? 302  PRO A O   1 
ATOM   345  C CB  . PRO A 1 49  ? 4.234   -9.665  -11.681 1.00 40.99 ? 302  PRO A CB  1 
ATOM   346  C CG  . PRO A 1 49  ? 5.483   -8.880  -11.322 1.00 40.83 ? 302  PRO A CG  1 
ATOM   347  C CD  . PRO A 1 49  ? 5.364   -8.555  -9.850  1.00 39.90 ? 302  PRO A CD  1 
ATOM   348  N N   . GLN A 1 50  ? 1.005   -10.268 -10.788 1.00 42.88 ? 303  GLN A N   1 
ATOM   349  C CA  . GLN A 1 50  ? -0.006  -11.272 -10.484 1.00 44.91 ? 303  GLN A CA  1 
ATOM   350  C C   . GLN A 1 50  ? -0.008  -12.295 -11.608 1.00 45.62 ? 303  GLN A C   1 
ATOM   351  O O   . GLN A 1 50  ? -0.736  -12.136 -12.568 1.00 46.47 ? 303  GLN A O   1 
ATOM   352  C CB  . GLN A 1 50  ? -1.377  -10.587 -10.384 1.00 45.14 ? 303  GLN A CB  1 
ATOM   353  C CG  . GLN A 1 50  ? -1.558  -9.798  -9.104  1.00 45.91 ? 303  GLN A CG  1 
ATOM   354  C CD  . GLN A 1 50  ? -1.641  -10.714 -7.904  1.00 47.44 ? 303  GLN A CD  1 
ATOM   355  O OE1 . GLN A 1 50  ? -2.245  -11.783 -7.997  1.00 50.13 ? 303  GLN A OE1 1 
ATOM   356  N NE2 . GLN A 1 50  ? -1.024  -10.320 -6.789  1.00 45.28 ? 303  GLN A NE2 1 
ATOM   357  N N   . GLY A 1 51  ? 0.849   -13.309 -11.518 1.00 46.54 ? 304  GLY A N   1 
ATOM   358  C CA  . GLY A 1 51  ? 1.036   -14.237 -12.622 1.00 46.89 ? 304  GLY A CA  1 
ATOM   359  C C   . GLY A 1 51  ? 1.431   -13.463 -13.875 1.00 47.50 ? 304  GLY A C   1 
ATOM   360  O O   . GLY A 1 51  ? 2.391   -12.663 -13.845 1.00 47.98 ? 304  GLY A O   1 
ATOM   361  N N   . ARG A 1 52  ? 0.662   -13.674 -14.949 1.00 47.23 ? 305  ARG A N   1 
ATOM   362  C CA  . ARG A 1 52  ? 0.814   -12.961 -16.227 1.00 47.39 ? 305  ARG A CA  1 
ATOM   363  C C   . ARG A 1 52  ? 0.236   -11.546 -16.226 1.00 46.68 ? 305  ARG A C   1 
ATOM   364  O O   . ARG A 1 52  ? 0.548   -10.722 -17.094 1.00 47.47 ? 305  ARG A O   1 
ATOM   365  C CB  . ARG A 1 52  ? 0.114   -13.752 -17.347 1.00 47.90 ? 305  ARG A CB  1 
ATOM   366  N N   . GLU A 1 53  ? -0.617  -11.263 -15.262 1.00 45.69 ? 306  GLU A N   1 
ATOM   367  C CA  . GLU A 1 53  ? -1.272  -9.963  -15.190 1.00 44.79 ? 306  GLU A CA  1 
ATOM   368  C C   . GLU A 1 53  ? -0.394  -8.983  -14.436 1.00 41.92 ? 306  GLU A C   1 
ATOM   369  O O   . GLU A 1 53  ? 0.426   -9.381  -13.614 1.00 40.79 ? 306  GLU A O   1 
ATOM   370  C CB  . GLU A 1 53  ? -2.619  -10.090 -14.479 1.00 45.52 ? 306  GLU A CB  1 
ATOM   371  C CG  . GLU A 1 53  ? -3.507  -11.188 -15.046 1.00 49.42 ? 306  GLU A CG  1 
ATOM   372  C CD  . GLU A 1 53  ? -4.154  -10.759 -16.331 1.00 54.76 ? 306  GLU A CD  1 
ATOM   373  O OE1 . GLU A 1 53  ? -5.210  -10.082 -16.253 1.00 60.14 ? 306  GLU A OE1 1 
ATOM   374  O OE2 . GLU A 1 53  ? -3.592  -11.067 -17.409 1.00 59.06 ? 306  GLU A OE2 1 
ATOM   375  N N   . PRO A 1 54  ? -0.583  -7.699  -14.688 1.00 39.40 ? 307  PRO A N   1 
ATOM   376  C CA  . PRO A 1 54  ? 0.115   -6.683  -13.900 1.00 37.90 ? 307  PRO A CA  1 
ATOM   377  C C   . PRO A 1 54  ? -0.182  -6.815  -12.397 1.00 36.11 ? 307  PRO A C   1 
ATOM   378  O O   . PRO A 1 54  ? -1.155  -7.468  -11.974 1.00 34.13 ? 307  PRO A O   1 
ATOM   379  C CB  . PRO A 1 54  ? -0.425  -5.367  -14.472 1.00 38.68 ? 307  PRO A CB  1 
ATOM   380  C CG  . PRO A 1 54  ? -0.903  -5.721  -15.883 1.00 38.56 ? 307  PRO A CG  1 
ATOM   381  C CD  . PRO A 1 54  ? -1.450  -7.102  -15.727 1.00 39.62 ? 307  PRO A CD  1 
ATOM   382  N N   . SER A 1 55  ? 0.697   -6.231  -11.592 1.00 33.92 ? 308  SER A N   1 
ATOM   383  C CA  . SER A 1 55  ? 0.488   -6.198  -10.153 1.00 32.40 ? 308  SER A CA  1 
ATOM   384  C C   . SER A 1 55  ? -0.787  -5.407  -9.840  1.00 31.20 ? 308  SER A C   1 
ATOM   385  O O   . SER A 1 55  ? -1.242  -4.588  -10.653 1.00 29.68 ? 308  SER A O   1 
ATOM   386  C CB  . SER A 1 55  ? 1.652   -5.508  -9.466  1.00 31.75 ? 308  SER A CB  1 
ATOM   387  O OG  . SER A 1 55  ? 1.666   -4.152  -9.862  1.00 30.33 ? 308  SER A OG  1 
ATOM   388  N N   . TYR A 1 56  ? -1.331  -5.609  -8.646  1.00 30.20 ? 309  TYR A N   1 
ATOM   389  C CA  . TYR A 1 56  ? -2.499  -4.839  -8.250  1.00 30.02 ? 309  TYR A CA  1 
ATOM   390  C C   . TYR A 1 56  ? -2.172  -3.371  -8.183  1.00 29.77 ? 309  TYR A C   1 
ATOM   391  O O   . TYR A 1 56  ? -3.014  -2.546  -8.529  1.00 29.26 ? 309  TYR A O   1 
ATOM   392  C CB  . TYR A 1 56  ? -3.115  -5.347  -6.934  1.00 29.76 ? 309  TYR A CB  1 
ATOM   393  C CG  . TYR A 1 56  ? -3.775  -6.704  -7.048  1.00 30.88 ? 309  TYR A CG  1 
ATOM   394  C CD1 . TYR A 1 56  ? -3.670  -7.632  -6.016  1.00 33.36 ? 309  TYR A CD1 1 
ATOM   395  C CD2 . TYR A 1 56  ? -4.493  -7.068  -8.189  1.00 33.19 ? 309  TYR A CD2 1 
ATOM   396  C CE1 . TYR A 1 56  ? -4.259  -8.869  -6.105  1.00 35.39 ? 309  TYR A CE1 1 
ATOM   397  C CE2 . TYR A 1 56  ? -5.105  -8.312  -8.292  1.00 33.07 ? 309  TYR A CE2 1 
ATOM   398  C CZ  . TYR A 1 56  ? -4.989  -9.207  -7.252  1.00 36.73 ? 309  TYR A CZ  1 
ATOM   399  O OH  . TYR A 1 56  ? -5.548  -10.459 -7.349  1.00 36.60 ? 309  TYR A OH  1 
ATOM   400  N N   . ALA A 1 57  ? -0.939  -3.037  -7.803  1.00 30.02 ? 310  ALA A N   1 
ATOM   401  C CA  . ALA A 1 57  ? -0.497  -1.636  -7.781  1.00 30.17 ? 310  ALA A CA  1 
ATOM   402  C C   . ALA A 1 57  ? -0.587  -0.972  -9.139  1.00 30.50 ? 310  ALA A C   1 
ATOM   403  O O   . ALA A 1 57  ? -1.057  0.174   -9.261  1.00 30.57 ? 310  ALA A O   1 
ATOM   404  C CB  . ALA A 1 57  ? 0.918   -1.529  -7.250  1.00 30.78 ? 310  ALA A CB  1 
ATOM   405  N N   . ARG A 1 58  ? -0.107  -1.667  -10.162 1.00 30.61 ? 311  ARG A N   1 
ATOM   406  C CA  . ARG A 1 58  ? -0.182  -1.141  -11.514 1.00 31.49 ? 311  ARG A CA  1 
ATOM   407  C C   . ARG A 1 58  ? -1.651  -1.091  -11.997 1.00 31.81 ? 311  ARG A C   1 
ATOM   408  O O   . ARG A 1 58  ? -2.055  -0.116  -12.605 1.00 31.43 ? 311  ARG A O   1 
ATOM   409  C CB  . ARG A 1 58  ? 0.711   -1.946  -12.462 1.00 31.97 ? 311  ARG A CB  1 
ATOM   410  C CG  . ARG A 1 58  ? 0.633   -1.557  -13.962 1.00 34.53 ? 311  ARG A CG  1 
ATOM   411  C CD  . ARG A 1 58  ? 1.612   -0.481  -14.421 0.50 36.27 ? 311  ARG A CD  1 
ATOM   412  N NE  . ARG A 1 58  ? 0.953   0.507   -15.281 0.50 36.75 ? 311  ARG A NE  1 
ATOM   413  C CZ  . ARG A 1 58  ? 1.393   1.735   -15.536 0.50 35.08 ? 311  ARG A CZ  1 
ATOM   414  N NH1 . ARG A 1 58  ? 2.521   2.186   -15.031 0.50 34.90 ? 311  ARG A NH1 1 
ATOM   415  N NH2 . ARG A 1 58  ? 0.679   2.524   -16.325 0.50 38.49 ? 311  ARG A NH2 1 
ATOM   416  N N   . GLN A 1 59  ? -2.449  -2.121  -11.712 1.00 31.98 ? 312  GLN A N   1 
ATOM   417  C CA  . GLN A 1 59  ? -3.837  -2.121  -12.140 1.00 32.13 ? 312  GLN A CA  1 
ATOM   418  C C   . GLN A 1 59  ? -4.598  -0.951  -11.488 1.00 32.12 ? 312  GLN A C   1 
ATOM   419  O O   . GLN A 1 59  ? -5.301  -0.210  -12.166 1.00 32.11 ? 312  GLN A O   1 
ATOM   420  C CB  . GLN A 1 59  ? -4.518  -3.455  -11.825 1.00 32.26 ? 312  GLN A CB  1 
ATOM   421  C CG  . GLN A 1 59  ? -4.004  -4.624  -12.665 1.00 32.19 ? 312  GLN A CG  1 
ATOM   422  C CD  . GLN A 1 59  ? -4.784  -5.894  -12.406 1.00 31.87 ? 312  GLN A CD  1 
ATOM   423  O OE1 . GLN A 1 59  ? -5.999  -5.883  -12.388 1.00 33.09 ? 312  GLN A OE1 1 
ATOM   424  N NE2 . GLN A 1 59  ? -4.084  -6.975  -12.159 1.00 34.88 ? 312  GLN A NE2 1 
ATOM   425  N N   . LEU A 1 60  ? -4.401  -0.751  -10.191 1.00 31.98 ? 313  LEU A N   1 
ATOM   426  C CA  . LEU A 1 60  ? -5.115  0.301   -9.472  1.00 31.70 ? 313  LEU A CA  1 
ATOM   427  C C   . LEU A 1 60  ? -4.684  1.689   -9.926  1.00 32.54 ? 313  LEU A C   1 
ATOM   428  O O   . LEU A 1 60  ? -5.515  2.603   -10.021 1.00 31.72 ? 313  LEU A O   1 
ATOM   429  C CB  . LEU A 1 60  ? -4.920  0.153   -7.968  1.00 31.65 ? 313  LEU A CB  1 
ATOM   430  C CG  . LEU A 1 60  ? -6.031  -0.656  -7.282  1.00 32.32 ? 313  LEU A CG  1 
ATOM   431  C CD1 . LEU A 1 60  ? -6.096  -2.076  -7.783  1.00 33.01 ? 313  LEU A CD1 1 
ATOM   432  C CD2 . LEU A 1 60  ? -5.872  -0.609  -5.767  1.00 32.52 ? 313  LEU A CD2 1 
ATOM   433  N N   . PHE A 1 61  ? -3.388  1.844   -10.207 1.00 32.78 ? 314  PHE A N   1 
ATOM   434  C CA  . PHE A 1 61  ? -2.845  3.122   -10.692 1.00 33.73 ? 314  PHE A CA  1 
ATOM   435  C C   . PHE A 1 61  ? -3.443  3.516   -12.043 1.00 34.10 ? 314  PHE A C   1 
ATOM   436  O O   . PHE A 1 61  ? -3.860  4.655   -12.221 1.00 33.78 ? 314  PHE A O   1 
ATOM   437  C CB  . PHE A 1 61  ? -1.324  3.054   -10.792 1.00 33.27 ? 314  PHE A CB  1 
ATOM   438  C CG  . PHE A 1 61  ? -0.701  4.242   -11.433 1.00 34.61 ? 314  PHE A CG  1 
ATOM   439  C CD1 . PHE A 1 61  ? -0.676  5.469   -10.774 1.00 36.10 ? 314  PHE A CD1 1 
ATOM   440  C CD2 . PHE A 1 61  ? -0.112  4.146   -12.696 1.00 35.64 ? 314  PHE A CD2 1 
ATOM   441  C CE1 . PHE A 1 61  ? -0.089  6.573   -11.356 1.00 34.50 ? 314  PHE A CE1 1 
ATOM   442  C CE2 . PHE A 1 61  ? 0.467   5.259   -13.291 1.00 36.23 ? 314  PHE A CE2 1 
ATOM   443  C CZ  . PHE A 1 61  ? 0.473   6.476   -12.614 1.00 35.44 ? 314  PHE A CZ  1 
ATOM   444  N N   . GLN A 1 62  ? -3.475  2.573   -12.983 1.00 34.67 ? 315  GLN A N   1 
ATOM   445  C CA  . GLN A 1 62  ? -4.043  2.823   -14.313 1.00 35.29 ? 315  GLN A CA  1 
ATOM   446  C C   . GLN A 1 62  ? -5.527  3.188   -14.227 1.00 34.96 ? 315  GLN A C   1 
ATOM   447  O O   . GLN A 1 62  ? -5.987  4.086   -14.922 1.00 35.01 ? 315  GLN A O   1 
ATOM   448  C CB  . GLN A 1 62  ? -3.921  1.581   -15.204 1.00 35.57 ? 315  GLN A CB  1 
ATOM   449  C CG  . GLN A 1 62  ? -2.500  1.177   -15.542 1.00 38.73 ? 315  GLN A CG  1 
ATOM   450  N N   . GLU A 1 63  ? -6.264  2.462   -13.384 1.00 34.62 ? 316  GLU A N   1 
ATOM   451  C CA  . GLU A 1 63  ? -7.692  2.677   -13.197 1.00 34.30 ? 316  GLU A CA  1 
ATOM   452  C C   . GLU A 1 63  ? -7.984  3.979   -12.473 1.00 33.89 ? 316  GLU A C   1 
ATOM   453  O O   . GLU A 1 63  ? -8.923  4.688   -12.810 1.00 32.17 ? 316  GLU A O   1 
ATOM   454  C CB  . GLU A 1 63  ? -8.322  1.498   -12.444 1.00 34.35 ? 316  GLU A CB  1 
ATOM   455  C CG  . GLU A 1 63  ? -9.833  1.607   -12.210 1.00 36.22 ? 316  GLU A CG  1 
ATOM   456  C CD  . GLU A 1 63  ? -10.673 1.510   -13.493 1.00 39.19 ? 316  GLU A CD  1 
ATOM   457  O OE1 . GLU A 1 63  ? -11.913 1.626   -13.417 1.00 40.68 ? 316  GLU A OE1 1 
ATOM   458  O OE2 . GLU A 1 63  ? -10.111 1.276   -14.572 1.00 41.68 ? 316  GLU A OE2 1 
ATOM   459  N N   . VAL A 1 64  ? -7.195  4.297   -11.459 1.00 34.35 ? 317  VAL A N   1 
ATOM   460  C CA  . VAL A 1 64  ? -7.502  5.459   -10.627 1.00 34.73 ? 317  VAL A CA  1 
ATOM   461  C C   . VAL A 1 64  ? -7.218  6.760   -11.388 1.00 35.88 ? 317  VAL A C   1 
ATOM   462  O O   . VAL A 1 64  ? -7.905  7.761   -11.166 1.00 36.09 ? 317  VAL A O   1 
ATOM   463  C CB  . VAL A 1 64  ? -6.758  5.416   -9.263  1.00 34.11 ? 317  VAL A CB  1 
ATOM   464  C CG1 . VAL A 1 64  ? -5.276  5.741   -9.412  1.00 33.48 ? 317  VAL A CG1 1 
ATOM   465  C CG2 . VAL A 1 64  ? -7.396  6.353   -8.279  1.00 34.63 ? 317  VAL A CG2 1 
ATOM   466  N N   . MET A 1 65  ? -6.223  6.733   -12.273 1.00 37.26 ? 318  MET A N   1 
ATOM   467  C CA  . MET A 1 65  ? -5.836  7.907   -13.079 1.00 39.14 ? 318  MET A CA  1 
ATOM   468  C C   . MET A 1 65  ? -6.837  8.149   -14.225 1.00 40.37 ? 318  MET A C   1 
ATOM   469  O O   . MET A 1 65  ? -6.967  9.266   -14.696 1.00 41.75 ? 318  MET A O   1 
ATOM   470  C CB  . MET A 1 65  ? -4.436  7.732   -13.674 1.00 39.11 ? 318  MET A CB  1 
ATOM   471  C CG  . MET A 1 65  ? -3.297  7.820   -12.654 1.00 39.73 ? 318  MET A CG  1 
ATOM   472  S SD  . MET A 1 65  ? -3.275  9.349   -11.732 1.00 42.37 ? 318  MET A SD  1 
ATOM   473  N N   . THR A 1 66  ? -7.543  7.109   -14.656 1.00 40.96 ? 319  THR A N   1 
ATOM   474  C CA  . THR A 1 66  ? -8.582  7.255   -15.685 1.00 41.59 ? 319  THR A CA  1 
ATOM   475  C C   . THR A 1 66  ? -9.939  7.560   -15.049 1.00 41.01 ? 319  THR A C   1 
ATOM   476  O O   . THR A 1 66  ? -10.614 8.485   -15.467 1.00 41.63 ? 319  THR A O   1 
ATOM   477  C CB  . THR A 1 66  ? -8.678  5.988   -16.561 1.00 41.71 ? 319  THR A CB  1 
ATOM   478  O OG1 . THR A 1 66  ? -7.371  5.576   -16.969 1.00 43.02 ? 319  THR A OG1 1 
ATOM   479  C CG2 . THR A 1 66  ? -9.357  6.285   -17.910 1.00 43.29 ? 319  THR A CG2 1 
ATOM   480  N N   . ARG A 1 67  ? -10.310 6.834   -13.996 1.00 40.14 ? 320  ARG A N   1 
ATOM   481  C CA  . ARG A 1 67  ? -11.676 6.886   -13.485 1.00 39.43 ? 320  ARG A CA  1 
ATOM   482  C C   . ARG A 1 67  ? -11.862 7.460   -12.088 1.00 37.98 ? 320  ARG A C   1 
ATOM   483  O O   . ARG A 1 67  ? -12.994 7.602   -11.620 1.00 38.47 ? 320  ARG A O   1 
ATOM   484  C CB  . ARG A 1 67  ? -12.312 5.509   -13.631 1.00 39.77 ? 320  ARG A CB  1 
ATOM   485  C CG  . ARG A 1 67  ? -12.901 5.311   -15.054 1.00 42.71 ? 320  ARG A CG  1 
ATOM   486  C CD  . ARG A 1 67  ? -12.672 3.958   -15.638 1.00 46.02 ? 320  ARG A CD  1 
ATOM   487  N NE  . ARG A 1 67  ? -12.482 4.067   -17.068 1.00 49.53 ? 320  ARG A NE  1 
ATOM   488  C CZ  . ARG A 1 67  ? -11.539 3.438   -17.765 1.00 51.62 ? 320  ARG A CZ  1 
ATOM   489  N NH1 . ARG A 1 67  ? -10.691 2.579   -17.190 1.00 52.02 ? 320  ARG A NH1 1 
ATOM   490  N NH2 . ARG A 1 67  ? -11.477 3.649   -19.070 1.00 52.40 ? 320  ARG A NH2 1 
ATOM   491  N N   . GLY A 1 68  ? -10.765 7.806   -11.429 1.00 36.89 ? 321  GLY A N   1 
ATOM   492  C CA  . GLY A 1 68  ? -10.803 8.535   -10.174 1.00 35.79 ? 321  GLY A CA  1 
ATOM   493  C C   . GLY A 1 68  ? -10.838 7.683   -8.915  1.00 34.99 ? 321  GLY A C   1 
ATOM   494  O O   . GLY A 1 68  ? -10.609 8.203   -7.824  1.00 34.08 ? 321  GLY A O   1 
ATOM   495  N N   . THR A 1 69  ? -11.179 6.402   -9.048  1.00 33.71 ? 322  THR A N   1 
ATOM   496  C CA  . THR A 1 69  ? -11.186 5.475   -7.915  1.00 32.70 ? 322  THR A CA  1 
ATOM   497  C C   . THR A 1 69  ? -10.802 4.078   -8.382  1.00 32.23 ? 322  THR A C   1 
ATOM   498  O O   . THR A 1 69  ? -10.929 3.753   -9.553  1.00 31.35 ? 322  THR A O   1 
ATOM   499  C CB  A THR A 1 69  ? -12.562 5.426   -7.208  0.60 32.68 ? 322  THR A CB  1 
ATOM   500  C CB  B THR A 1 69  ? -12.582 5.469   -7.270  0.40 33.18 ? 322  THR A CB  1 
ATOM   501  O OG1 A THR A 1 69  ? -12.514 4.477   -6.135  0.60 32.77 ? 322  THR A OG1 1 
ATOM   502  O OG1 B THR A 1 69  ? -13.112 6.798   -7.243  0.40 34.24 ? 322  THR A OG1 1 
ATOM   503  C CG2 A THR A 1 69  ? -13.682 4.861   -8.128  0.60 30.27 ? 322  THR A CG2 1 
ATOM   504  C CG2 B THR A 1 69  ? -12.522 5.103   -5.820  0.40 33.39 ? 322  THR A CG2 1 
ATOM   505  N N   . ALA A 1 70  ? -10.316 3.256   -7.449  1.00 32.10 ? 323  ALA A N   1 
ATOM   506  C CA  . ALA A 1 70  ? -9.958  1.876   -7.728  1.00 31.00 ? 323  ALA A CA  1 
ATOM   507  C C   . ALA A 1 70  ? -9.930  1.045   -6.456  1.00 30.79 ? 323  ALA A C   1 
ATOM   508  O O   . ALA A 1 70  ? -9.847  1.586   -5.353  1.00 31.37 ? 323  ALA A O   1 
ATOM   509  C CB  . ALA A 1 70  ? -8.609  1.826   -8.436  1.00 31.46 ? 323  ALA A CB  1 
ATOM   510  N N   . SER A 1 71  ? -10.015 -0.274  -6.611  1.00 30.30 ? 324  SER A N   1 
ATOM   511  C CA  . SER A 1 71  ? -9.955  -1.204  -5.493  1.00 29.95 ? 324  SER A CA  1 
ATOM   512  C C   . SER A 1 71  ? -9.355  -2.547  -5.928  1.00 29.83 ? 324  SER A C   1 
ATOM   513  O O   . SER A 1 71  ? -9.630  -3.041  -7.023  1.00 29.54 ? 324  SER A O   1 
ATOM   514  C CB  . SER A 1 71  ? -11.352 -1.437  -4.889  1.00 30.21 ? 324  SER A CB  1 
ATOM   515  O OG  . SER A 1 71  ? -12.274 -1.935  -5.856  1.00 30.43 ? 324  SER A OG  1 
ATOM   516  N N   . SER A 1 72  ? -8.532  -3.126  -5.058  1.00 29.55 ? 325  SER A N   1 
ATOM   517  C CA  . SER A 1 72  ? -7.915  -4.416  -5.303  1.00 28.92 ? 325  SER A CA  1 
ATOM   518  C C   . SER A 1 72  ? -8.690  -5.457  -4.534  1.00 29.29 ? 325  SER A C   1 
ATOM   519  O O   . SER A 1 72  ? -9.239  -5.168  -3.482  1.00 27.76 ? 325  SER A O   1 
ATOM   520  C CB  . SER A 1 72  ? -6.462  -4.410  -4.799  1.00 28.98 ? 325  SER A CB  1 
ATOM   521  O OG  . SER A 1 72  ? -6.394  -4.671  -3.393  1.00 27.50 ? 325  SER A OG  1 
ATOM   522  N N   . PRO A 1 73  ? -8.633  -6.705  -4.980  1.00 29.89 ? 326  PRO A N   1 
ATOM   523  C CA  . PRO A 1 73  ? -9.098  -7.807  -4.139  1.00 29.80 ? 326  PRO A CA  1 
ATOM   524  C C   . PRO A 1 73  ? -8.060  -8.043  -3.024  1.00 30.37 ? 326  PRO A C   1 
ATOM   525  O O   . PRO A 1 73  ? -7.107  -7.248  -2.842  1.00 30.00 ? 326  PRO A O   1 
ATOM   526  C CB  . PRO A 1 73  ? -9.139  -8.987  -5.108  1.00 30.75 ? 326  PRO A CB  1 
ATOM   527  C CG  . PRO A 1 73  ? -8.107  -8.701  -6.104  1.00 30.41 ? 326  PRO A CG  1 
ATOM   528  C CD  . PRO A 1 73  ? -8.025  -7.177  -6.227  1.00 29.66 ? 326  PRO A CD  1 
ATOM   529  N N   . SER A 1 74  ? -8.255  -9.108  -2.269  1.00 30.04 ? 327  SER A N   1 
ATOM   530  C CA  . SER A 1 74  ? -7.310  -9.504  -1.246  1.00 30.82 ? 327  SER A CA  1 
ATOM   531  C C   . SER A 1 74  ? -6.043  -10.066 -1.871  1.00 30.45 ? 327  SER A C   1 
ATOM   532  O O   . SER A 1 74  ? -6.100  -10.731 -2.902  1.00 29.94 ? 327  SER A O   1 
ATOM   533  C CB  . SER A 1 74  ? -7.935  -10.545 -0.294  1.00 30.99 ? 327  SER A CB  1 
ATOM   534  O OG  . SER A 1 74  ? -8.833  -9.901  0.600   1.00 33.80 ? 327  SER A OG  1 
ATOM   535  N N   . TYR A 1 75  ? -4.906  -9.746  -1.253  1.00 30.04 ? 328  TYR A N   1 
ATOM   536  C CA  . TYR A 1 75  ? -3.612  -10.334 -1.588  1.00 30.17 ? 328  TYR A CA  1 
ATOM   537  C C   . TYR A 1 75  ? -2.905  -10.749 -0.278  1.00 30.64 ? 328  TYR A C   1 
ATOM   538  O O   . TYR A 1 75  ? -3.084  -10.128 0.764   1.00 30.44 ? 328  TYR A O   1 
ATOM   539  C CB  . TYR A 1 75  ? -2.776  -9.359  -2.438  1.00 29.43 ? 328  TYR A CB  1 
ATOM   540  C CG  . TYR A 1 75  ? -2.653  -7.926  -1.910  1.00 28.91 ? 328  TYR A CG  1 
ATOM   541  C CD1 . TYR A 1 75  ? -1.614  -7.570  -1.036  1.00 27.10 ? 328  TYR A CD1 1 
ATOM   542  C CD2 . TYR A 1 75  ? -3.546  -6.926  -2.308  1.00 25.06 ? 328  TYR A CD2 1 
ATOM   543  C CE1 . TYR A 1 75  ? -1.477  -6.262  -0.559  1.00 26.35 ? 328  TYR A CE1 1 
ATOM   544  C CE2 . TYR A 1 75  ? -3.421  -5.622  -1.822  1.00 25.36 ? 328  TYR A CE2 1 
ATOM   545  C CZ  . TYR A 1 75  ? -2.377  -5.305  -0.954  1.00 26.67 ? 328  TYR A CZ  1 
ATOM   546  O OH  . TYR A 1 75  ? -2.231  -4.025  -0.487  1.00 28.96 ? 328  TYR A OH  1 
ATOM   547  N N   . ARG A 1 76  ? -2.134  -11.822 -0.320  1.00 31.11 ? 329  ARG A N   1 
ATOM   548  C CA  . ARG A 1 76  ? -1.541  -12.362 0.898   1.00 31.49 ? 329  ARG A CA  1 
ATOM   549  C C   . ARG A 1 76  ? -0.056  -12.045 0.959   1.00 30.69 ? 329  ARG A C   1 
ATOM   550  O O   . ARG A 1 76  ? 0.569   -11.835 -0.059  1.00 31.21 ? 329  ARG A O   1 
ATOM   551  C CB  . ARG A 1 76  ? -1.765  -13.874 0.964   1.00 31.87 ? 329  ARG A CB  1 
ATOM   552  C CG  . ARG A 1 76  ? -3.235  -14.263 0.871   1.00 35.00 ? 329  ARG A CG  1 
ATOM   553  C CD  . ARG A 1 76  ? -3.540  -15.705 1.260   1.00 34.99 ? 329  ARG A CD  1 
ATOM   554  N NE  . ARG A 1 76  ? -2.818  -16.637 0.413   0.50 33.82 ? 329  ARG A NE  1 
ATOM   555  C CZ  . ARG A 1 76  ? -2.641  -17.926 0.679   0.50 35.43 ? 329  ARG A CZ  1 
ATOM   556  N NH1 . ARG A 1 76  ? -3.147  -18.477 1.780   0.50 35.70 ? 329  ARG A NH1 1 
ATOM   557  N NH2 . ARG A 1 76  ? -1.958  -18.676 -0.178  0.50 34.48 ? 329  ARG A NH2 1 
ATOM   558  N N   . PHE A 1 77  ? 0.496   -12.055 2.167   1.00 30.59 ? 330  PHE A N   1 
ATOM   559  C CA  . PHE A 1 77  ? 1.920   -11.882 2.396   1.00 30.37 ? 330  PHE A CA  1 
ATOM   560  C C   . PHE A 1 77  ? 2.323   -12.517 3.727   1.00 30.95 ? 330  PHE A C   1 
ATOM   561  O O   . PHE A 1 77  ? 1.476   -12.854 4.563   1.00 30.92 ? 330  PHE A O   1 
ATOM   562  C CB  . PHE A 1 77  ? 2.306   -10.396 2.347   1.00 30.46 ? 330  PHE A CB  1 
ATOM   563  C CG  . PHE A 1 77  ? 1.494   -9.522  3.272   1.00 30.37 ? 330  PHE A CG  1 
ATOM   564  C CD1 . PHE A 1 77  ? 1.955   -9.220  4.531   1.00 29.59 ? 330  PHE A CD1 1 
ATOM   565  C CD2 . PHE A 1 77  ? 0.288   -8.990  2.864   1.00 31.72 ? 330  PHE A CD2 1 
ATOM   566  C CE1 . PHE A 1 77  ? 1.218   -8.414  5.385   1.00 32.19 ? 330  PHE A CE1 1 
ATOM   567  C CE2 . PHE A 1 77  ? -0.455  -8.177  3.715   1.00 32.00 ? 330  PHE A CE2 1 
ATOM   568  C CZ  . PHE A 1 77  ? 0.011   -7.894  4.973   1.00 31.86 ? 330  PHE A CZ  1 
ATOM   569  N N   . ILE A 1 78  ? 3.629   -12.700 3.909   1.00 31.15 ? 331  ILE A N   1 
ATOM   570  C CA  . ILE A 1 78  ? 4.151   -13.491 4.996   1.00 31.35 ? 331  ILE A CA  1 
ATOM   571  C C   . ILE A 1 78  ? 5.094   -12.651 5.837   1.00 31.53 ? 331  ILE A C   1 
ATOM   572  O O   . ILE A 1 78  ? 6.108   -12.138 5.356   1.00 31.01 ? 331  ILE A O   1 
ATOM   573  C CB  . ILE A 1 78  ? 4.858   -14.762 4.470   1.00 31.94 ? 331  ILE A CB  1 
ATOM   574  C CG1 . ILE A 1 78  ? 3.865   -15.615 3.654   1.00 33.44 ? 331  ILE A CG1 1 
ATOM   575  C CG2 . ILE A 1 78  ? 5.410   -15.588 5.633   1.00 31.83 ? 331  ILE A CG2 1 
ATOM   576  C CD1 . ILE A 1 78  ? 4.511   -16.805 2.976   1.00 34.39 ? 331  ILE A CD1 1 
ATOM   577  N N   . LEU A 1 79  ? 4.754   -12.518 7.108   1.00 31.97 ? 332  LEU A N   1 
ATOM   578  C CA  . LEU A 1 79  ? 5.639   -11.851 8.039   1.00 32.67 ? 332  LEU A CA  1 
ATOM   579  C C   . LEU A 1 79  ? 6.883   -12.684 8.289   1.00 32.52 ? 332  LEU A C   1 
ATOM   580  O O   . LEU A 1 79  ? 6.953   -13.884 7.958   1.00 31.99 ? 332  LEU A O   1 
ATOM   581  C CB  . LEU A 1 79  ? 4.928   -11.554 9.350   1.00 32.86 ? 332  LEU A CB  1 
ATOM   582  C CG  . LEU A 1 79  ? 3.651   -10.739 9.253   1.00 32.97 ? 332  LEU A CG  1 
ATOM   583  C CD1 . LEU A 1 79  ? 3.086   -10.481 10.645  1.00 34.28 ? 332  LEU A CD1 1 
ATOM   584  C CD2 . LEU A 1 79  ? 3.904   -9.429  8.487   1.00 33.64 ? 332  LEU A CD2 1 
ATOM   585  N N   . ASN A 1 80  ? 7.866   -12.037 8.896   1.00 32.93 ? 333  ASN A N   1 
ATOM   586  C CA  . ASN A 1 80  ? 9.167   -12.652 9.137   1.00 33.68 ? 333  ASN A CA  1 
ATOM   587  C C   . ASN A 1 80  ? 9.058   -13.959 9.911   1.00 34.64 ? 333  ASN A C   1 
ATOM   588  O O   . ASN A 1 80  ? 9.806   -14.879 9.657   1.00 34.87 ? 333  ASN A O   1 
ATOM   589  C CB  . ASN A 1 80  ? 10.084  -11.690 9.897   1.00 33.58 ? 333  ASN A CB  1 
ATOM   590  C CG  . ASN A 1 80  ? 10.757  -10.703 8.997   1.00 32.83 ? 333  ASN A CG  1 
ATOM   591  O OD1 . ASN A 1 80  ? 10.809  -10.873 7.763   1.00 32.07 ? 333  ASN A OD1 1 
ATOM   592  N ND2 . ASN A 1 80  ? 11.311  -9.674  9.598   1.00 29.35 ? 333  ASN A ND2 1 
ATOM   593  N N   . ASP A 1 81  ? 8.116   -14.056 10.836  1.00 36.21 ? 334  ASP A N   1 
ATOM   594  C CA  . ASP A 1 81  ? 7.982   -15.269 11.637  1.00 38.29 ? 334  ASP A CA  1 
ATOM   595  C C   . ASP A 1 81  ? 7.139   -16.377 10.980  1.00 39.00 ? 334  ASP A C   1 
ATOM   596  O O   . ASP A 1 81  ? 6.828   -17.389 11.620  1.00 39.72 ? 334  ASP A O   1 
ATOM   597  C CB  . ASP A 1 81  ? 7.447   -14.933 13.038  1.00 39.00 ? 334  ASP A CB  1 
ATOM   598  C CG  . ASP A 1 81  ? 6.041   -14.368 13.018  1.00 41.09 ? 334  ASP A CG  1 
ATOM   599  O OD1 . ASP A 1 81  ? 5.431   -14.241 11.929  1.00 40.50 ? 334  ASP A OD1 1 
ATOM   600  O OD2 . ASP A 1 81  ? 5.476   -14.005 14.065  1.00 44.62 ? 334  ASP A OD2 1 
ATOM   601  N N   . GLY A 1 82  ? 6.776   -16.192 9.711   1.00 39.26 ? 335  GLY A N   1 
ATOM   602  C CA  . GLY A 1 82  ? 5.960   -17.155 8.998   1.00 39.39 ? 335  GLY A CA  1 
ATOM   603  C C   . GLY A 1 82  ? 4.468   -16.907 9.074   1.00 39.52 ? 335  GLY A C   1 
ATOM   604  O O   . GLY A 1 82  ? 3.706   -17.651 8.465   1.00 40.06 ? 335  GLY A O   1 
ATOM   605  N N   . THR A 1 83  ? 4.051   -15.864 9.789   1.00 39.54 ? 336  THR A N   1 
ATOM   606  C CA  . THR A 1 83  ? 2.640   -15.481 9.874   1.00 39.96 ? 336  THR A CA  1 
ATOM   607  C C   . THR A 1 83  ? 2.063   -15.003 8.549   1.00 39.62 ? 336  THR A C   1 
ATOM   608  O O   . THR A 1 83  ? 2.584   -14.077 7.929   1.00 39.00 ? 336  THR A O   1 
ATOM   609  C CB  . THR A 1 83  ? 2.437   -14.359 10.911  1.00 39.99 ? 336  THR A CB  1 
ATOM   610  O OG1 . THR A 1 83  ? 2.936   -14.769 12.185  1.00 40.70 ? 336  THR A OG1 1 
ATOM   611  C CG2 . THR A 1 83  ? 0.950   -14.113 11.159  1.00 40.59 ? 336  THR A CG2 1 
ATOM   612  N N   . MET A 1 84  ? 0.965   -15.631 8.149   1.00 39.94 ? 337  MET A N   1 
ATOM   613  C CA  . MET A 1 84  ? 0.258   -15.311 6.914   1.00 40.48 ? 337  MET A CA  1 
ATOM   614  C C   . MET A 1 84  ? -0.834  -14.280 7.169   1.00 39.15 ? 337  MET A C   1 
ATOM   615  O O   . MET A 1 84  ? -1.710  -14.516 7.977   1.00 39.68 ? 337  MET A O   1 
ATOM   616  C CB  . MET A 1 84  ? -0.381  -16.578 6.350   1.00 41.41 ? 337  MET A CB  1 
ATOM   617  C CG  . MET A 1 84  ? -1.279  -16.337 5.148   1.00 44.34 ? 337  MET A CG  1 
ATOM   618  S SD  . MET A 1 84  ? -0.304  -16.299 3.670   1.00 51.47 ? 337  MET A SD  1 
ATOM   619  C CE  . MET A 1 84  ? -0.175  -18.040 3.296   1.00 50.74 ? 337  MET A CE  1 
ATOM   620  N N   . LEU A 1 85  ? -0.782  -13.153 6.469   1.00 37.64 ? 338  LEU A N   1 
ATOM   621  C CA  . LEU A 1 85  ? -1.858  -12.157 6.510   1.00 36.91 ? 338  LEU A CA  1 
ATOM   622  C C   . LEU A 1 85  ? -2.360  -11.881 5.110   1.00 35.78 ? 338  LEU A C   1 
ATOM   623  O O   . LEU A 1 85  ? -1.728  -12.239 4.118   1.00 35.34 ? 338  LEU A O   1 
ATOM   624  C CB  . LEU A 1 85  ? -1.340  -10.824 7.068   1.00 36.89 ? 338  LEU A CB  1 
ATOM   625  C CG  . LEU A 1 85  ? -0.743  -10.793 8.461   1.00 38.68 ? 338  LEU A CG  1 
ATOM   626  C CD1 . LEU A 1 85  ? -0.385  -9.377  8.833   1.00 40.53 ? 338  LEU A CD1 1 
ATOM   627  C CD2 . LEU A 1 85  ? -1.704  -11.379 9.466   1.00 41.01 ? 338  LEU A CD2 1 
ATOM   628  N N   . SER A 1 86  ? -3.485  -11.196 5.033   1.00 34.37 ? 339  SER A N   1 
ATOM   629  C CA  . SER A 1 86  ? -3.916  -10.603 3.786   1.00 33.63 ? 339  SER A CA  1 
ATOM   630  C C   . SER A 1 86  ? -4.304  -9.142  3.969   1.00 32.30 ? 339  SER A C   1 
ATOM   631  O O   . SER A 1 86  ? -4.467  -8.648  5.083   1.00 31.99 ? 339  SER A O   1 
ATOM   632  C CB  . SER A 1 86  ? -5.045  -11.411 3.167   1.00 34.11 ? 339  SER A CB  1 
ATOM   633  O OG  . SER A 1 86  ? -6.085  -11.557 4.081   1.00 37.20 ? 339  SER A OG  1 
ATOM   634  N N   . ALA A 1 87  ? -4.352  -8.441  2.850   1.00 30.94 ? 340  ALA A N   1 
ATOM   635  C CA  . ALA A 1 87  ? -4.797  -7.062  2.797   1.00 30.09 ? 340  ALA A CA  1 
ATOM   636  C C   . ALA A 1 87  ? -5.514  -6.834  1.497   1.00 29.82 ? 340  ALA A C   1 
ATOM   637  O O   . ALA A 1 87  ? -5.384  -7.621  0.560   1.00 29.77 ? 340  ALA A O   1 
ATOM   638  C CB  . ALA A 1 87  ? -3.605  -6.098  2.891   1.00 29.82 ? 340  ALA A CB  1 
ATOM   639  N N   . HIS A 1 88  ? -6.251  -5.736  1.432   1.00 29.50 ? 341  HIS A N   1 
ATOM   640  C CA  . HIS A 1 88  ? -6.660  -5.175  0.156   1.00 29.31 ? 341  HIS A CA  1 
ATOM   641  C C   . HIS A 1 88  ? -6.539  -3.664  0.184   1.00 29.32 ? 341  HIS A C   1 
ATOM   642  O O   . HIS A 1 88  ? -6.448  -3.082  1.246   1.00 30.06 ? 341  HIS A O   1 
ATOM   643  C CB  . HIS A 1 88  ? -8.080  -5.554  -0.156  1.00 29.36 ? 341  HIS A CB  1 
ATOM   644  C CG  . HIS A 1 88  ? -9.100  -4.836  0.666   1.00 29.18 ? 341  HIS A CG  1 
ATOM   645  N ND1 . HIS A 1 88  ? -9.611  -5.358  1.830   1.00 29.27 ? 341  HIS A ND1 1 
ATOM   646  C CD2 . HIS A 1 88  ? -9.700  -3.634  0.495   1.00 32.81 ? 341  HIS A CD2 1 
ATOM   647  C CE1 . HIS A 1 88  ? -10.496 -4.514  2.331   1.00 33.32 ? 341  HIS A CE1 1 
ATOM   648  N NE2 . HIS A 1 88  ? -10.572 -3.460  1.536   1.00 29.90 ? 341  HIS A NE2 1 
ATOM   649  N N   . THR A 1 89  ? -6.581  -3.050  -0.989  1.00 28.64 ? 342  THR A N   1 
ATOM   650  C CA  . THR A 1 89  ? -6.252  -1.653  -1.163  1.00 29.02 ? 342  THR A CA  1 
ATOM   651  C C   . THR A 1 89  ? -7.401  -0.971  -1.908  1.00 29.83 ? 342  THR A C   1 
ATOM   652  O O   . THR A 1 89  ? -7.972  -1.537  -2.845  1.00 29.22 ? 342  THR A O   1 
ATOM   653  C CB  . THR A 1 89  ? -4.907  -1.513  -1.947  1.00 28.43 ? 342  THR A CB  1 
ATOM   654  O OG1 . THR A 1 89  ? -3.811  -1.953  -1.130  1.00 28.10 ? 342  THR A OG1 1 
ATOM   655  C CG2 . THR A 1 89  ? -4.554  -0.070  -2.236  1.00 28.86 ? 342  THR A CG2 1 
ATOM   656  N N   . ARG A 1 90  ? -7.758  0.217   -1.447  1.00 30.74 ? 343  ARG A N   1 
ATOM   657  C CA  . ARG A 1 90  ? -8.632  1.122   -2.185  1.00 32.38 ? 343  ARG A CA  1 
ATOM   658  C C   . ARG A 1 90  ? -7.910  2.445   -2.358  1.00 33.02 ? 343  ARG A C   1 
ATOM   659  O O   . ARG A 1 90  ? -7.185  2.878   -1.445  1.00 31.81 ? 343  ARG A O   1 
ATOM   660  C CB  . ARG A 1 90  ? -9.927  1.370   -1.416  1.00 32.82 ? 343  ARG A CB  1 
ATOM   661  C CG  . ARG A 1 90  ? -10.605 0.107   -0.955  1.00 35.63 ? 343  ARG A CG  1 
ATOM   662  C CD  . ARG A 1 90  ? -11.876 0.336   -0.179  1.00 39.27 ? 343  ARG A CD  1 
ATOM   663  N NE  . ARG A 1 90  ? -12.164 -0.744  0.767   1.00 41.72 ? 343  ARG A NE  1 
ATOM   664  C CZ  . ARG A 1 90  ? -13.100 -0.683  1.713   1.00 41.19 ? 343  ARG A CZ  1 
ATOM   665  N NH1 . ARG A 1 90  ? -13.855 0.412   1.833   1.00 44.15 ? 343  ARG A NH1 1 
ATOM   666  N NH2 . ARG A 1 90  ? -13.292 -1.714  2.530   1.00 35.98 ? 343  ARG A NH2 1 
ATOM   667  N N   . CYS A 1 91  ? -8.099  3.096   -3.504  1.00 33.96 ? 344  CYS A N   1 
ATOM   668  C CA  . CYS A 1 91  ? -7.593  4.446   -3.668  1.00 35.68 ? 344  CYS A CA  1 
ATOM   669  C C   . CYS A 1 91  ? -8.491  5.406   -4.467  1.00 36.44 ? 344  CYS A C   1 
ATOM   670  O O   . CYS A 1 91  ? -9.488  5.007   -5.081  1.00 36.42 ? 344  CYS A O   1 
ATOM   671  C CB  . CYS A 1 91  ? -6.190  4.397   -4.259  1.00 36.61 ? 344  CYS A CB  1 
ATOM   672  S SG  . CYS A 1 91  ? -6.101  3.610   -5.853  1.00 39.42 ? 344  CYS A SG  1 
ATOM   673  N N   . LYS A 1 92  ? -8.092  6.674   -4.450  1.00 37.05 ? 345  LYS A N   1 
ATOM   674  C CA  . LYS A 1 92  ? -8.920  7.796   -4.861  1.00 37.96 ? 345  LYS A CA  1 
ATOM   675  C C   . LYS A 1 92  ? -7.991  8.890   -5.405  1.00 38.05 ? 345  LYS A C   1 
ATOM   676  O O   . LYS A 1 92  ? -6.996  9.244   -4.775  1.00 37.80 ? 345  LYS A O   1 
ATOM   677  C CB  . LYS A 1 92  ? -9.698  8.296   -3.628  1.00 38.44 ? 345  LYS A CB  1 
ATOM   678  C CG  . LYS A 1 92  ? -11.138 8.685   -3.877  1.00 41.07 ? 345  LYS A CG  1 
ATOM   679  N N   . LEU A 1 93  ? -8.280  9.405   -6.585  1.00 38.69 ? 346  LEU A N   1 
ATOM   680  C CA  . LEU A 1 93  ? -7.579  10.570  -7.090  1.00 39.56 ? 346  LEU A CA  1 
ATOM   681  C C   . LEU A 1 93  ? -8.183  11.800  -6.425  1.00 40.72 ? 346  LEU A C   1 
ATOM   682  O O   . LEU A 1 93  ? -9.400  11.998  -6.481  1.00 39.77 ? 346  LEU A O   1 
ATOM   683  C CB  . LEU A 1 93  ? -7.729  10.662  -8.610  1.00 39.73 ? 346  LEU A CB  1 
ATOM   684  C CG  . LEU A 1 93  ? -6.952  11.760  -9.346  1.00 40.37 ? 346  LEU A CG  1 
ATOM   685  C CD1 . LEU A 1 93  ? -5.468  11.688  -9.008  1.00 40.53 ? 346  LEU A CD1 1 
ATOM   686  C CD2 . LEU A 1 93  ? -7.158  11.657  -10.860 1.00 40.37 ? 346  LEU A CD2 1 
ATOM   687  N N   . CYS A 1 94  ? -7.326  12.608  -5.790  1.00 42.39 ? 347  CYS A N   1 
ATOM   688  C CA  . CYS A 1 94  ? -7.721  13.837  -5.107  1.00 44.20 ? 347  CYS A CA  1 
ATOM   689  C C   . CYS A 1 94  ? -7.122  15.083  -5.764  1.00 45.59 ? 347  CYS A C   1 
ATOM   690  O O   . CYS A 1 94  ? -5.947  15.119  -6.096  1.00 44.15 ? 347  CYS A O   1 
ATOM   691  C CB  . CYS A 1 94  ? -7.275  13.785  -3.660  1.00 44.26 ? 347  CYS A CB  1 
ATOM   692  S SG  . CYS A 1 94  ? -7.853  12.311  -2.821  1.00 46.97 ? 347  CYS A SG  1 
ATOM   693  N N   . TYR A 1 95  ? -7.964  16.099  -5.918  1.00 48.11 ? 348  TYR A N   1 
ATOM   694  C CA  . TYR A 1 95  ? -7.604  17.379  -6.505  1.00 50.45 ? 348  TYR A CA  1 
ATOM   695  C C   . TYR A 1 95  ? -7.672  18.428  -5.414  1.00 51.85 ? 348  TYR A C   1 
ATOM   696  O O   . TYR A 1 95  ? -8.767  18.869  -5.067  1.00 52.53 ? 348  TYR A O   1 
ATOM   697  C CB  . TYR A 1 95  ? -8.587  17.722  -7.626  1.00 50.79 ? 348  TYR A CB  1 
ATOM   698  C CG  . TYR A 1 95  ? -8.310  16.936  -8.879  1.00 52.63 ? 348  TYR A CG  1 
ATOM   699  C CD1 . TYR A 1 95  ? -9.095  15.843  -9.250  1.00 54.27 ? 348  TYR A CD1 1 
ATOM   700  C CD2 . TYR A 1 95  ? -7.238  17.270  -9.687  1.00 54.34 ? 348  TYR A CD2 1 
ATOM   701  C CE1 . TYR A 1 95  ? -8.811  15.118  -10.412 1.00 55.03 ? 348  TYR A CE1 1 
ATOM   702  C CE2 . TYR A 1 95  ? -6.952  16.553  -10.838 1.00 55.10 ? 348  TYR A CE2 1 
ATOM   703  C CZ  . TYR A 1 95  ? -7.728  15.485  -11.195 1.00 54.87 ? 348  TYR A CZ  1 
ATOM   704  O OH  . TYR A 1 95  ? -7.400  14.804  -12.356 1.00 58.53 ? 348  TYR A OH  1 
ATOM   705  N N   . PRO A 1 96  ? -6.520  18.835  -4.875  1.00 53.31 ? 349  PRO A N   1 
ATOM   706  C CA  . PRO A 1 96  ? -6.485  19.744  -3.718  1.00 54.17 ? 349  PRO A CA  1 
ATOM   707  C C   . PRO A 1 96  ? -6.815  21.193  -4.114  1.00 54.33 ? 349  PRO A C   1 
ATOM   708  O O   . PRO A 1 96  ? -6.570  21.544  -5.274  1.00 54.43 ? 349  PRO A O   1 
ATOM   709  C CB  . PRO A 1 96  ? -5.026  19.651  -3.254  1.00 54.18 ? 349  PRO A CB  1 
ATOM   710  C CG  . PRO A 1 96  ? -4.275  19.427  -4.511  1.00 54.22 ? 349  PRO A CG  1 
ATOM   711  C CD  . PRO A 1 96  ? -5.166  18.543  -5.367  1.00 53.50 ? 349  PRO A CD  1 
ATOM   712  N N   . MET A 1 101 ? -0.685  23.211  -5.151  1.00 60.41 ? 354  MET A N   1 
ATOM   713  C CA  . MET A 1 101 ? -0.785  21.763  -4.966  1.00 60.16 ? 354  MET A CA  1 
ATOM   714  C C   . MET A 1 101 ? -0.903  21.031  -6.307  1.00 59.86 ? 354  MET A C   1 
ATOM   715  O O   . MET A 1 101 ? -1.382  21.593  -7.299  1.00 60.40 ? 354  MET A O   1 
ATOM   716  N N   . GLN A 1 102 ? -0.431  19.785  -6.339  1.00 59.02 ? 355  GLN A N   1 
ATOM   717  C CA  . GLN A 1 102 ? -0.645  18.901  -7.484  1.00 58.03 ? 355  GLN A CA  1 
ATOM   718  C C   . GLN A 1 102 ? -1.627  17.821  -7.050  1.00 56.22 ? 355  GLN A C   1 
ATOM   719  O O   . GLN A 1 102 ? -1.741  17.541  -5.853  1.00 56.77 ? 355  GLN A O   1 
ATOM   720  C CB  . GLN A 1 102 ? 0.677   18.266  -7.929  1.00 58.83 ? 355  GLN A CB  1 
ATOM   721  C CG  . GLN A 1 102 ? 1.463   19.079  -8.960  1.00 60.52 ? 355  GLN A CG  1 
ATOM   722  C CD  . GLN A 1 102 ? 0.883   18.936  -10.356 1.00 62.53 ? 355  GLN A CD  1 
ATOM   723  O OE1 . GLN A 1 102 ? 0.041   19.738  -10.764 1.00 64.20 ? 355  GLN A OE1 1 
ATOM   724  N NE2 . GLN A 1 102 ? 1.315   17.906  -11.083 1.00 64.21 ? 355  GLN A NE2 1 
ATOM   725  N N   . PRO A 1 103 ? -2.347  17.218  -7.992  1.00 53.86 ? 356  PRO A N   1 
ATOM   726  C CA  . PRO A 1 103 ? -3.227  16.092  -7.655  1.00 52.15 ? 356  PRO A CA  1 
ATOM   727  C C   . PRO A 1 103 ? -2.422  14.890  -7.145  1.00 50.03 ? 356  PRO A C   1 
ATOM   728  O O   . PRO A 1 103 ? -1.299  14.663  -7.602  1.00 49.74 ? 356  PRO A O   1 
ATOM   729  C CB  . PRO A 1 103 ? -3.915  15.759  -8.985  1.00 52.46 ? 356  PRO A CB  1 
ATOM   730  C CG  . PRO A 1 103 ? -3.017  16.328  -10.044 1.00 53.42 ? 356  PRO A CG  1 
ATOM   731  C CD  . PRO A 1 103 ? -2.371  17.529  -9.432  1.00 54.09 ? 356  PRO A CD  1 
ATOM   732  N N   . PHE A 1 104 ? -2.992  14.152  -6.195  1.00 47.36 ? 357  PHE A N   1 
ATOM   733  C CA  . PHE A 1 104 ? -2.342  12.976  -5.622  1.00 45.47 ? 357  PHE A CA  1 
ATOM   734  C C   . PHE A 1 104 ? -3.307  11.799  -5.474  1.00 43.03 ? 357  PHE A C   1 
ATOM   735  O O   . PHE A 1 104 ? -4.502  11.982  -5.517  1.00 42.46 ? 357  PHE A O   1 
ATOM   736  C CB  . PHE A 1 104 ? -1.722  13.332  -4.262  1.00 45.40 ? 357  PHE A CB  1 
ATOM   737  C CG  . PHE A 1 104 ? -2.669  14.017  -3.315  1.00 46.46 ? 357  PHE A CG  1 
ATOM   738  C CD1 . PHE A 1 104 ? -3.409  13.289  -2.400  1.00 45.92 ? 357  PHE A CD1 1 
ATOM   739  C CD2 . PHE A 1 104 ? -2.790  15.402  -3.315  1.00 48.50 ? 357  PHE A CD2 1 
ATOM   740  C CE1 . PHE A 1 104 ? -4.276  13.933  -1.502  1.00 46.64 ? 357  PHE A CE1 1 
ATOM   741  C CE2 . PHE A 1 104 ? -3.658  16.051  -2.419  1.00 47.93 ? 357  PHE A CE2 1 
ATOM   742  C CZ  . PHE A 1 104 ? -4.399  15.308  -1.518  1.00 47.24 ? 357  PHE A CZ  1 
ATOM   743  N N   . ILE A 1 105 ? -2.771  10.592  -5.300  1.00 40.65 ? 358  ILE A N   1 
ATOM   744  C CA  . ILE A 1 105 ? -3.585  9.404   -5.112  1.00 38.56 ? 358  ILE A CA  1 
ATOM   745  C C   . ILE A 1 105 ? -3.482  8.971   -3.655  1.00 37.67 ? 358  ILE A C   1 
ATOM   746  O O   . ILE A 1 105 ? -2.388  8.660   -3.162  1.00 37.35 ? 358  ILE A O   1 
ATOM   747  C CB  . ILE A 1 105 ? -3.118  8.249   -6.019  1.00 37.55 ? 358  ILE A CB  1 
ATOM   748  C CG1 . ILE A 1 105 ? -3.155  8.647   -7.491  1.00 37.68 ? 358  ILE A CG1 1 
ATOM   749  C CG2 . ILE A 1 105 ? -3.981  7.026   -5.801  1.00 36.43 ? 358  ILE A CG2 1 
ATOM   750  C CD1 . ILE A 1 105 ? -2.294  7.768   -8.378  1.00 35.88 ? 358  ILE A CD1 1 
ATOM   751  N N   . MET A 1 106 ? -4.622  8.933   -2.985  1.00 36.29 ? 359  MET A N   1 
ATOM   752  C CA  . MET A 1 106 ? -4.705  8.485   -1.614  1.00 36.36 ? 359  MET A CA  1 
ATOM   753  C C   . MET A 1 106 ? -5.149  7.039   -1.624  1.00 35.98 ? 359  MET A C   1 
ATOM   754  O O   . MET A 1 106 ? -6.108  6.669   -2.301  1.00 35.85 ? 359  MET A O   1 
ATOM   755  C CB  . MET A 1 106 ? -5.693  9.337   -0.835  1.00 36.13 ? 359  MET A CB  1 
ATOM   756  C CG  . MET A 1 106 ? -5.240  10.790  -0.736  1.00 37.07 ? 359  MET A CG  1 
ATOM   757  S SD  . MET A 1 106 ? -3.701  10.984  0.164   0.50 35.23 ? 359  MET A SD  1 
ATOM   758  C CE  . MET A 1 106 ? -4.083  10.130  1.721   0.50 33.06 ? 359  MET A CE  1 
ATOM   759  N N   . GLY A 1 107 ? -4.426  6.225   -0.882  1.00 35.41 ? 360  GLY A N   1 
ATOM   760  C CA  . GLY A 1 107 ? -4.694  4.806   -0.799  1.00 34.93 ? 360  GLY A CA  1 
ATOM   761  C C   . GLY A 1 107 ? -4.807  4.408   0.647   1.00 34.17 ? 360  GLY A C   1 
ATOM   762  O O   . GLY A 1 107 ? -4.094  4.920   1.488   1.00 34.16 ? 360  GLY A O   1 
ATOM   763  N N   . ILE A 1 108 ? -5.740  3.518   0.928   1.00 34.32 ? 361  ILE A N   1 
ATOM   764  C CA  . ILE A 1 108 ? -5.864  2.886   2.218   1.00 34.08 ? 361  ILE A CA  1 
ATOM   765  C C   . ILE A 1 108 ? -5.639  1.399   2.011   1.00 33.16 ? 361  ILE A C   1 
ATOM   766  O O   . ILE A 1 108 ? -6.093  0.817   1.050   1.00 32.72 ? 361  ILE A O   1 
ATOM   767  C CB  . ILE A 1 108 ? -7.223  3.172   2.890   1.00 34.74 ? 361  ILE A CB  1 
ATOM   768  C CG1 . ILE A 1 108 ? -7.250  2.478   4.262   1.00 37.04 ? 361  ILE A CG1 1 
ATOM   769  C CG2 . ILE A 1 108 ? -8.413  2.721   2.045   1.00 34.50 ? 361  ILE A CG2 1 
ATOM   770  C CD1 . ILE A 1 108 ? -8.510  2.733   5.080   1.00 39.30 ? 361  ILE A CD1 1 
ATOM   771  N N   . HIS A 1 109 ? -4.901  0.808   2.935   1.00 32.24 ? 362  HIS A N   1 
ATOM   772  C CA  . HIS A 1 109 ? -4.478  -0.570  2.844   1.00 31.95 ? 362  HIS A CA  1 
ATOM   773  C C   . HIS A 1 109 ? -4.971  -1.261  4.126   1.00 31.51 ? 362  HIS A C   1 
ATOM   774  O O   . HIS A 1 109 ? -4.559  -0.917  5.232   1.00 30.75 ? 362  HIS A O   1 
ATOM   775  C CB  . HIS A 1 109 ? -2.947  -0.612  2.690   1.00 31.57 ? 362  HIS A CB  1 
ATOM   776  C CG  . HIS A 1 109 ? -2.438  0.248   1.571   1.00 31.28 ? 362  HIS A CG  1 
ATOM   777  N ND1 . HIS A 1 109 ? -2.188  -0.245  0.310   1.00 31.68 ? 362  HIS A ND1 1 
ATOM   778  C CD2 . HIS A 1 109 ? -2.146  1.574   1.520   1.00 31.98 ? 362  HIS A CD2 1 
ATOM   779  C CE1 . HIS A 1 109 ? -1.778  0.740   -0.472  1.00 31.62 ? 362  HIS A CE1 1 
ATOM   780  N NE2 . HIS A 1 109 ? -1.726  1.852   0.243   1.00 29.16 ? 362  HIS A NE2 1 
ATOM   781  N N   . ILE A 1 110 ? -5.884  -2.200  3.972   1.00 31.27 ? 363  ILE A N   1 
ATOM   782  C CA  . ILE A 1 110 ? -6.638  -2.726  5.100   1.00 32.46 ? 363  ILE A CA  1 
ATOM   783  C C   . ILE A 1 110 ? -6.252  -4.175  5.335   1.00 32.63 ? 363  ILE A C   1 
ATOM   784  O O   . ILE A 1 110 ? -6.360  -4.990  4.429   1.00 31.68 ? 363  ILE A O   1 
ATOM   785  C CB  . ILE A 1 110 ? -8.146  -2.584  4.837   1.00 32.54 ? 363  ILE A CB  1 
ATOM   786  C CG1 . ILE A 1 110 ? -8.501  -1.099  4.715   1.00 34.45 ? 363  ILE A CG1 1 
ATOM   787  C CG2 . ILE A 1 110 ? -8.981  -3.232  5.970   1.00 34.26 ? 363  ILE A CG2 1 
ATOM   788  C CD1 . ILE A 1 110 ? -9.839  -0.827  4.073   1.00 36.19 ? 363  ILE A CD1 1 
ATOM   789  N N   . ILE A 1 111 ? -5.814  -4.458  6.559   1.00 33.30 ? 364  ILE A N   1 
ATOM   790  C CA  . ILE A 1 111 ? -5.248  -5.739  6.956   1.00 35.26 ? 364  ILE A CA  1 
ATOM   791  C C   . ILE A 1 111 ? -6.341  -6.636  7.513   1.00 37.51 ? 364  ILE A C   1 
ATOM   792  O O   . ILE A 1 111 ? -7.161  -6.195  8.329   1.00 37.67 ? 364  ILE A O   1 
ATOM   793  C CB  . ILE A 1 111 ? -4.172  -5.561  8.067   1.00 34.80 ? 364  ILE A CB  1 
ATOM   794  C CG1 . ILE A 1 111 ? -3.155  -4.468  7.732   1.00 35.04 ? 364  ILE A CG1 1 
ATOM   795  C CG2 . ILE A 1 111 ? -3.458  -6.873  8.340   1.00 35.70 ? 364  ILE A CG2 1 
ATOM   796  C CD1 . ILE A 1 111 ? -2.521  -4.576  6.371   1.00 34.31 ? 364  ILE A CD1 1 
ATOM   797  N N   . ASP A 1 112 ? -6.340  -7.886  7.051   1.00 39.84 ? 365  ASP A N   1 
ATOM   798  C CA  . ASP A 1 112 ? -7.191  -8.948  7.572   1.00 42.24 ? 365  ASP A CA  1 
ATOM   799  C C   . ASP A 1 112 ? -6.304  -10.032 8.211   1.00 43.87 ? 365  ASP A C   1 
ATOM   800  O O   . ASP A 1 112 ? -5.506  -10.708 7.536   1.00 43.42 ? 365  ASP A O   1 
ATOM   801  C CB  . ASP A 1 112 ? -8.032  -9.522  6.432   1.00 42.47 ? 365  ASP A CB  1 
ATOM   802  C CG  . ASP A 1 112 ? -9.132  -10.446 6.916   1.00 45.03 ? 365  ASP A CG  1 
ATOM   803  O OD1 . ASP A 1 112 ? -9.861  -10.971 6.042   1.00 48.07 ? 365  ASP A OD1 1 
ATOM   804  O OD2 . ASP A 1 112 ? -9.363  -10.693 8.125   1.00 47.37 ? 365  ASP A OD2 1 
ATOM   805  N N   . ARG A 1 113 ? -6.460  -10.188 9.515   1.00 46.54 ? 366  ARG A N   1 
ATOM   806  C CA  . ARG A 1 113 ? -5.643  -11.093 10.325  1.00 49.18 ? 366  ARG A CA  1 
ATOM   807  C C   . ARG A 1 113 ? -6.271  -12.501 10.489  1.00 50.96 ? 366  ARG A C   1 
ATOM   808  O O   . ARG A 1 113 ? -5.661  -13.396 11.087  1.00 52.06 ? 366  ARG A O   1 
ATOM   809  C CB  . ARG A 1 113 ? -5.415  -10.422 11.697  1.00 49.65 ? 366  ARG A CB  1 
ATOM   810  C CG  . ARG A 1 113 ? -4.023  -10.529 12.287  1.00 50.36 ? 366  ARG A CG  1 
ATOM   811  C CD  . ARG A 1 113 ? -3.290  -9.195  12.596  1.00 51.10 ? 366  ARG A CD  1 
ATOM   812  N NE  . ARG A 1 113 ? -1.888  -9.499  12.912  1.00 51.85 ? 366  ARG A NE  1 
ATOM   813  C CZ  . ARG A 1 113 ? -0.881  -8.642  12.915  1.00 53.53 ? 366  ARG A CZ  1 
ATOM   814  N NH1 . ARG A 1 113 ? -1.064  -7.358  12.642  1.00 53.67 ? 366  ARG A NH1 1 
ATOM   815  N NH2 . ARG A 1 113 ? 0.337   -9.087  13.209  1.00 56.52 ? 366  ARG A NH2 1 
ATOM   816  N N   . GLU A 1 114 ? -7.463  -12.712 9.924   1.00 52.59 ? 367  GLU A N   1 
ATOM   817  C CA  . GLU A 1 114 ? -8.292  -13.892 10.250  1.00 53.66 ? 367  GLU A CA  1 
ATOM   818  C C   . GLU A 1 114 ? -7.906  -15.161 9.474   1.00 54.30 ? 367  GLU A C   1 
ATOM   819  O O   . GLU A 1 114 ? -7.670  -15.123 8.262   1.00 55.35 ? 367  GLU A O   1 
ATOM   820  C CB  . GLU A 1 114 ? -9.777  -13.581 10.021  1.00 53.76 ? 367  GLU A CB  1 
ATOM   821  N N   . LEU B 2 1   ? 6.702   1.779   -11.314 1.00 44.65 ? 795  LEU B N   1 
ATOM   822  C CA  . LEU B 2 1   ? 8.018   1.538   -10.635 1.00 44.58 ? 795  LEU B CA  1 
ATOM   823  C C   . LEU B 2 1   ? 7.832   1.273   -9.135  1.00 43.18 ? 795  LEU B C   1 
ATOM   824  O O   . LEU B 2 1   ? 7.443   2.172   -8.379  1.00 42.88 ? 795  LEU B O   1 
ATOM   825  C CB  . LEU B 2 1   ? 8.931   2.754   -10.867 1.00 45.69 ? 795  LEU B CB  1 
ATOM   826  C CG  . LEU B 2 1   ? 10.355  2.728   -10.302 1.00 48.25 ? 795  LEU B CG  1 
ATOM   827  C CD1 . LEU B 2 1   ? 11.185  1.624   -10.925 1.00 49.72 ? 795  LEU B CD1 1 
ATOM   828  C CD2 . LEU B 2 1   ? 11.000  4.093   -10.563 1.00 50.40 ? 795  LEU B CD2 1 
ATOM   829  N N   . PRO B 2 2   ? 8.071   0.047   -8.681  1.00 41.29 ? 796  PRO B N   1 
ATOM   830  C CA  . PRO B 2 2   ? 7.930   -0.225  -7.255  1.00 40.50 ? 796  PRO B CA  1 
ATOM   831  C C   . PRO B 2 2   ? 8.906   0.591   -6.384  1.00 39.58 ? 796  PRO B C   1 
ATOM   832  O O   . PRO B 2 2   ? 9.959   0.990   -6.864  1.00 39.13 ? 796  PRO B O   1 
ATOM   833  C CB  . PRO B 2 2   ? 8.221   -1.719  -7.153  1.00 40.52 ? 796  PRO B CB  1 
ATOM   834  C CG  . PRO B 2 2   ? 7.923   -2.240  -8.511  1.00 41.09 ? 796  PRO B CG  1 
ATOM   835  C CD  . PRO B 2 2   ? 8.425   -1.172  -9.430  1.00 41.46 ? 796  PRO B CD  1 
ATOM   836  N N   . PRO B 2 3   ? 8.548   0.835   -5.129  1.00 38.19 ? 797  PRO B N   1 
ATOM   837  C CA  . PRO B 2 3   ? 9.475   1.430   -4.167  1.00 37.90 ? 797  PRO B CA  1 
ATOM   838  C C   . PRO B 2 3   ? 10.580  0.446   -3.706  1.00 37.29 ? 797  PRO B C   1 
ATOM   839  O O   . PRO B 2 3   ? 10.311  -0.710  -3.377  1.00 36.62 ? 797  PRO B O   1 
ATOM   840  C CB  . PRO B 2 3   ? 8.567   1.781   -2.998  1.00 37.93 ? 797  PRO B CB  1 
ATOM   841  C CG  . PRO B 2 3   ? 7.471   0.760   -3.071  1.00 37.96 ? 797  PRO B CG  1 
ATOM   842  C CD  . PRO B 2 3   ? 7.231   0.557   -4.527  1.00 38.08 ? 797  PRO B CD  1 
ATOM   843  N N   . THR B 2 4   ? 11.821  0.910   -3.697  1.00 36.59 ? 798  THR B N   1 
ATOM   844  C CA  . THR B 2 4   ? 12.916  0.123   -3.162  1.00 36.68 ? 798  THR B CA  1 
ATOM   845  C C   . THR B 2 4   ? 12.882  0.133   -1.626  1.00 36.93 ? 798  THR B C   1 
ATOM   846  O O   . THR B 2 4   ? 12.169  0.925   -0.997  1.00 35.73 ? 798  THR B O   1 
ATOM   847  C CB  . THR B 2 4   ? 14.279  0.722   -3.585  1.00 37.01 ? 798  THR B CB  1 
ATOM   848  O OG1 . THR B 2 4   ? 14.408  2.029   -3.017  1.00 35.24 ? 798  THR B OG1 1 
ATOM   849  C CG2 . THR B 2 4   ? 14.377  0.939   -5.099  1.00 36.88 ? 798  THR B CG2 1 
ATOM   850  N N   . GLU B 2 5   ? 13.699  -0.737  -1.050  1.00 37.54 ? 799  GLU B N   1 
ATOM   851  C CA  . GLU B 2 5   ? 13.941  -0.813  0.393   1.00 38.73 ? 799  GLU B CA  1 
ATOM   852  C C   . GLU B 2 5   ? 14.319  0.556   0.965   1.00 38.48 ? 799  GLU B C   1 
ATOM   853  O O   . GLU B 2 5   ? 13.781  0.958   1.984   1.00 38.79 ? 799  GLU B O   1 
ATOM   854  C CB  . GLU B 2 5   ? 15.064  -1.831  0.692   1.00 39.42 ? 799  GLU B CB  1 
ATOM   855  C CG  . GLU B 2 5   ? 15.160  -2.287  2.153   1.00 41.85 ? 799  GLU B CG  1 
ATOM   856  C CD  . GLU B 2 5   ? 15.867  -1.297  3.059   0.50 42.58 ? 799  GLU B CD  1 
ATOM   857  O OE1 . GLU B 2 5   ? 15.338  -1.014  4.161   0.50 43.73 ? 799  GLU B OE1 1 
ATOM   858  O OE2 . GLU B 2 5   ? 16.953  -0.804  2.678   0.50 44.00 ? 799  GLU B OE2 1 
ATOM   859  N N   . GLN B 2 6   ? 15.205  1.281   0.286   1.00 38.37 ? 800  GLN B N   1 
ATOM   860  C CA  . GLN B 2 6   ? 15.609  2.619   0.762   1.00 38.40 ? 800  GLN B CA  1 
ATOM   861  C C   . GLN B 2 6   ? 14.457  3.638   0.638   1.00 37.46 ? 800  GLN B C   1 
ATOM   862  O O   . GLN B 2 6   ? 14.287  4.449   1.531   1.00 36.51 ? 800  GLN B O   1 
ATOM   863  C CB  A GLN B 2 6   ? 16.840  3.161   -0.014  0.60 38.36 ? 800  GLN B CB  1 
ATOM   864  C CB  B GLN B 2 6   ? 16.909  3.105   0.092   0.40 38.31 ? 800  GLN B CB  1 
ATOM   865  C CG  A GLN B 2 6   ? 16.645  4.603   -0.609  0.60 39.07 ? 800  GLN B CG  1 
ATOM   866  C CG  B GLN B 2 6   ? 17.710  4.126   0.954   0.40 38.79 ? 800  GLN B CG  1 
ATOM   867  C CD  A GLN B 2 6   ? 17.859  5.185   -1.313  0.60 38.82 ? 800  GLN B CD  1 
ATOM   868  C CD  B GLN B 2 6   ? 19.222  3.838   1.067   0.40 39.08 ? 800  GLN B CD  1 
ATOM   869  O OE1 A GLN B 2 6   ? 18.917  5.325   -0.720  0.60 40.90 ? 800  GLN B OE1 1 
ATOM   870  O OE1 B GLN B 2 6   ? 19.662  2.690   1.047   0.40 40.94 ? 800  GLN B OE1 1 
ATOM   871  N NE2 A GLN B 2 6   ? 17.693  5.550   -2.572  0.60 38.77 ? 800  GLN B NE2 1 
ATOM   872  N NE2 B GLN B 2 6   ? 20.000  4.891   1.209   0.40 39.97 ? 800  GLN B NE2 1 
ATOM   873  N N   . ASP B 2 7   ? 13.687  3.593   -0.456  1.00 36.79 ? 801  ASP B N   1 
ATOM   874  C CA  . ASP B 2 7   ? 12.470  4.405   -0.581  1.00 36.62 ? 801  ASP B CA  1 
ATOM   875  C C   . ASP B 2 7   ? 11.578  4.240   0.654   1.00 36.23 ? 801  ASP B C   1 
ATOM   876  O O   . ASP B 2 7   ? 11.103  5.219   1.212   1.00 36.63 ? 801  ASP B O   1 
ATOM   877  C CB  . ASP B 2 7   ? 11.629  4.030   -1.820  1.00 37.38 ? 801  ASP B CB  1 
ATOM   878  C CG  . ASP B 2 7   ? 12.277  4.403   -3.128  1.00 38.40 ? 801  ASP B CG  1 
ATOM   879  O OD1 . ASP B 2 7   ? 13.205  5.245   -3.150  1.00 41.68 ? 801  ASP B OD1 1 
ATOM   880  O OD2 . ASP B 2 7   ? 11.911  3.878   -4.202  1.00 38.81 ? 801  ASP B OD2 1 
ATOM   881  N N   . LEU B 2 8   ? 11.387  3.012   1.107   1.00 35.86 ? 802  LEU B N   1 
ATOM   882  C CA  . LEU B 2 8   ? 10.478  2.757   2.228   1.00 35.98 ? 802  LEU B CA  1 
ATOM   883  C C   . LEU B 2 8   ? 11.082  3.149   3.574   1.00 35.81 ? 802  LEU B C   1 
ATOM   884  O O   . LEU B 2 8   ? 10.374  3.638   4.446   1.00 35.05 ? 802  LEU B O   1 
ATOM   885  C CB  . LEU B 2 8   ? 10.035  1.289   2.271   1.00 35.62 ? 802  LEU B CB  1 
ATOM   886  C CG  . LEU B 2 8   ? 9.186   0.847   1.081   1.00 36.11 ? 802  LEU B CG  1 
ATOM   887  C CD1 . LEU B 2 8   ? 8.935   -0.649  1.133   1.00 37.17 ? 802  LEU B CD1 1 
ATOM   888  C CD2 . LEU B 2 8   ? 7.876   1.613   1.024   1.00 36.98 ? 802  LEU B CD2 1 
ATOM   889  N N   . THR B 2 9   ? 12.373  2.919   3.755   1.00 35.65 ? 803  THR B N   1 
ATOM   890  C CA  . THR B 2 9   ? 13.042  3.392   4.954   1.00 36.51 ? 803  THR B CA  1 
ATOM   891  C C   . THR B 2 9   ? 12.863  4.919   5.108   1.00 37.03 ? 803  THR B C   1 
ATOM   892  O O   . THR B 2 9   ? 12.527  5.399   6.187   1.00 37.02 ? 803  THR B O   1 
ATOM   893  C CB  . THR B 2 9   ? 14.530  3.002   4.929   1.00 37.06 ? 803  THR B CB  1 
ATOM   894  O OG1 . THR B 2 9   ? 14.652  1.564   4.849   1.00 36.85 ? 803  THR B OG1 1 
ATOM   895  C CG2 . THR B 2 9   ? 15.216  3.399   6.253   1.00 37.29 ? 803  THR B CG2 1 
ATOM   896  N N   . LYS B 2 10  ? 13.044  5.665   4.020   1.00 37.85 ? 804  LYS B N   1 
ATOM   897  C CA  . LYS B 2 10  ? 12.847  7.121   4.027   1.00 39.08 ? 804  LYS B CA  1 
ATOM   898  C C   . LYS B 2 10  ? 11.404  7.527   4.365   1.00 39.68 ? 804  LYS B C   1 
ATOM   899  O O   . LYS B 2 10  ? 11.172  8.400   5.196   1.00 38.93 ? 804  LYS B O   1 
ATOM   900  C CB  . LYS B 2 10  ? 13.205  7.680   2.654   1.00 39.54 ? 804  LYS B CB  1 
ATOM   901  C CG  . LYS B 2 10  ? 13.299  9.188   2.586   1.00 41.77 ? 804  LYS B CG  1 
ATOM   902  N N   . LEU B 2 11  ? 10.428  6.881   3.719   1.00 40.24 ? 805  LEU B N   1 
ATOM   903  C CA  . LEU B 2 11  ? 9.022   7.224   3.926   1.00 40.80 ? 805  LEU B CA  1 
ATOM   904  C C   . LEU B 2 11  ? 8.606   6.947   5.356   1.00 41.56 ? 805  LEU B C   1 
ATOM   905  O O   . LEU B 2 11  ? 7.851   7.715   5.954   1.00 41.80 ? 805  LEU B O   1 
ATOM   906  C CB  . LEU B 2 11  ? 8.119   6.453   2.957   1.00 40.49 ? 805  LEU B CB  1 
ATOM   907  C CG  . LEU B 2 11  ? 8.289   6.893   1.497   1.00 41.02 ? 805  LEU B CG  1 
ATOM   908  C CD1 . LEU B 2 11  ? 7.796   5.827   0.544   1.00 39.51 ? 805  LEU B CD1 1 
ATOM   909  C CD2 . LEU B 2 11  ? 7.561   8.225   1.261   1.00 41.30 ? 805  LEU B CD2 1 
ATOM   910  N N   . LEU B 2 12  ? 9.130   5.867   5.908   1.00 42.97 ? 806  LEU B N   1 
ATOM   911  C CA  . LEU B 2 12  ? 8.742   5.401   7.230   1.00 44.95 ? 806  LEU B CA  1 
ATOM   912  C C   . LEU B 2 12  ? 9.366   6.189   8.374   1.00 46.82 ? 806  LEU B C   1 
ATOM   913  O O   . LEU B 2 12  ? 8.923   6.027   9.495   1.00 47.26 ? 806  LEU B O   1 
ATOM   914  C CB  . LEU B 2 12  ? 9.116   3.927   7.401   1.00 45.02 ? 806  LEU B CB  1 
ATOM   915  C CG  . LEU B 2 12  ? 8.212   2.931   6.686   1.00 45.01 ? 806  LEU B CG  1 
ATOM   916  C CD1 . LEU B 2 12  ? 8.746   1.544   6.882   1.00 45.01 ? 806  LEU B CD1 1 
ATOM   917  C CD2 . LEU B 2 12  ? 6.784   3.054   7.179   1.00 45.17 ? 806  LEU B CD2 1 
ATOM   918  N N   . LEU B 2 13  ? 10.389  7.007   8.100   1.00 48.74 ? 807  LEU B N   1 
ATOM   919  C CA  . LEU B 2 13  ? 11.028  7.863   9.120   1.00 50.60 ? 807  LEU B CA  1 
ATOM   920  C C   . LEU B 2 13  ? 10.575  9.337   9.013   1.00 51.89 ? 807  LEU B C   1 
ATOM   921  O O   . LEU B 2 13  ? 10.236  9.975   10.012  1.00 52.67 ? 807  LEU B O   1 
ATOM   922  C CB  . LEU B 2 13  ? 12.560  7.761   9.013   1.00 50.38 ? 807  LEU B CB  1 
ATOM   923  N N   . GLU B 2 14  ? 10.562  9.857   7.790   1.00 53.33 ? 808  GLU B N   1 
ATOM   924  C CA  . GLU B 2 14  ? 10.053  11.198  7.484   1.00 54.18 ? 808  GLU B CA  1 
ATOM   925  C C   . GLU B 2 14  ? 8.779   11.559  8.259   1.00 54.68 ? 808  GLU B C   1 
ATOM   926  O O   . GLU B 2 14  ? 7.665   11.289  7.810   1.00 55.40 ? 808  GLU B O   1 
ATOM   927  C CB  . GLU B 2 14  ? 9.792   11.327  5.979   1.00 54.26 ? 808  GLU B CB  1 
ATOM   928  C CG  . GLU B 2 14  ? 11.014  11.730  5.171   0.50 54.17 ? 808  GLU B CG  1 
ATOM   929  C CD  . GLU B 2 14  ? 10.712  11.860  3.692   0.50 54.09 ? 808  GLU B CD  1 
ATOM   930  O OE1 . GLU B 2 14  ? 11.549  12.449  2.968   0.50 54.48 ? 808  GLU B OE1 1 
ATOM   931  O OE2 . GLU B 2 14  ? 9.640   11.371  3.257   0.50 52.68 ? 808  GLU B OE2 1 
HETATM 932  I I   . IOD C 3 .   ? -0.237  9.669   3.888   0.70 31.74 ? 1368 IOD A I   1 
HETATM 933  I I   . IOD D 3 .   ? -3.170  -2.448  -16.147 0.40 35.96 ? 1369 IOD A I   1 
HETATM 934  I I   . IOD E 3 .   ? -3.278  5.720   9.383   0.20 36.32 ? 1370 IOD A I   1 
HETATM 935  I I   . IOD F 3 .   ? 3.778   -5.236  -13.176 0.50 32.43 ? 1371 IOD A I   1 
HETATM 936  I I   . IOD G 3 .   ? 7.294   7.742   12.712  0.20 31.11 ? 1372 IOD A I   1 
HETATM 937  O O   . HOH H 4 .   ? 1.812   14.943  -5.013  1.00 53.04 ? 2001 HOH A O   1 
HETATM 938  O O   . HOH H 4 .   ? -8.899  6.938   2.339   1.00 60.66 ? 2002 HOH A O   1 
HETATM 939  O O   . HOH H 4 .   ? -7.701  -10.337 14.187  1.00 61.78 ? 2003 HOH A O   1 
HETATM 940  O O   . HOH H 4 .   ? 6.267   -15.401 -17.331 1.00 50.28 ? 2004 HOH A O   1 
HETATM 941  O O   . HOH H 4 .   ? 4.712   -0.765  -14.810 1.00 77.51 ? 2005 HOH A O   1 
HETATM 942  O O   . HOH H 4 .   ? 0.386   -3.956  13.391  1.00 41.22 ? 2006 HOH A O   1 
HETATM 943  O O   . HOH H 4 .   ? -6.185  -6.850  11.686  1.00 57.06 ? 2007 HOH A O   1 
HETATM 944  O O   . HOH H 4 .   ? -6.796  -2.441  15.260  1.00 47.38 ? 2008 HOH A O   1 
HETATM 945  O O   . HOH H 4 .   ? -1.523  3.284   9.784   0.50 34.96 ? 2009 HOH A O   1 
HETATM 946  O O   . HOH H 4 .   ? -5.143  4.010   8.002   1.00 34.85 ? 2010 HOH A O   1 
HETATM 947  O O   . HOH H 4 .   ? -2.838  3.277   -6.364  1.00 56.31 ? 2011 HOH A O   1 
HETATM 948  O O   . HOH H 4 .   ? -1.601  5.913   -2.650  1.00 31.42 ? 2012 HOH A O   1 
HETATM 949  O O   . HOH H 4 .   ? 7.615   11.468  -9.199  1.00 51.49 ? 2013 HOH A O   1 
HETATM 950  O O   . HOH H 4 .   ? 6.770   5.829   -10.815 1.00 66.10 ? 2014 HOH A O   1 
HETATM 951  O O   . HOH H 4 .   ? 4.117   6.538   -14.471 1.00 55.84 ? 2015 HOH A O   1 
HETATM 952  O O   . HOH H 4 .   ? 5.579   3.317   -6.499  1.00 36.96 ? 2016 HOH A O   1 
HETATM 953  O O   . HOH H 4 .   ? 9.270   6.906   -2.958  1.00 40.04 ? 2017 HOH A O   1 
HETATM 954  O O   . HOH H 4 .   ? 7.071   4.421   -4.663  1.00 29.23 ? 2018 HOH A O   1 
HETATM 955  O O   . HOH H 4 .   ? 5.436   7.007   7.854   1.00 53.61 ? 2019 HOH A O   1 
HETATM 956  O O   . HOH H 4 .   ? 3.404   10.303  7.141   1.00 63.20 ? 2020 HOH A O   1 
HETATM 957  O O   . HOH H 4 .   ? -0.758  6.524   16.265  1.00 43.55 ? 2021 HOH A O   1 
HETATM 958  O O   . HOH H 4 .   ? -5.318  6.222   13.885  1.00 52.91 ? 2022 HOH A O   1 
HETATM 959  O O   . HOH H 4 .   ? 0.476   -2.599  15.621  1.00 37.87 ? 2023 HOH A O   1 
HETATM 960  O O   . HOH H 4 .   ? 3.132   7.927   10.238  1.00 43.67 ? 2024 HOH A O   1 
HETATM 961  O O   . HOH H 4 .   ? -0.125  0.721   20.506  1.00 45.39 ? 2025 HOH A O   1 
HETATM 962  O O   . HOH H 4 .   ? 6.397   6.957   12.676  0.50 34.57 ? 2026 HOH A O   1 
HETATM 963  O O   . HOH H 4 .   ? 0.291   -9.681  16.776  1.00 51.09 ? 2027 HOH A O   1 
HETATM 964  O O   . HOH H 4 .   ? 2.002   -5.898  13.356  1.00 40.58 ? 2028 HOH A O   1 
HETATM 965  O O   . HOH H 4 .   ? 2.704   -8.761  16.363  1.00 41.80 ? 2029 HOH A O   1 
HETATM 966  O O   . HOH H 4 .   ? 6.520   -9.190  16.173  1.00 42.14 ? 2030 HOH A O   1 
HETATM 967  O O   . HOH H 4 .   ? 4.902   -9.641  14.023  1.00 53.15 ? 2031 HOH A O   1 
HETATM 968  O O   . HOH H 4 .   ? 8.635   -7.204  15.923  1.00 22.15 ? 2032 HOH A O   1 
HETATM 969  O O   . HOH H 4 .   ? 10.528  -6.688  6.849   1.00 43.13 ? 2033 HOH A O   1 
HETATM 970  O O   . HOH H 4 .   ? 6.763   -8.896  11.821  1.00 40.64 ? 2034 HOH A O   1 
HETATM 971  O O   . HOH H 4 .   ? 11.635  -3.356  1.696   1.00 53.73 ? 2035 HOH A O   1 
HETATM 972  O O   . HOH H 4 .   ? 9.464   -6.421  1.806   1.00 64.09 ? 2036 HOH A O   1 
HETATM 973  O O   . HOH H 4 .   ? 13.787  -3.319  7.844   1.00 66.89 ? 2037 HOH A O   1 
HETATM 974  O O   . HOH H 4 .   ? 11.440  -4.550  8.412   1.00 42.67 ? 2038 HOH A O   1 
HETATM 975  O O   . HOH H 4 .   ? 10.564  -12.815 5.119   1.00 49.40 ? 2039 HOH A O   1 
HETATM 976  O O   . HOH H 4 .   ? 5.375   -9.461  0.734   1.00 41.36 ? 2040 HOH A O   1 
HETATM 977  O O   . HOH H 4 .   ? 1.320   -10.365 -4.554  1.00 42.36 ? 2041 HOH A O   1 
HETATM 978  O O   . HOH H 4 .   ? 6.887   -6.983  -5.074  1.00 39.25 ? 2042 HOH A O   1 
HETATM 979  O O   . HOH H 4 .   ? -0.002  -7.550  -6.761  1.00 27.64 ? 2043 HOH A O   1 
HETATM 980  O O   . HOH H 4 .   ? 9.407   -8.179  -7.332  1.00 33.07 ? 2044 HOH A O   1 
HETATM 981  O O   . HOH H 4 .   ? 1.806   -11.771 -6.781  1.00 45.82 ? 2045 HOH A O   1 
HETATM 982  O O   . HOH H 4 .   ? -2.084  -12.350 -4.383  1.00 49.04 ? 2046 HOH A O   1 
HETATM 983  O O   . HOH H 4 .   ? 3.992   -14.198 -12.366 1.00 43.20 ? 2047 HOH A O   1 
HETATM 984  O O   . HOH H 4 .   ? -2.003  -15.159 -14.718 1.00 75.05 ? 2048 HOH A O   1 
HETATM 985  O O   . HOH H 4 .   ? 3.866   -6.471  -13.260 0.50 19.77 ? 2049 HOH A O   1 
HETATM 986  O O   . HOH H 4 .   ? 4.083   -3.141  -9.781  1.00 38.63 ? 2050 HOH A O   1 
HETATM 987  O O   . HOH H 4 .   ? -5.106  -12.071 -5.201  1.00 51.45 ? 2051 HOH A O   1 
HETATM 988  O O   . HOH H 4 .   ? -5.794  -11.360 -9.770  1.00 57.45 ? 2052 HOH A O   1 
HETATM 989  O O   . HOH H 4 .   ? -0.605  1.973   -7.305  1.00 29.97 ? 2053 HOH A O   1 
HETATM 990  O O   . HOH H 4 .   ? -8.225  -7.827  -11.947 1.00 39.92 ? 2054 HOH A O   1 
HETATM 991  O O   . HOH H 4 .   ? -6.249  -1.340  -14.504 1.00 48.10 ? 2055 HOH A O   1 
HETATM 992  O O   . HOH H 4 .   ? -7.736  -1.769  -11.525 1.00 70.30 ? 2056 HOH A O   1 
HETATM 993  O O   . HOH H 4 .   ? -5.591  -9.858  -11.942 1.00 46.47 ? 2057 HOH A O   1 
HETATM 994  O O   . HOH H 4 .   ? -14.144 -0.016  -13.613 1.00 45.80 ? 2058 HOH A O   1 
HETATM 995  O O   . HOH H 4 .   ? -7.797  0.613   -15.723 1.00 50.15 ? 2059 HOH A O   1 
HETATM 996  O O   . HOH H 4 .   ? -6.569  2.513   -17.761 1.00 62.94 ? 2060 HOH A O   1 
HETATM 997  O O   . HOH H 4 .   ? -14.995 8.351   -10.046 1.00 30.38 ? 2061 HOH A O   1 
HETATM 998  O O   . HOH H 4 .   ? -13.709 6.308   -18.314 1.00 72.10 ? 2062 HOH A O   1 
HETATM 999  O O   . HOH H 4 .   ? -16.415 7.180   -6.529  1.00 52.78 ? 2063 HOH A O   1 
HETATM 1000 O O   . HOH H 4 .   ? -11.704 3.984   -3.261  1.00 46.35 ? 2064 HOH A O   1 
HETATM 1001 O O   . HOH H 4 .   ? -13.611 2.258   -6.124  1.00 35.15 ? 2065 HOH A O   1 
HETATM 1002 O O   . HOH H 4 .   ? -14.570 9.222   -7.552  1.00 53.27 ? 2066 HOH A O   1 
HETATM 1003 O O   . HOH H 4 .   ? -13.721 5.930   -3.081  1.00 67.38 ? 2067 HOH A O   1 
HETATM 1004 O O   . HOH H 4 .   ? -12.948 2.760   -11.121 1.00 27.02 ? 2068 HOH A O   1 
HETATM 1005 O O   . HOH H 4 .   ? -13.473 -0.012  -7.309  1.00 30.95 ? 2069 HOH A O   1 
HETATM 1006 O O   . HOH H 4 .   ? -8.200  -9.007  2.766   1.00 43.70 ? 2070 HOH A O   1 
HETATM 1007 O O   . HOH H 4 .   ? -1.261  -21.348 1.736   1.00 70.51 ? 2071 HOH A O   1 
HETATM 1008 O O   . HOH H 4 .   ? -6.190  -17.914 2.008   1.00 60.41 ? 2072 HOH A O   1 
HETATM 1009 O O   . HOH H 4 .   ? 8.445   -13.813 5.250   1.00 52.10 ? 2073 HOH A O   1 
HETATM 1010 O O   . HOH H 4 .   ? 7.820   -13.035 2.990   1.00 44.50 ? 2074 HOH A O   1 
HETATM 1011 O O   . HOH H 4 .   ? 13.562  -8.385  7.452   1.00 47.52 ? 2075 HOH A O   1 
HETATM 1012 O O   . HOH H 4 .   ? 3.883   -12.271 14.477  1.00 50.61 ? 2076 HOH A O   1 
HETATM 1013 O O   . HOH H 4 .   ? -0.375  -17.949 9.798   1.00 43.95 ? 2077 HOH A O   1 
HETATM 1014 O O   . HOH H 4 .   ? -8.506  -6.516  3.849   1.00 34.02 ? 2078 HOH A O   1 
HETATM 1015 O O   . HOH H 4 .   ? -10.356 15.920  -4.082  1.00 52.63 ? 2079 HOH A O   1 
HETATM 1016 O O   . HOH H 4 .   ? -3.973  14.458  -13.078 1.00 35.65 ? 2080 HOH A O   1 
HETATM 1017 O O   . HOH H 4 .   ? -6.877  24.571  -5.626  1.00 65.37 ? 2081 HOH A O   1 
HETATM 1018 O O   . HOH H 4 .   ? -7.696  17.080  -1.273  1.00 57.58 ? 2082 HOH A O   1 
HETATM 1019 O O   . HOH H 4 .   ? 1.170   14.358  -8.406  1.00 46.39 ? 2083 HOH A O   1 
HETATM 1020 O O   . HOH H 4 .   ? -8.931  6.160   -0.254  1.00 29.85 ? 2084 HOH A O   1 
HETATM 1021 O O   . HOH H 4 .   ? -0.147  -2.137  0.254   1.00 34.32 ? 2085 HOH A O   1 
HETATM 1022 O O   . HOH H 4 .   ? -1.794  -0.264  23.470  1.00 56.06 ? 2086 HOH A O   1 
HETATM 1023 O O   . HOH H 4 .   ? 6.122   9.136   15.240  1.00 40.10 ? 2087 HOH A O   1 
HETATM 1024 O O   . HOH H 4 .   ? -11.713 -8.988  6.283   1.00 64.46 ? 2088 HOH A O   1 
HETATM 1025 O O   . HOH H 4 .   ? 8.918   -7.725  12.896  1.00 31.84 ? 2089 HOH A O   1 
HETATM 1026 O O   . HOH H 4 .   ? -2.320  -12.779 13.414  1.00 53.70 ? 2090 HOH A O   1 
HETATM 1027 O O   . HOH H 4 .   ? -8.263  -9.378  11.857  1.00 56.63 ? 2091 HOH A O   1 
HETATM 1028 O O   . HOH H 4 .   ? -3.042  -14.338 10.876  1.00 66.29 ? 2092 HOH A O   1 
HETATM 1029 O O   . HOH H 4 .   ? 11.004  -6.851  3.996   1.00 56.67 ? 2093 HOH A O   1 
HETATM 1030 O O   . HOH H 4 .   ? -5.021  -14.985 7.188   1.00 69.11 ? 2094 HOH A O   1 
HETATM 1031 O O   . HOH H 4 .   ? 6.721   -9.765  -1.863  1.00 51.43 ? 2095 HOH A O   1 
HETATM 1032 O O   . HOH H 4 .   ? 4.383   -15.677 -15.486 1.00 37.67 ? 2096 HOH A O   1 
HETATM 1033 O O   . HOH H 4 .   ? 5.675   -2.008  -11.636 1.00 42.27 ? 2097 HOH A O   1 
HETATM 1034 O O   . HOH I 4 .   ? 18.477  3.261   4.843   1.00 64.93 ? 2001 HOH B O   1 
HETATM 1035 O O   . HOH I 4 .   ? 16.352  7.639   5.388   1.00 52.60 ? 2002 HOH B O   1 
HETATM 1036 O O   . HOH I 4 .   ? 17.519  5.529   4.424   1.00 69.28 ? 2003 HOH B O   1 
HETATM 1037 O O   . HOH I 4 .   ? 17.908  6.115   6.913   1.00 54.79 ? 2004 HOH B O   1 
HETATM 1038 O O   . HOH I 4 .   ? 7.735   5.193   -8.478  1.00 47.62 ? 2005 HOH B O   1 
HETATM 1039 O O   . HOH I 4 .   ? 3.670   2.482   -10.518 1.00 58.01 ? 2006 HOH B O   1 
HETATM 1040 O O   . HOH I 4 .   ? 11.721  -0.732  -7.882  1.00 54.60 ? 2007 HOH B O   1 
HETATM 1041 O O   . HOH I 4 .   ? 17.438  1.087   3.873   1.00 40.20 ? 2008 HOH B O   1 
HETATM 1042 O O   . HOH I 4 .   ? 14.630  -2.841  -2.827  1.00 36.58 ? 2009 HOH B O   1 
HETATM 1043 O O   . HOH I 4 .   ? 16.261  6.451   2.326   1.00 65.78 ? 2010 HOH B O   1 
HETATM 1044 O O   . HOH I 4 .   ? 13.987  4.339   -6.182  1.00 69.67 ? 2011 HOH B O   1 
HETATM 1045 O O   . HOH I 4 .   ? 11.168  7.583   -0.338  1.00 54.09 ? 2012 HOH B O   1 
HETATM 1046 O O   . HOH I 4 .   ? 15.603  4.378   -3.950  1.00 53.72 ? 2013 HOH B O   1 
HETATM 1047 O O   . HOH I 4 .   ? 11.446  3.211   -6.685  1.00 45.38 ? 2014 HOH B O   1 
HETATM 1048 O O   . HOH I 4 .   ? 12.393  3.411   8.204   1.00 71.15 ? 2015 HOH B O   1 
HETATM 1049 O O   . HOH I 4 .   ? 5.940   9.509   4.748   1.00 36.08 ? 2016 HOH B O   1 
HETATM 1050 O O   . HOH I 4 .   ? 13.262  11.682  0.981   1.00 72.51 ? 2017 HOH B O   1 
HETATM 1051 O O   . HOH I 4 .   ? 7.535   8.724   8.550   1.00 90.82 ? 2018 HOH B O   1 
HETATM 1052 O O   . HOH I 4 .   ? 6.890   11.374  3.316   1.00 55.60 ? 2019 HOH B O   1 
# 
